data_6DNK
# 
_entry.id   6DNK 
# 
_audit_conform.dict_name       mmcif_pdbx.dic 
_audit_conform.dict_version    5.379 
_audit_conform.dict_location   http://mmcif.pdb.org/dictionaries/ascii/mmcif_pdbx.dic 
# 
loop_
_database_2.database_id 
_database_2.database_code 
_database_2.pdbx_database_accession 
_database_2.pdbx_DOI 
PDB   6DNK         pdb_00006dnk 10.2210/pdb6dnk/pdb 
WWPDB D_1000234993 ?            ?                   
# 
_pdbx_database_status.status_code                     REL 
_pdbx_database_status.status_code_sf                  REL 
_pdbx_database_status.status_code_mr                  ? 
_pdbx_database_status.entry_id                        6DNK 
_pdbx_database_status.recvd_initial_deposition_date   2018-06-06 
_pdbx_database_status.SG_entry                        N 
_pdbx_database_status.deposit_site                    RCSB 
_pdbx_database_status.process_site                    RCSB 
_pdbx_database_status.status_code_cs                  ? 
_pdbx_database_status.methods_development_category    ? 
_pdbx_database_status.pdb_format_compatible           Y 
_pdbx_database_status.status_code_nmr_data            ? 
# 
loop_
_audit_author.name 
_audit_author.pdbx_ordinal 
_audit_author.identifier_ORCID 
'Fernandez, D.' 1 ? 
'Li, L.'        2 ? 
'Ergun, S.L.'   3 ? 
# 
loop_
_citation.abstract 
_citation.abstract_id_CAS 
_citation.book_id_ISBN 
_citation.book_publisher 
_citation.book_publisher_city 
_citation.book_title 
_citation.coordinate_linkage 
_citation.country 
_citation.database_id_Medline 
_citation.details 
_citation.id 
_citation.journal_abbrev 
_citation.journal_id_ASTM 
_citation.journal_id_CSD 
_citation.journal_id_ISSN 
_citation.journal_full 
_citation.journal_issue 
_citation.journal_volume 
_citation.language 
_citation.page_first 
_citation.page_last 
_citation.title 
_citation.year 
_citation.database_id_CSD 
_citation.pdbx_database_id_DOI 
_citation.pdbx_database_id_PubMed 
_citation.unpublished_flag 
? ? ? ? ? ? ? ?  ? ? primary Cell    ? ? 1097-4172 ? ? 178 ? 290 301.e10 
'STING Polymer Structure Reveals Mechanisms for Activation, Hyperactivation, and Inhibition.' 2019 ? 10.1016/j.cell.2019.05.036 
31230712 ? 
? ? ? ? ? ? ? US ? ? 1       Biorxiv ? ? 2692-8205 ? ? ?   ? ?   ?       
'STING polymer structure reveals mechanisms for activation, hyperactivation, and inhibition'  2019 ? 10.1101/552166             ? 
? 
# 
loop_
_citation_author.citation_id 
_citation_author.name 
_citation_author.ordinal 
_citation_author.identifier_ORCID 
primary 'Ergun, S.L.'   1 ? 
primary 'Fernandez, D.' 2 ? 
primary 'Weiss, T.M.'   3 ? 
primary 'Li, L.'        4 ? 
1       'Ergun, S.L.'   5 ? 
1       'Fernandez, D.' 6 ? 
1       'Weiss, T.M.'   7 ? 
1       'Li, L.'        8 ? 
# 
_cell.entry_id           6DNK 
_cell.length_a           110.414 
_cell.length_b           110.414 
_cell.length_c           35.863 
_cell.angle_alpha        90.00 
_cell.angle_beta         90.00 
_cell.angle_gamma        90.00 
_cell.Z_PDB              8 
_cell.pdbx_unique_axis   ? 
# 
_symmetry.entry_id                         6DNK 
_symmetry.space_group_name_H-M             'P 41 21 2' 
_symmetry.pdbx_full_space_group_name_H-M   ? 
_symmetry.cell_setting                     ? 
_symmetry.Int_Tables_number                92 
# 
loop_
_entity.id 
_entity.type 
_entity.src_method 
_entity.pdbx_description 
_entity.formula_weight 
_entity.pdbx_number_of_molecules 
_entity.pdbx_ec 
_entity.pdbx_mutation 
_entity.pdbx_fragment 
_entity.details 
1 polymer     man 'Stimulator of interferon genes protein' 21097.717 1  ? ? ? ? 
2 non-polymer syn cGAMP                                    674.411   1  ? ? ? ? 
3 water       nat water                                    18.015    67 ? ? ? ? 
# 
_entity_name_com.entity_id   1 
_entity_name_com.name        
'hSTING,Endoplasmic reticulum interferon stimulator,ERIS,Mediator of IRF3 activation,hMITA,Transmembrane protein 173' 
# 
_entity_poly.entity_id                      1 
_entity_poly.type                           'polypeptide(L)' 
_entity_poly.nstd_linkage                   no 
_entity_poly.nstd_monomer                   no 
_entity_poly.pdbx_seq_one_letter_code       
;NVAHGLAWSYYIGYLRLILPELQARIRTYNQHYNNLLRGAVSQRLYILLPLDCGVPDNLSMADPNIRFLDKLPQQTADRA
GIKDRVYSNSIYELLENGQRAGTCVLEYATPLQTLFAMSQYSQAGFSREDRLEQAKLFCRTLEDILADAPESQNNCRLIA
YQEPADDSSFSLSQEVLRHLRQEE
;
_entity_poly.pdbx_seq_one_letter_code_can   
;NVAHGLAWSYYIGYLRLILPELQARIRTYNQHYNNLLRGAVSQRLYILLPLDCGVPDNLSMADPNIRFLDKLPQQTADRA
GIKDRVYSNSIYELLENGQRAGTCVLEYATPLQTLFAMSQYSQAGFSREDRLEQAKLFCRTLEDILADAPESQNNCRLIA
YQEPADDSSFSLSQEVLRHLRQEE
;
_entity_poly.pdbx_strand_id                 A 
_entity_poly.pdbx_target_identifier         ? 
# 
loop_
_entity_poly_seq.entity_id 
_entity_poly_seq.num 
_entity_poly_seq.mon_id 
_entity_poly_seq.hetero 
1 1   ASN n 
1 2   VAL n 
1 3   ALA n 
1 4   HIS n 
1 5   GLY n 
1 6   LEU n 
1 7   ALA n 
1 8   TRP n 
1 9   SER n 
1 10  TYR n 
1 11  TYR n 
1 12  ILE n 
1 13  GLY n 
1 14  TYR n 
1 15  LEU n 
1 16  ARG n 
1 17  LEU n 
1 18  ILE n 
1 19  LEU n 
1 20  PRO n 
1 21  GLU n 
1 22  LEU n 
1 23  GLN n 
1 24  ALA n 
1 25  ARG n 
1 26  ILE n 
1 27  ARG n 
1 28  THR n 
1 29  TYR n 
1 30  ASN n 
1 31  GLN n 
1 32  HIS n 
1 33  TYR n 
1 34  ASN n 
1 35  ASN n 
1 36  LEU n 
1 37  LEU n 
1 38  ARG n 
1 39  GLY n 
1 40  ALA n 
1 41  VAL n 
1 42  SER n 
1 43  GLN n 
1 44  ARG n 
1 45  LEU n 
1 46  TYR n 
1 47  ILE n 
1 48  LEU n 
1 49  LEU n 
1 50  PRO n 
1 51  LEU n 
1 52  ASP n 
1 53  CYS n 
1 54  GLY n 
1 55  VAL n 
1 56  PRO n 
1 57  ASP n 
1 58  ASN n 
1 59  LEU n 
1 60  SER n 
1 61  MET n 
1 62  ALA n 
1 63  ASP n 
1 64  PRO n 
1 65  ASN n 
1 66  ILE n 
1 67  ARG n 
1 68  PHE n 
1 69  LEU n 
1 70  ASP n 
1 71  LYS n 
1 72  LEU n 
1 73  PRO n 
1 74  GLN n 
1 75  GLN n 
1 76  THR n 
1 77  ALA n 
1 78  ASP n 
1 79  ARG n 
1 80  ALA n 
1 81  GLY n 
1 82  ILE n 
1 83  LYS n 
1 84  ASP n 
1 85  ARG n 
1 86  VAL n 
1 87  TYR n 
1 88  SER n 
1 89  ASN n 
1 90  SER n 
1 91  ILE n 
1 92  TYR n 
1 93  GLU n 
1 94  LEU n 
1 95  LEU n 
1 96  GLU n 
1 97  ASN n 
1 98  GLY n 
1 99  GLN n 
1 100 ARG n 
1 101 ALA n 
1 102 GLY n 
1 103 THR n 
1 104 CYS n 
1 105 VAL n 
1 106 LEU n 
1 107 GLU n 
1 108 TYR n 
1 109 ALA n 
1 110 THR n 
1 111 PRO n 
1 112 LEU n 
1 113 GLN n 
1 114 THR n 
1 115 LEU n 
1 116 PHE n 
1 117 ALA n 
1 118 MET n 
1 119 SER n 
1 120 GLN n 
1 121 TYR n 
1 122 SER n 
1 123 GLN n 
1 124 ALA n 
1 125 GLY n 
1 126 PHE n 
1 127 SER n 
1 128 ARG n 
1 129 GLU n 
1 130 ASP n 
1 131 ARG n 
1 132 LEU n 
1 133 GLU n 
1 134 GLN n 
1 135 ALA n 
1 136 LYS n 
1 137 LEU n 
1 138 PHE n 
1 139 CYS n 
1 140 ARG n 
1 141 THR n 
1 142 LEU n 
1 143 GLU n 
1 144 ASP n 
1 145 ILE n 
1 146 LEU n 
1 147 ALA n 
1 148 ASP n 
1 149 ALA n 
1 150 PRO n 
1 151 GLU n 
1 152 SER n 
1 153 GLN n 
1 154 ASN n 
1 155 ASN n 
1 156 CYS n 
1 157 ARG n 
1 158 LEU n 
1 159 ILE n 
1 160 ALA n 
1 161 TYR n 
1 162 GLN n 
1 163 GLU n 
1 164 PRO n 
1 165 ALA n 
1 166 ASP n 
1 167 ASP n 
1 168 SER n 
1 169 SER n 
1 170 PHE n 
1 171 SER n 
1 172 LEU n 
1 173 SER n 
1 174 GLN n 
1 175 GLU n 
1 176 VAL n 
1 177 LEU n 
1 178 ARG n 
1 179 HIS n 
1 180 LEU n 
1 181 ARG n 
1 182 GLN n 
1 183 GLU n 
1 184 GLU n 
# 
_entity_src_gen.entity_id                          1 
_entity_src_gen.pdbx_src_id                        1 
_entity_src_gen.pdbx_alt_source_flag               sample 
_entity_src_gen.pdbx_seq_type                      'Biological sequence' 
_entity_src_gen.pdbx_beg_seq_num                   1 
_entity_src_gen.pdbx_end_seq_num                   184 
_entity_src_gen.gene_src_common_name               Human 
_entity_src_gen.gene_src_genus                     ? 
_entity_src_gen.pdbx_gene_src_gene                 'TMEM173, ERIS, MITA, STING' 
_entity_src_gen.gene_src_species                   ? 
_entity_src_gen.gene_src_strain                    ? 
_entity_src_gen.gene_src_tissue                    ? 
_entity_src_gen.gene_src_tissue_fraction           ? 
_entity_src_gen.gene_src_details                   ? 
_entity_src_gen.pdbx_gene_src_fragment             ? 
_entity_src_gen.pdbx_gene_src_scientific_name      'Homo sapiens' 
_entity_src_gen.pdbx_gene_src_ncbi_taxonomy_id     9606 
_entity_src_gen.pdbx_gene_src_variant              ? 
_entity_src_gen.pdbx_gene_src_cell_line            ? 
_entity_src_gen.pdbx_gene_src_atcc                 ? 
_entity_src_gen.pdbx_gene_src_organ                ? 
_entity_src_gen.pdbx_gene_src_organelle            ? 
_entity_src_gen.pdbx_gene_src_cell                 ? 
_entity_src_gen.pdbx_gene_src_cellular_location    ? 
_entity_src_gen.host_org_common_name               ? 
_entity_src_gen.pdbx_host_org_scientific_name      'Escherichia coli' 
_entity_src_gen.pdbx_host_org_ncbi_taxonomy_id     562 
_entity_src_gen.host_org_genus                     ? 
_entity_src_gen.pdbx_host_org_gene                 ? 
_entity_src_gen.pdbx_host_org_organ                ? 
_entity_src_gen.host_org_species                   ? 
_entity_src_gen.pdbx_host_org_tissue               ? 
_entity_src_gen.pdbx_host_org_tissue_fraction      ? 
_entity_src_gen.pdbx_host_org_strain               ? 
_entity_src_gen.pdbx_host_org_variant              ? 
_entity_src_gen.pdbx_host_org_cell_line            ? 
_entity_src_gen.pdbx_host_org_atcc                 ? 
_entity_src_gen.pdbx_host_org_culture_collection   ? 
_entity_src_gen.pdbx_host_org_cell                 ? 
_entity_src_gen.pdbx_host_org_organelle            ? 
_entity_src_gen.pdbx_host_org_cellular_location    ? 
_entity_src_gen.pdbx_host_org_vector_type          ? 
_entity_src_gen.pdbx_host_org_vector               ? 
_entity_src_gen.host_org_details                   ? 
_entity_src_gen.expression_system_id               ? 
_entity_src_gen.plasmid_name                       ? 
_entity_src_gen.plasmid_details                    ? 
_entity_src_gen.pdbx_description                   ? 
# 
_struct_ref.id                         1 
_struct_ref.db_name                    UNP 
_struct_ref.db_code                    STING_HUMAN 
_struct_ref.pdbx_db_accession          Q86WV6 
_struct_ref.pdbx_db_isoform            ? 
_struct_ref.entity_id                  1 
_struct_ref.pdbx_seq_one_letter_code   
;NVAHGLAWSYYIGYLRLILPELQARIRTYNQHYNNLLRGAVSQRLYILLPLDCGVPDNLSMADPNIRFLDKLPQQTGDHA
GIKDRVYSNSIYELLENGQRAGTCVLEYATPLQTLFAMSQYSQAGFSREDRLEQAKLFCRTLEDILADAPESQNNCRLIA
YQEPADDSSFSLSQEVLRHLRQEE
;
_struct_ref.pdbx_align_begin           154 
# 
_struct_ref_seq.align_id                      1 
_struct_ref_seq.ref_id                        1 
_struct_ref_seq.pdbx_PDB_id_code              6DNK 
_struct_ref_seq.pdbx_strand_id                A 
_struct_ref_seq.seq_align_beg                 1 
_struct_ref_seq.pdbx_seq_align_beg_ins_code   ? 
_struct_ref_seq.seq_align_end                 184 
_struct_ref_seq.pdbx_seq_align_end_ins_code   ? 
_struct_ref_seq.pdbx_db_accession             Q86WV6 
_struct_ref_seq.db_align_beg                  154 
_struct_ref_seq.pdbx_db_align_beg_ins_code    ? 
_struct_ref_seq.db_align_end                  337 
_struct_ref_seq.pdbx_db_align_end_ins_code    ? 
_struct_ref_seq.pdbx_auth_seq_align_beg       154 
_struct_ref_seq.pdbx_auth_seq_align_end       337 
# 
loop_
_struct_ref_seq_dif.align_id 
_struct_ref_seq_dif.pdbx_pdb_id_code 
_struct_ref_seq_dif.mon_id 
_struct_ref_seq_dif.pdbx_pdb_strand_id 
_struct_ref_seq_dif.seq_num 
_struct_ref_seq_dif.pdbx_pdb_ins_code 
_struct_ref_seq_dif.pdbx_seq_db_name 
_struct_ref_seq_dif.pdbx_seq_db_accession_code 
_struct_ref_seq_dif.db_mon_id 
_struct_ref_seq_dif.pdbx_seq_db_seq_num 
_struct_ref_seq_dif.details 
_struct_ref_seq_dif.pdbx_auth_seq_num 
_struct_ref_seq_dif.pdbx_ordinal 
1 6DNK ALA A 77 ? UNP Q86WV6 GLY 230 conflict 230 1 
1 6DNK ARG A 79 ? UNP Q86WV6 HIS 232 conflict 232 2 
# 
loop_
_chem_comp.id 
_chem_comp.type 
_chem_comp.mon_nstd_flag 
_chem_comp.name 
_chem_comp.pdbx_synonyms 
_chem_comp.formula 
_chem_comp.formula_weight 
1SY non-polymer         . cGAMP           
;2',3' cGAMP; c-GMP-AMP; c[G(2',5')pA(3',5')p]
;
'C20 H24 N10 O13 P2' 674.411 
ALA 'L-peptide linking' y ALANINE         ?                                               'C3 H7 N O2'         89.093  
ARG 'L-peptide linking' y ARGININE        ?                                               'C6 H15 N4 O2 1'     175.209 
ASN 'L-peptide linking' y ASPARAGINE      ?                                               'C4 H8 N2 O3'        132.118 
ASP 'L-peptide linking' y 'ASPARTIC ACID' ?                                               'C4 H7 N O4'         133.103 
CYS 'L-peptide linking' y CYSTEINE        ?                                               'C3 H7 N O2 S'       121.158 
GLN 'L-peptide linking' y GLUTAMINE       ?                                               'C5 H10 N2 O3'       146.144 
GLU 'L-peptide linking' y 'GLUTAMIC ACID' ?                                               'C5 H9 N O4'         147.129 
GLY 'peptide linking'   y GLYCINE         ?                                               'C2 H5 N O2'         75.067  
HIS 'L-peptide linking' y HISTIDINE       ?                                               'C6 H10 N3 O2 1'     156.162 
HOH non-polymer         . WATER           ?                                               'H2 O'               18.015  
ILE 'L-peptide linking' y ISOLEUCINE      ?                                               'C6 H13 N O2'        131.173 
LEU 'L-peptide linking' y LEUCINE         ?                                               'C6 H13 N O2'        131.173 
LYS 'L-peptide linking' y LYSINE          ?                                               'C6 H15 N2 O2 1'     147.195 
MET 'L-peptide linking' y METHIONINE      ?                                               'C5 H11 N O2 S'      149.211 
PHE 'L-peptide linking' y PHENYLALANINE   ?                                               'C9 H11 N O2'        165.189 
PRO 'L-peptide linking' y PROLINE         ?                                               'C5 H9 N O2'         115.130 
SER 'L-peptide linking' y SERINE          ?                                               'C3 H7 N O3'         105.093 
THR 'L-peptide linking' y THREONINE       ?                                               'C4 H9 N O3'         119.119 
TRP 'L-peptide linking' y TRYPTOPHAN      ?                                               'C11 H12 N2 O2'      204.225 
TYR 'L-peptide linking' y TYROSINE        ?                                               'C9 H11 N O3'        181.189 
VAL 'L-peptide linking' y VALINE          ?                                               'C5 H11 N O2'        117.146 
# 
_exptl.absorpt_coefficient_mu     ? 
_exptl.absorpt_correction_T_max   ? 
_exptl.absorpt_correction_T_min   ? 
_exptl.absorpt_correction_type    ? 
_exptl.absorpt_process_details    ? 
_exptl.entry_id                   6DNK 
_exptl.crystals_number            1 
_exptl.details                    ? 
_exptl.method                     'X-RAY DIFFRACTION' 
_exptl.method_details             ? 
# 
_exptl_crystal.colour                      ? 
_exptl_crystal.density_diffrn              ? 
_exptl_crystal.density_Matthews            2.70 
_exptl_crystal.density_method              ? 
_exptl_crystal.density_percent_sol         54.45 
_exptl_crystal.description                 Needle 
_exptl_crystal.F_000                       ? 
_exptl_crystal.id                          1 
_exptl_crystal.preparation                 ? 
_exptl_crystal.size_max                    ? 
_exptl_crystal.size_mid                    ? 
_exptl_crystal.size_min                    ? 
_exptl_crystal.size_rad                    ? 
_exptl_crystal.colour_lustre               ? 
_exptl_crystal.colour_modifier             ? 
_exptl_crystal.colour_primary              ? 
_exptl_crystal.density_meas                ? 
_exptl_crystal.density_meas_esd            ? 
_exptl_crystal.density_meas_gt             ? 
_exptl_crystal.density_meas_lt             ? 
_exptl_crystal.density_meas_temp           ? 
_exptl_crystal.density_meas_temp_esd       ? 
_exptl_crystal.density_meas_temp_gt        ? 
_exptl_crystal.density_meas_temp_lt        ? 
_exptl_crystal.pdbx_crystal_image_url      ? 
_exptl_crystal.pdbx_crystal_image_format   ? 
_exptl_crystal.pdbx_mosaicity              ? 
_exptl_crystal.pdbx_mosaicity_esd          ? 
# 
_exptl_crystal_grow.apparatus       ? 
_exptl_crystal_grow.atmosphere      ? 
_exptl_crystal_grow.crystal_id      1 
_exptl_crystal_grow.details         ? 
_exptl_crystal_grow.method          'VAPOR DIFFUSION, SITTING DROP' 
_exptl_crystal_grow.method_ref      ? 
_exptl_crystal_grow.pH              6.7 
_exptl_crystal_grow.pressure        ? 
_exptl_crystal_grow.pressure_esd    ? 
_exptl_crystal_grow.seeding         ? 
_exptl_crystal_grow.seeding_ref     ? 
_exptl_crystal_grow.temp            285 
_exptl_crystal_grow.temp_details    ? 
_exptl_crystal_grow.temp_esd        ? 
_exptl_crystal_grow.time            ? 
_exptl_crystal_grow.pdbx_details    'Sodium sulfate, PEG 3350' 
_exptl_crystal_grow.pdbx_pH_range   ? 
# 
_diffrn.ambient_environment    ? 
_diffrn.ambient_temp           100 
_diffrn.ambient_temp_details   ? 
_diffrn.ambient_temp_esd       ? 
_diffrn.crystal_id             1 
_diffrn.crystal_support        ? 
_diffrn.crystal_treatment      ? 
_diffrn.details                ? 
_diffrn.id                     1 
_diffrn.ambient_pressure       ? 
_diffrn.ambient_pressure_esd   ? 
_diffrn.ambient_pressure_gt    ? 
_diffrn.ambient_pressure_lt    ? 
_diffrn.ambient_temp_gt        ? 
_diffrn.ambient_temp_lt        ? 
# 
_diffrn_detector.details                      'Rh coated collimating mirrors, K-B focusing mirrors' 
_diffrn_detector.detector                     PIXEL 
_diffrn_detector.diffrn_id                    1 
_diffrn_detector.type                         'DECTRIS PILATUS 6M' 
_diffrn_detector.area_resol_mean              ? 
_diffrn_detector.dtime                        ? 
_diffrn_detector.pdbx_frames_total            ? 
_diffrn_detector.pdbx_collection_time_total   ? 
_diffrn_detector.pdbx_collection_date         2018-05-09 
# 
_diffrn_radiation.collimation                      ? 
_diffrn_radiation.diffrn_id                        1 
_diffrn_radiation.filter_edge                      ? 
_diffrn_radiation.inhomogeneity                    ? 
_diffrn_radiation.monochromator                    'Liquid nitrogen-cooled double crystal, non fixed exit slit' 
_diffrn_radiation.polarisn_norm                    ? 
_diffrn_radiation.polarisn_ratio                   ? 
_diffrn_radiation.probe                            ? 
_diffrn_radiation.type                             ? 
_diffrn_radiation.xray_symbol                      ? 
_diffrn_radiation.wavelength_id                    1 
_diffrn_radiation.pdbx_monochromatic_or_laue_m_l   M 
_diffrn_radiation.pdbx_wavelength_list             ? 
_diffrn_radiation.pdbx_wavelength                  ? 
_diffrn_radiation.pdbx_diffrn_protocol             'SINGLE WAVELENGTH' 
_diffrn_radiation.pdbx_analyzer                    ? 
_diffrn_radiation.pdbx_scattering_type             x-ray 
# 
_diffrn_radiation_wavelength.id           1 
_diffrn_radiation_wavelength.wavelength   0.97946 
_diffrn_radiation_wavelength.wt           1.0 
# 
_diffrn_source.current                     ? 
_diffrn_source.details                     ? 
_diffrn_source.diffrn_id                   1 
_diffrn_source.power                       ? 
_diffrn_source.size                        ? 
_diffrn_source.source                      SYNCHROTRON 
_diffrn_source.target                      ? 
_diffrn_source.type                        'SSRL BEAMLINE BL12-2' 
_diffrn_source.voltage                     ? 
_diffrn_source.take-off_angle              ? 
_diffrn_source.pdbx_wavelength_list        0.97946 
_diffrn_source.pdbx_wavelength             ? 
_diffrn_source.pdbx_synchrotron_beamline   BL12-2 
_diffrn_source.pdbx_synchrotron_site       SSRL 
# 
_reflns.pdbx_diffrn_id               1 
_reflns.pdbx_ordinal                 1 
_reflns.entry_id                     6DNK 
_reflns.observed_criterion_sigma_I   ? 
_reflns.observed_criterion_sigma_F   ? 
_reflns.d_resolution_low             39.040 
_reflns.d_resolution_high            1.950 
_reflns.number_obs                   16624 
_reflns.number_all                   ? 
_reflns.percent_possible_obs         99.4 
_reflns.pdbx_Rmerge_I_obs            0.07300 
_reflns.pdbx_Rsym_value              ? 
_reflns.pdbx_netI_over_sigmaI        11.1000 
_reflns.B_iso_Wilson_estimate        33.96 
_reflns.pdbx_redundancy              5.400 
# 
_reflns_shell.pdbx_diffrn_id         1 
_reflns_shell.pdbx_ordinal           1 
_reflns_shell.d_res_high             1.95 
_reflns_shell.d_res_low              2.06 
_reflns_shell.percent_possible_all   99.2 
_reflns_shell.Rmerge_I_obs           0.71800 
_reflns_shell.pdbx_Rsym_value        ? 
_reflns_shell.meanI_over_sigI_obs    2.100 
_reflns_shell.pdbx_redundancy        5.30 
# 
_refine.pdbx_refine_id                           'X-RAY DIFFRACTION' 
_refine.entry_id                                 6DNK 
_refine.pdbx_diffrn_id                           1 
_refine.pdbx_TLS_residual_ADP_flag               ? 
_refine.ls_number_reflns_obs                     15683 
_refine.ls_number_reflns_all                     ? 
_refine.pdbx_ls_sigma_I                          ? 
_refine.pdbx_ls_sigma_F                          ? 
_refine.pdbx_data_cutoff_high_absF               ? 
_refine.pdbx_data_cutoff_low_absF                ? 
_refine.pdbx_data_cutoff_high_rms_absF           ? 
_refine.ls_d_res_low                             20.07 
_refine.ls_d_res_high                            1.95 
_refine.ls_percent_reflns_obs                    98.8 
_refine.ls_R_factor_obs                          0.195 
_refine.ls_R_factor_all                          ? 
_refine.ls_R_factor_R_work                       0.193 
_refine.ls_R_factor_R_free                       0.241 
_refine.ls_R_factor_R_free_error                 ? 
_refine.ls_R_factor_R_free_error_details         ? 
_refine.ls_percent_reflns_R_free                 5.300 
_refine.ls_number_reflns_R_free                  876 
_refine.ls_number_parameters                     ? 
_refine.ls_number_restraints                     ? 
_refine.occupancy_min                            ? 
_refine.occupancy_max                            ? 
_refine.correlation_coeff_Fo_to_Fc               0.960 
_refine.correlation_coeff_Fo_to_Fc_free          0.945 
_refine.B_iso_mean                               40.83 
_refine.aniso_B[1][1]                            0.08000 
_refine.aniso_B[2][2]                            0.08000 
_refine.aniso_B[3][3]                            -0.16000 
_refine.aniso_B[1][2]                            0.00000 
_refine.aniso_B[1][3]                            0.00000 
_refine.aniso_B[2][3]                            0.00000 
_refine.solvent_model_details                    MASK 
_refine.solvent_model_param_ksol                 ? 
_refine.solvent_model_param_bsol                 ? 
_refine.pdbx_solvent_vdw_probe_radii             1.20 
_refine.pdbx_solvent_ion_probe_radii             0.80 
_refine.pdbx_solvent_shrinkage_radii             0.80 
_refine.pdbx_ls_cross_valid_method               THROUGHOUT 
_refine.details                                  
;HYDROGENS HAVE BEEN ADDED IN THE RIDING
 POSITIONS
;
_refine.pdbx_starting_model                      6CY7 
_refine.pdbx_method_to_determine_struct          'MOLECULAR REPLACEMENT' 
_refine.pdbx_isotropic_thermal_model             ? 
_refine.pdbx_stereochemistry_target_values       'MAXIMUM LIKELIHOOD' 
_refine.pdbx_stereochem_target_val_spec_case     ? 
_refine.pdbx_R_Free_selection_details            RANDOM 
_refine.pdbx_overall_ESU_R                       0.153 
_refine.pdbx_overall_ESU_R_Free                  0.149 
_refine.overall_SU_ML                            0.114 
_refine.pdbx_overall_phase_error                 ? 
_refine.overall_SU_B                             4.065 
_refine.overall_SU_R_Cruickshank_DPI             ? 
_refine.pdbx_overall_SU_R_free_Cruickshank_DPI   ? 
_refine.pdbx_overall_SU_R_Blow_DPI               ? 
_refine.pdbx_overall_SU_R_free_Blow_DPI          ? 
# 
_refine_hist.pdbx_refine_id                   'X-RAY DIFFRACTION' 
_refine_hist.cycle_id                         LAST 
_refine_hist.pdbx_number_atoms_protein        1396 
_refine_hist.pdbx_number_atoms_nucleic_acid   0 
_refine_hist.pdbx_number_atoms_ligand         44 
_refine_hist.number_atoms_solvent             67 
_refine_hist.number_atoms_total               1507 
_refine_hist.d_res_high                       1.95 
_refine_hist.d_res_low                        20.07 
# 
loop_
_refine_ls_restr.type 
_refine_ls_restr.dev_ideal 
_refine_ls_restr.dev_ideal_target 
_refine_ls_restr.weight 
_refine_ls_restr.number 
_refine_ls_restr.pdbx_refine_id 
_refine_ls_restr.pdbx_restraint_function 
r_bond_refined_d             0.012  0.019  ? 1480 'X-RAY DIFFRACTION' ? 
r_bond_other_d               0.007  0.020  ? 1375 'X-RAY DIFFRACTION' ? 
r_angle_refined_deg          1.771  2.007  ? 2014 'X-RAY DIFFRACTION' ? 
r_angle_other_deg            1.050  3.000  ? 3126 'X-RAY DIFFRACTION' ? 
r_dihedral_angle_1_deg       7.604  5.000  ? 174  'X-RAY DIFFRACTION' ? 
r_dihedral_angle_2_deg       35.252 23.600 ? 75   'X-RAY DIFFRACTION' ? 
r_dihedral_angle_3_deg       17.662 15.000 ? 243  'X-RAY DIFFRACTION' ? 
r_dihedral_angle_4_deg       22.211 15.000 ? 14   'X-RAY DIFFRACTION' ? 
r_chiral_restr               0.115  0.200  ? 225  'X-RAY DIFFRACTION' ? 
r_gen_planes_refined         0.006  0.021  ? 1675 'X-RAY DIFFRACTION' ? 
r_gen_planes_other           0.001  0.020  ? 357  'X-RAY DIFFRACTION' ? 
r_nbd_refined                ?      ?      ? ?    'X-RAY DIFFRACTION' ? 
r_nbd_other                  ?      ?      ? ?    'X-RAY DIFFRACTION' ? 
r_nbtor_refined              ?      ?      ? ?    'X-RAY DIFFRACTION' ? 
r_nbtor_other                ?      ?      ? ?    'X-RAY DIFFRACTION' ? 
r_xyhbond_nbd_refined        ?      ?      ? ?    'X-RAY DIFFRACTION' ? 
r_xyhbond_nbd_other          ?      ?      ? ?    'X-RAY DIFFRACTION' ? 
r_metal_ion_refined          ?      ?      ? ?    'X-RAY DIFFRACTION' ? 
r_metal_ion_other            ?      ?      ? ?    'X-RAY DIFFRACTION' ? 
r_symmetry_vdw_refined       ?      ?      ? ?    'X-RAY DIFFRACTION' ? 
r_symmetry_vdw_other         ?      ?      ? ?    'X-RAY DIFFRACTION' ? 
r_symmetry_hbond_refined     ?      ?      ? ?    'X-RAY DIFFRACTION' ? 
r_symmetry_hbond_other       ?      ?      ? ?    'X-RAY DIFFRACTION' ? 
r_symmetry_metal_ion_refined ?      ?      ? ?    'X-RAY DIFFRACTION' ? 
r_symmetry_metal_ion_other   ?      ?      ? ?    'X-RAY DIFFRACTION' ? 
r_mcbond_it                  2.780  3.814  ? 693  'X-RAY DIFFRACTION' ? 
r_mcbond_other               2.781  3.809  ? 692  'X-RAY DIFFRACTION' ? 
r_mcangle_it                 4.270  5.671  ? 862  'X-RAY DIFFRACTION' ? 
r_mcangle_other              4.268  5.678  ? 863  'X-RAY DIFFRACTION' ? 
r_scbond_it                  3.571  4.259  ? 787  'X-RAY DIFFRACTION' ? 
r_scbond_other               3.569  4.258  ? 788  'X-RAY DIFFRACTION' ? 
r_scangle_it                 ?      ?      ? ?    'X-RAY DIFFRACTION' ? 
r_scangle_other              5.747  6.221  ? 1151 'X-RAY DIFFRACTION' ? 
r_long_range_B_refined       8.466  30.601 ? 1629 'X-RAY DIFFRACTION' ? 
r_long_range_B_other         8.404  30.521 ? 1595 'X-RAY DIFFRACTION' ? 
r_rigid_bond_restr           ?      ?      ? ?    'X-RAY DIFFRACTION' ? 
r_sphericity_free            ?      ?      ? ?    'X-RAY DIFFRACTION' ? 
r_sphericity_bonded          ?      ?      ? ?    'X-RAY DIFFRACTION' ? 
# 
_refine_ls_shell.pdbx_refine_id                   'X-RAY DIFFRACTION' 
_refine_ls_shell.pdbx_total_number_of_bins_used   20 
_refine_ls_shell.d_res_high                       1.95 
_refine_ls_shell.d_res_low                        2.00 
_refine_ls_shell.number_reflns_R_work             1140 
_refine_ls_shell.R_factor_R_work                  0.2710 
_refine_ls_shell.percent_reflns_obs               98.52 
_refine_ls_shell.R_factor_R_free                  0.3370 
_refine_ls_shell.R_factor_R_free_error            ? 
_refine_ls_shell.percent_reflns_R_free            ? 
_refine_ls_shell.number_reflns_R_free             57 
_refine_ls_shell.number_reflns_all                ? 
_refine_ls_shell.R_factor_all                     ? 
# 
_struct.entry_id                     6DNK 
_struct.title                        'Human Stimulator of Interferon Genes' 
_struct.pdbx_model_details           ? 
_struct.pdbx_formula_weight          ? 
_struct.pdbx_formula_weight_method   ? 
_struct.pdbx_model_type_details      ? 
_struct.pdbx_CASP_flag               N 
# 
_struct_keywords.entry_id        6DNK 
_struct_keywords.text            
;human STING, complex, 2', 3'-cGAMP, TMEM173, Ala230 allelle, 230A/232R, IMMUNE SYSTEM
;
_struct_keywords.pdbx_keywords   'IMMUNE SYSTEM' 
# 
loop_
_struct_asym.id 
_struct_asym.pdbx_blank_PDB_chainid_flag 
_struct_asym.pdbx_modified 
_struct_asym.entity_id 
_struct_asym.details 
A N N 1 ? 
B N N 2 ? 
C N N 3 ? 
# 
loop_
_struct_conf.conf_type_id 
_struct_conf.id 
_struct_conf.pdbx_PDB_helix_id 
_struct_conf.beg_label_comp_id 
_struct_conf.beg_label_asym_id 
_struct_conf.beg_label_seq_id 
_struct_conf.pdbx_beg_PDB_ins_code 
_struct_conf.end_label_comp_id 
_struct_conf.end_label_asym_id 
_struct_conf.end_label_seq_id 
_struct_conf.pdbx_end_PDB_ins_code 
_struct_conf.beg_auth_comp_id 
_struct_conf.beg_auth_asym_id 
_struct_conf.beg_auth_seq_id 
_struct_conf.end_auth_comp_id 
_struct_conf.end_auth_asym_id 
_struct_conf.end_auth_seq_id 
_struct_conf.pdbx_PDB_helix_class 
_struct_conf.details 
_struct_conf.pdbx_PDB_helix_length 
HELX_P HELX_P1 AA1 ASN A 1   ? GLY A 13  ? ASN A 154 GLY A 166 1 ? 13 
HELX_P HELX_P2 AA2 TYR A 14  ? GLN A 31  ? TYR A 167 GLN A 184 1 ? 18 
HELX_P HELX_P3 AA3 ASN A 58  ? ALA A 62  ? ASN A 211 ALA A 215 5 ? 5  
HELX_P HELX_P4 AA4 THR A 110 ? TYR A 121 ? THR A 263 TYR A 274 1 ? 12 
HELX_P HELX_P5 AA5 SER A 122 ? GLY A 125 ? SER A 275 GLY A 278 5 ? 4  
HELX_P HELX_P6 AA6 SER A 127 ? GLU A 129 ? SER A 280 GLU A 282 5 ? 3  
HELX_P HELX_P7 AA7 ASP A 130 ? ASP A 148 ? ASP A 283 ASP A 301 1 ? 19 
HELX_P HELX_P8 AA8 SER A 171 ? ARG A 181 ? SER A 324 ARG A 334 1 ? 11 
# 
_struct_conf_type.id          HELX_P 
_struct_conf_type.criteria    ? 
_struct_conf_type.reference   ? 
# 
loop_
_struct_sheet.id 
_struct_sheet.type 
_struct_sheet.number_strands 
_struct_sheet.details 
AA1 ? 5 ? 
AA2 ? 2 ? 
# 
loop_
_struct_sheet_order.sheet_id 
_struct_sheet_order.range_id_1 
_struct_sheet_order.range_id_2 
_struct_sheet_order.offset 
_struct_sheet_order.sense 
AA1 1 2 ? anti-parallel 
AA1 2 3 ? anti-parallel 
AA1 3 4 ? parallel      
AA1 4 5 ? parallel      
AA2 1 2 ? anti-parallel 
# 
loop_
_struct_sheet_range.sheet_id 
_struct_sheet_range.id 
_struct_sheet_range.beg_label_comp_id 
_struct_sheet_range.beg_label_asym_id 
_struct_sheet_range.beg_label_seq_id 
_struct_sheet_range.pdbx_beg_PDB_ins_code 
_struct_sheet_range.end_label_comp_id 
_struct_sheet_range.end_label_asym_id 
_struct_sheet_range.end_label_seq_id 
_struct_sheet_range.pdbx_end_PDB_ins_code 
_struct_sheet_range.beg_auth_comp_id 
_struct_sheet_range.beg_auth_asym_id 
_struct_sheet_range.beg_auth_seq_id 
_struct_sheet_range.end_auth_comp_id 
_struct_sheet_range.end_auth_asym_id 
_struct_sheet_range.end_auth_seq_id 
AA1 1 ILE A 66  ? LYS A 71  ? ILE A 219 LYS A 224 
AA1 2 SER A 90  ? GLU A 96  ? SER A 243 GLU A 249 
AA1 3 GLN A 99  ? TYR A 108 ? GLN A 252 TYR A 261 
AA1 4 LEU A 45  ? PRO A 50  ? LEU A 198 PRO A 203 
AA1 5 CYS A 156 ? TYR A 161 ? CYS A 309 TYR A 314 
AA2 1 GLN A 75  ? ARG A 79  ? GLN A 228 ARG A 232 
AA2 2 ILE A 82  ? TYR A 87  ? ILE A 235 TYR A 240 
# 
loop_
_pdbx_struct_sheet_hbond.sheet_id 
_pdbx_struct_sheet_hbond.range_id_1 
_pdbx_struct_sheet_hbond.range_id_2 
_pdbx_struct_sheet_hbond.range_1_label_atom_id 
_pdbx_struct_sheet_hbond.range_1_label_comp_id 
_pdbx_struct_sheet_hbond.range_1_label_asym_id 
_pdbx_struct_sheet_hbond.range_1_label_seq_id 
_pdbx_struct_sheet_hbond.range_1_PDB_ins_code 
_pdbx_struct_sheet_hbond.range_1_auth_atom_id 
_pdbx_struct_sheet_hbond.range_1_auth_comp_id 
_pdbx_struct_sheet_hbond.range_1_auth_asym_id 
_pdbx_struct_sheet_hbond.range_1_auth_seq_id 
_pdbx_struct_sheet_hbond.range_2_label_atom_id 
_pdbx_struct_sheet_hbond.range_2_label_comp_id 
_pdbx_struct_sheet_hbond.range_2_label_asym_id 
_pdbx_struct_sheet_hbond.range_2_label_seq_id 
_pdbx_struct_sheet_hbond.range_2_PDB_ins_code 
_pdbx_struct_sheet_hbond.range_2_auth_atom_id 
_pdbx_struct_sheet_hbond.range_2_auth_comp_id 
_pdbx_struct_sheet_hbond.range_2_auth_asym_id 
_pdbx_struct_sheet_hbond.range_2_auth_seq_id 
AA1 1 2 N ASP A 70  ? N ASP A 223 O ILE A 91  ? O ILE A 244 
AA1 2 3 N LEU A 94  ? N LEU A 247 O ALA A 101 ? O ALA A 254 
AA1 3 4 O GLU A 107 ? O GLU A 260 N LEU A 48  ? N LEU A 201 
AA1 4 5 N LEU A 49  ? N LEU A 202 O ILE A 159 ? O ILE A 312 
AA2 1 2 N GLN A 75  ? N GLN A 228 O TYR A 87  ? O TYR A 240 
# 
_struct_site.id                   AC1 
_struct_site.pdbx_evidence_code   Software 
_struct_site.pdbx_auth_asym_id    A 
_struct_site.pdbx_auth_comp_id    1SY 
_struct_site.pdbx_auth_seq_id     401 
_struct_site.pdbx_auth_ins_code   ? 
_struct_site.pdbx_num_residues    23 
_struct_site.details              'binding site for residue 1SY A 401' 
# 
loop_
_struct_site_gen.id 
_struct_site_gen.site_id 
_struct_site_gen.pdbx_num_res 
_struct_site_gen.label_comp_id 
_struct_site_gen.label_asym_id 
_struct_site_gen.label_seq_id 
_struct_site_gen.pdbx_auth_ins_code 
_struct_site_gen.auth_comp_id 
_struct_site_gen.auth_asym_id 
_struct_site_gen.auth_seq_id 
_struct_site_gen.label_atom_id 
_struct_site_gen.label_alt_id 
_struct_site_gen.symmetry 
_struct_site_gen.details 
1  AC1 23 SER A 9   ? SER A 162 . ? 1_555 ? 
2  AC1 23 TYR A 10  ? TYR A 163 . ? 1_555 ? 
3  AC1 23 GLY A 13  ? GLY A 166 . ? 1_555 ? 
4  AC1 23 TYR A 14  ? TYR A 167 . ? 1_555 ? 
5  AC1 23 ARG A 79  ? ARG A 232 . ? 1_555 ? 
6  AC1 23 ILE A 82  ? ILE A 235 . ? 7_643 ? 
7  AC1 23 ARG A 85  ? ARG A 238 . ? 1_555 ? 
8  AC1 23 ARG A 85  ? ARG A 238 . ? 7_643 ? 
9  AC1 23 VAL A 86  ? VAL A 239 . ? 1_555 ? 
10 AC1 23 TYR A 87  ? TYR A 240 . ? 1_555 ? 
11 AC1 23 THR A 110 ? THR A 263 . ? 1_555 ? 
12 AC1 23 THR A 110 ? THR A 263 . ? 7_643 ? 
13 AC1 23 PRO A 111 ? PRO A 264 . ? 1_555 ? 
14 AC1 23 HOH C .   ? HOH A 501 . ? 1_555 ? 
15 AC1 23 HOH C .   ? HOH A 502 . ? 1_555 ? 
16 AC1 23 HOH C .   ? HOH A 506 . ? 1_555 ? 
17 AC1 23 HOH C .   ? HOH A 508 . ? 1_555 ? 
18 AC1 23 HOH C .   ? HOH A 511 . ? 1_555 ? 
19 AC1 23 HOH C .   ? HOH A 513 . ? 1_555 ? 
20 AC1 23 HOH C .   ? HOH A 520 . ? 7_643 ? 
21 AC1 23 HOH C .   ? HOH A 520 . ? 1_555 ? 
22 AC1 23 HOH C .   ? HOH A 538 . ? 1_555 ? 
23 AC1 23 HOH C .   ? HOH A 545 . ? 7_643 ? 
# 
_atom_sites.entry_id                    6DNK 
_atom_sites.fract_transf_matrix[1][1]   -0.00015350 
_atom_sites.fract_transf_matrix[1][2]   -0.00536771 
_atom_sites.fract_transf_matrix[1][3]   0.00729338 
_atom_sites.fract_transf_matrix[2][1]   0.00901195 
_atom_sites.fract_transf_matrix[2][2]   0.00062558 
_atom_sites.fract_transf_matrix[2][3]   0.00065009 
_atom_sites.fract_transf_matrix[3][1]   -0.00273712 
_atom_sites.fract_transf_matrix[3][2]   0.02237653 
_atom_sites.fract_transf_matrix[3][3]   0.01641087 
_atom_sites.fract_transf_vector[1]      1.097911 
_atom_sites.fract_transf_vector[2]      0.260153 
_atom_sites.fract_transf_vector[3]      -1.017934 
# 
loop_
_atom_type.symbol 
C 
N 
O 
P 
S 
# 
loop_
_atom_site.group_PDB 
_atom_site.id 
_atom_site.type_symbol 
_atom_site.label_atom_id 
_atom_site.label_alt_id 
_atom_site.label_comp_id 
_atom_site.label_asym_id 
_atom_site.label_entity_id 
_atom_site.label_seq_id 
_atom_site.pdbx_PDB_ins_code 
_atom_site.Cartn_x 
_atom_site.Cartn_y 
_atom_site.Cartn_z 
_atom_site.occupancy 
_atom_site.B_iso_or_equiv 
_atom_site.pdbx_formal_charge 
_atom_site.auth_seq_id 
_atom_site.auth_comp_id 
_atom_site.auth_asym_id 
_atom_site.auth_atom_id 
_atom_site.pdbx_PDB_model_num 
ATOM   1    N N     . ASN A 1 1   ? 7.559   -10.732 16.191  1.00 63.75 ? 154 ASN A N     1 
ATOM   2    C CA    . ASN A 1 1   ? 6.545   -10.278 17.192  1.00 60.76 ? 154 ASN A CA    1 
ATOM   3    C C     . ASN A 1 1   ? 5.202   -9.960  16.460  1.00 56.00 ? 154 ASN A C     1 
ATOM   4    O O     . ASN A 1 1   ? 4.848   -10.698 15.541  1.00 57.74 ? 154 ASN A O     1 
ATOM   5    C CB    . ASN A 1 1   ? 7.122   -9.112  18.000  1.00 62.94 ? 154 ASN A CB    1 
ATOM   6    C CG    . ASN A 1 1   ? 6.455   -8.947  19.350  1.00 70.43 ? 154 ASN A CG    1 
ATOM   7    O OD1   . ASN A 1 1   ? 5.551   -8.127  19.505  1.00 71.31 ? 154 ASN A OD1   1 
ATOM   8    N ND2   . ASN A 1 1   ? 6.893   -9.727  20.336  1.00 74.94 ? 154 ASN A ND2   1 
ATOM   9    N N     . VAL A 1 2   ? 4.483   -8.887  16.824  1.00 42.41 ? 155 VAL A N     1 
ATOM   10   C CA    . VAL A 1 2   ? 3.168   -8.524  16.234  1.00 34.45 ? 155 VAL A CA    1 
ATOM   11   C C     . VAL A 1 2   ? 3.184   -8.327  14.696  1.00 30.13 ? 155 VAL A C     1 
ATOM   12   O O     . VAL A 1 2   ? 2.231   -8.689  13.969  1.00 27.09 ? 155 VAL A O     1 
ATOM   13   C CB    . VAL A 1 2   ? 2.639   -7.255  16.968  1.00 37.75 ? 155 VAL A CB    1 
ATOM   14   C CG1   . VAL A 1 2   ? 1.513   -6.560  16.226  1.00 38.36 ? 155 VAL A CG1   1 
ATOM   15   C CG2   . VAL A 1 2   ? 2.200   -7.619  18.379  1.00 38.54 ? 155 VAL A CG2   1 
ATOM   16   N N     . ALA A 1 3   ? 4.294   -7.799  14.205  1.00 28.33 ? 156 ALA A N     1 
ATOM   17   C CA    . ALA A 1 3   ? 4.459   -7.515  12.788  1.00 28.67 ? 156 ALA A CA    1 
ATOM   18   C C     . ALA A 1 3   ? 4.280   -8.749  11.860  1.00 26.78 ? 156 ALA A C     1 
ATOM   19   O O     . ALA A 1 3   ? 3.743   -8.641  10.738  1.00 26.14 ? 156 ALA A O     1 
ATOM   20   C CB    . ALA A 1 3   ? 5.802   -6.901  12.566  1.00 29.57 ? 156 ALA A CB    1 
ATOM   21   N N     . HIS A 1 4   ? 4.718   -9.896  12.345  1.00 25.73 ? 157 HIS A N     1 
ATOM   22   C CA    . HIS A 1 4   ? 4.682   -11.152 11.577  1.00 27.14 ? 157 HIS A CA    1 
ATOM   23   C C     . HIS A 1 4   ? 3.234   -11.528 11.276  1.00 26.09 ? 157 HIS A C     1 
ATOM   24   O O     . HIS A 1 4   ? 2.881   -11.761 10.118  1.00 24.65 ? 157 HIS A O     1 
ATOM   25   C CB    . HIS A 1 4   ? 5.436   -12.234 12.344  1.00 29.12 ? 157 HIS A CB    1 
ATOM   26   C CG    . HIS A 1 4   ? 5.278   -13.615 11.790  1.00 31.23 ? 157 HIS A CG    1 
ATOM   27   N ND1   . HIS A 1 4   ? 6.132   -14.143 10.851  1.00 34.84 ? 157 HIS A ND1   1 
ATOM   28   C CD2   . HIS A 1 4   ? 4.412   -14.601 12.104  1.00 35.30 ? 157 HIS A CD2   1 
ATOM   29   C CE1   . HIS A 1 4   ? 5.786   -15.387 10.592  1.00 35.08 ? 157 HIS A CE1   1 
ATOM   30   N NE2   . HIS A 1 4   ? 4.742   -15.689 11.337  1.00 34.44 ? 157 HIS A NE2   1 
ATOM   31   N N     . GLY A 1 5   ? 2.399   -11.505 12.311  1.00 24.50 ? 158 GLY A N     1 
ATOM   32   C CA    . GLY A 1 5   ? 0.983   -11.736 12.184  1.00 24.36 ? 158 GLY A CA    1 
ATOM   33   C C     . GLY A 1 5   ? 0.259   -10.782 11.260  1.00 27.25 ? 158 GLY A C     1 
ATOM   34   O O     . GLY A 1 5   ? -0.617  -11.183 10.475  1.00 25.90 ? 158 GLY A O     1 
ATOM   35   N N     . LEU A 1 6   ? 0.594   -9.505  11.383  1.00 25.10 ? 159 LEU A N     1 
ATOM   36   C CA    . LEU A 1 6   ? -0.020  -8.482  10.575  1.00 25.29 ? 159 LEU A CA    1 
ATOM   37   C C     . LEU A 1 6   ? 0.358   -8.613  9.102   1.00 22.72 ? 159 LEU A C     1 
ATOM   38   O O     . LEU A 1 6   ? -0.467  -8.360  8.249   1.00 22.02 ? 159 LEU A O     1 
ATOM   39   C CB    . LEU A 1 6   ? 0.341   -7.089  11.108  1.00 24.71 ? 159 LEU A CB    1 
ATOM   40   C CG    . LEU A 1 6   ? -0.207  -6.752  12.502  1.00 28.53 ? 159 LEU A CG    1 
ATOM   41   C CD1   . LEU A 1 6   ? 0.331   -5.410  12.968  1.00 31.60 ? 159 LEU A CD1   1 
ATOM   42   C CD2   . LEU A 1 6   ? -1.719  -6.768  12.565  1.00 28.28 ? 159 LEU A CD2   1 
ATOM   43   N N     . ALA A 1 7   ? 1.605   -8.955  8.814   1.00 22.24 ? 160 ALA A N     1 
ATOM   44   C CA    . ALA A 1 7   ? 2.031   -9.180  7.429   1.00 21.91 ? 160 ALA A CA    1 
ATOM   45   C C     . ALA A 1 7   ? 1.276   -10.369 6.853   1.00 23.27 ? 160 ALA A C     1 
ATOM   46   O O     . ALA A 1 7   ? 0.785   -10.312 5.723   1.00 23.42 ? 160 ALA A O     1 
ATOM   47   C CB    . ALA A 1 7   ? 3.523   -9.431  7.363   1.00 22.88 ? 160 ALA A CB    1 
ATOM   48   N N     . TRP A 1 8   ? 1.172   -11.448 7.628   1.00 22.73 ? 161 TRP A N     1 
ATOM   49   C CA    . TRP A 1 8   ? 0.395   -12.598 7.168   1.00 24.05 ? 161 TRP A CA    1 
ATOM   50   C C     . TRP A 1 8   ? -1.066  -12.265 6.950   1.00 25.34 ? 161 TRP A C     1 
ATOM   51   O O     . TRP A 1 8   ? -1.657  -12.673 5.937   1.00 25.33 ? 161 TRP A O     1 
ATOM   52   C CB    . TRP A 1 8   ? 0.611   -13.830 8.088   1.00 24.97 ? 161 TRP A CB    1 
ATOM   53   C CG    . TRP A 1 8   ? 1.813   -14.561 7.719   1.00 23.97 ? 161 TRP A CG    1 
ATOM   54   C CD1   . TRP A 1 8   ? 3.038   -14.455 8.290   1.00 25.93 ? 161 TRP A CD1   1 
ATOM   55   C CD2   . TRP A 1 8   ? 1.957   -15.473 6.626   1.00 26.63 ? 161 TRP A CD2   1 
ATOM   56   N NE1   . TRP A 1 8   ? 3.942   -15.248 7.642   1.00 27.67 ? 161 TRP A NE1   1 
ATOM   57   C CE2   . TRP A 1 8   ? 3.303   -15.894 6.615   1.00 27.79 ? 161 TRP A CE2   1 
ATOM   58   C CE3   . TRP A 1 8   ? 1.078   -15.979 5.654   1.00 27.70 ? 161 TRP A CE3   1 
ATOM   59   C CZ2   . TRP A 1 8   ? 3.797   -16.814 5.674   1.00 28.38 ? 161 TRP A CZ2   1 
ATOM   60   C CZ3   . TRP A 1 8   ? 1.563   -16.890 4.723   1.00 26.14 ? 161 TRP A CZ3   1 
ATOM   61   C CH2   . TRP A 1 8   ? 2.909   -17.291 4.736   1.00 28.05 ? 161 TRP A CH2   1 
ATOM   62   N N     . SER A 1 9   ? -1.643  -11.451 7.841   1.00 23.16 ? 162 SER A N     1 
ATOM   63   C CA    . SER A 1 9   ? -3.023  -11.023 7.710   1.00 22.72 ? 162 SER A CA    1 
ATOM   64   C C     . SER A 1 9   ? -3.225  -10.158 6.468   1.00 22.00 ? 162 SER A C     1 
ATOM   65   O O     . SER A 1 9   ? -4.244  -10.285 5.757   1.00 22.05 ? 162 SER A O     1 
ATOM   66   C CB    . SER A 1 9   ? -3.441  -10.241 8.974   1.00 25.93 ? 162 SER A CB    1 
ATOM   67   O OG    . SER A 1 9   ? -4.701  -9.672  8.815   1.00 31.32 ? 162 SER A OG    1 
ATOM   68   N N     . TYR A 1 10  ? -2.281  -9.251  6.217   1.00 21.14 ? 163 TYR A N     1 
ATOM   69   C CA    . TYR A 1 10  ? -2.331  -8.407  5.029   1.00 21.02 ? 163 TYR A CA    1 
ATOM   70   C C     . TYR A 1 10  ? -2.291  -9.228  3.718   1.00 21.39 ? 163 TYR A C     1 
ATOM   71   O O     . TYR A 1 10  ? -2.960  -8.903  2.763   1.00 23.59 ? 163 TYR A O     1 
ATOM   72   C CB    . TYR A 1 10  ? -1.193  -7.428  5.087   1.00 23.21 ? 163 TYR A CB    1 
ATOM   73   C CG    . TYR A 1 10  ? -1.223  -6.290  4.103   1.00 22.48 ? 163 TYR A CG    1 
ATOM   74   C CD1   . TYR A 1 10  ? -2.306  -5.424  4.029   1.00 23.67 ? 163 TYR A CD1   1 
ATOM   75   C CD2   . TYR A 1 10  ? -0.132  -6.026  3.303   1.00 24.20 ? 163 TYR A CD2   1 
ATOM   76   C CE1   . TYR A 1 10  ? -2.305  -4.360  3.135   1.00 23.91 ? 163 TYR A CE1   1 
ATOM   77   C CE2   . TYR A 1 10  ? -0.136  -4.967  2.407   1.00 25.30 ? 163 TYR A CE2   1 
ATOM   78   C CZ    . TYR A 1 10  ? -1.214  -4.127  2.336   1.00 25.21 ? 163 TYR A CZ    1 
ATOM   79   O OH    . TYR A 1 10  ? -1.201  -3.040  1.462   1.00 26.59 ? 163 TYR A OH    1 
ATOM   80   N N     . TYR A 1 11  ? -1.528  -10.292 3.710   1.00 21.83 ? 164 TYR A N     1 
ATOM   81   C CA    . TYR A 1 11  ? -1.502  -11.235 2.585   1.00 24.47 ? 164 TYR A CA    1 
ATOM   82   C C     . TYR A 1 11  ? -2.796  -12.060 2.473   1.00 23.25 ? 164 TYR A C     1 
ATOM   83   O O     . TYR A 1 11  ? -3.491  -12.050 1.443   1.00 23.51 ? 164 TYR A O     1 
ATOM   84   C CB    . TYR A 1 11  ? -0.307  -12.160 2.731   1.00 26.14 ? 164 TYR A CB    1 
ATOM   85   C CG    . TYR A 1 11  ? -0.309  -13.253 1.675   1.00 27.56 ? 164 TYR A CG    1 
ATOM   86   C CD1   . TYR A 1 11  ? -0.242  -12.932 0.306   1.00 28.98 ? 164 TYR A CD1   1 
ATOM   87   C CD2   . TYR A 1 11  ? -0.406  -14.585 2.044   1.00 28.28 ? 164 TYR A CD2   1 
ATOM   88   C CE1   . TYR A 1 11  ? -0.261  -13.933 -0.664  1.00 30.87 ? 164 TYR A CE1   1 
ATOM   89   C CE2   . TYR A 1 11  ? -0.403  -15.593 1.091   1.00 30.32 ? 164 TYR A CE2   1 
ATOM   90   C CZ    . TYR A 1 11  ? -0.353  -15.264 -0.259  1.00 30.59 ? 164 TYR A CZ    1 
ATOM   91   O OH    . TYR A 1 11  ? -0.366  -16.298 -1.179  1.00 34.54 ? 164 TYR A OH    1 
ATOM   92   N N     . ILE A 1 12  ? -3.131  -12.743 3.557   1.00 22.96 ? 165 ILE A N     1 
ATOM   93   C CA    . ILE A 1 12  ? -4.276  -13.631 3.581   1.00 24.82 ? 165 ILE A CA    1 
ATOM   94   C C     . ILE A 1 12  ? -5.599  -12.938 3.370   1.00 25.42 ? 165 ILE A C     1 
ATOM   95   O O     . ILE A 1 12  ? -6.431  -13.397 2.582   1.00 24.72 ? 165 ILE A O     1 
ATOM   96   C CB    . ILE A 1 12  ? -4.303  -14.453 4.881   1.00 25.53 ? 165 ILE A CB    1 
ATOM   97   C CG1   . ILE A 1 12  ? -3.138  -15.418 4.883   1.00 27.36 ? 165 ILE A CG1   1 
ATOM   98   C CG2   . ILE A 1 12  ? -5.623  -15.190 5.058   1.00 26.24 ? 165 ILE A CG2   1 
ATOM   99   C CD1   . ILE A 1 12  ? -2.700  -15.820 6.281   1.00 30.53 ? 165 ILE A CD1   1 
ATOM   100  N N     . GLY A 1 13  ? -5.822  -11.837 4.058   1.00 23.27 ? 166 GLY A N     1 
ATOM   101  C CA    . GLY A 1 13  ? -7.125  -11.196 3.995   1.00 23.18 ? 166 GLY A CA    1 
ATOM   102  C C     . GLY A 1 13  ? -7.213  -10.054 3.010   1.00 23.09 ? 166 GLY A C     1 
ATOM   103  O O     . GLY A 1 13  ? -8.215  -9.357  2.943   1.00 23.29 ? 166 GLY A O     1 
ATOM   104  N N     . TYR A 1 14  ? -6.164  -9.822  2.229   1.00 21.56 ? 167 TYR A N     1 
ATOM   105  C CA    . TYR A 1 14  ? -6.240  -8.748  1.258   1.00 22.32 ? 167 TYR A CA    1 
ATOM   106  C C     . TYR A 1 14  ? -5.454  -9.034  -0.008  1.00 23.99 ? 167 TYR A C     1 
ATOM   107  O O     . TYR A 1 14  ? -6.060  -9.192  -1.066  1.00 24.61 ? 167 TYR A O     1 
ATOM   108  C CB    . TYR A 1 14  ? -5.805  -7.460  1.931   1.00 23.41 ? 167 TYR A CB    1 
ATOM   109  C CG    . TYR A 1 14  ? -5.889  -6.220  1.083   1.00 22.40 ? 167 TYR A CG    1 
ATOM   110  C CD1   . TYR A 1 14  ? -7.087  -5.756  0.653   1.00 24.96 ? 167 TYR A CD1   1 
ATOM   111  C CD2   . TYR A 1 14  ? -4.746  -5.503  0.745   1.00 23.02 ? 167 TYR A CD2   1 
ATOM   112  C CE1   . TYR A 1 14  ? -7.164  -4.611  -0.117  1.00 27.78 ? 167 TYR A CE1   1 
ATOM   113  C CE2   . TYR A 1 14  ? -4.812  -4.365  -0.008  1.00 24.13 ? 167 TYR A CE2   1 
ATOM   114  C CZ    . TYR A 1 14  ? -6.016  -3.918  -0.440  1.00 25.76 ? 167 TYR A CZ    1 
ATOM   115  O OH    . TYR A 1 14  ? -6.074  -2.788  -1.230  1.00 27.56 ? 167 TYR A OH    1 
ATOM   116  N N     . LEU A 1 15  ? -4.123  -9.095  0.076   1.00 24.15 ? 168 LEU A N     1 
ATOM   117  C CA    . LEU A 1 15  ? -3.328  -9.159  -1.144  1.00 24.76 ? 168 LEU A CA    1 
ATOM   118  C C     . LEU A 1 15  ? -3.664  -10.399 -1.962  1.00 26.55 ? 168 LEU A C     1 
ATOM   119  O O     . LEU A 1 15  ? -3.823  -10.310 -3.172  1.00 28.27 ? 168 LEU A O     1 
ATOM   120  C CB    . LEU A 1 15  ? -1.832  -9.089  -0.860  1.00 25.88 ? 168 LEU A CB    1 
ATOM   121  C CG    . LEU A 1 15  ? -1.362  -7.721  -0.312  1.00 26.72 ? 168 LEU A CG    1 
ATOM   122  C CD1   . LEU A 1 15  ? 0.130   -7.809  -0.101  1.00 27.29 ? 168 LEU A CD1   1 
ATOM   123  C CD2   . LEU A 1 15  ? -1.720  -6.545  -1.220  1.00 26.45 ? 168 LEU A CD2   1 
ATOM   124  N N     . ARG A 1 16  ? -3.779  -11.545 -1.310  1.00 25.69 ? 169 ARG A N     1 
ATOM   125  C CA    . ARG A 1 16  ? -4.057  -12.761 -2.047  1.00 28.66 ? 169 ARG A CA    1 
ATOM   126  C C     . ARG A 1 16  ? -5.458  -12.742 -2.665  1.00 29.66 ? 169 ARG A C     1 
ATOM   127  O O     . ARG A 1 16  ? -5.703  -13.476 -3.620  1.00 28.01 ? 169 ARG A O     1 
ATOM   128  C CB    . ARG A 1 16  ? -3.808  -14.014 -1.188  1.00 29.97 ? 169 ARG A CB    1 
ATOM   129  C CG    . ARG A 1 16  ? -4.967  -14.492 -0.387  1.00 32.27 ? 169 ARG A CG    1 
ATOM   130  C CD    . ARG A 1 16  ? -4.599  -15.744 0.415   1.00 34.08 ? 169 ARG A CD    1 
ATOM   131  N NE    . ARG A 1 16  ? -5.715  -16.067 1.287   1.00 33.55 ? 169 ARG A NE    1 
ATOM   132  C CZ    . ARG A 1 16  ? -5.990  -17.273 1.795   1.00 36.12 ? 169 ARG A CZ    1 
ATOM   133  N NH1   . ARG A 1 16  ? -5.211  -18.319 1.562   1.00 37.28 ? 169 ARG A NH1   1 
ATOM   134  N NH2   . ARG A 1 16  ? -7.058  -17.421 2.557   1.00 33.73 ? 169 ARG A NH2   1 
ATOM   135  N N     . LEU A 1 17  ? -6.357  -11.902 -2.135  1.00 26.76 ? 170 LEU A N     1 
ATOM   136  C CA    . LEU A 1 17  ? -7.705  -11.758 -2.683  1.00 30.31 ? 170 LEU A CA    1 
ATOM   137  C C     . LEU A 1 17  ? -7.760  -10.738 -3.842  1.00 31.50 ? 170 LEU A C     1 
ATOM   138  O O     . LEU A 1 17  ? -8.501  -10.944 -4.812  1.00 29.41 ? 170 LEU A O     1 
ATOM   139  C CB    . LEU A 1 17  ? -8.705  -11.394 -1.566  1.00 31.50 ? 170 LEU A CB    1 
ATOM   140  C CG    . LEU A 1 17  ? -8.655  -12.270 -0.293  1.00 34.79 ? 170 LEU A CG    1 
ATOM   141  C CD1   . LEU A 1 17  ? -9.628  -11.741 0.754   1.00 39.45 ? 170 LEU A CD1   1 
ATOM   142  C CD2   . LEU A 1 17  ? -8.914  -13.755 -0.540  1.00 36.30 ? 170 LEU A CD2   1 
ATOM   143  N N     . ILE A 1 18  ? -7.007  -9.640  -3.757  1.00 28.42 ? 171 ILE A N     1 
ATOM   144  C CA    . ILE A 1 18  ? -7.136  -8.600  -4.782  1.00 29.58 ? 171 ILE A CA    1 
ATOM   145  C C     . ILE A 1 18  ? -6.136  -8.698  -5.932  1.00 29.37 ? 171 ILE A C     1 
ATOM   146  O O     . ILE A 1 18  ? -6.471  -8.307  -7.035  1.00 32.28 ? 171 ILE A O     1 
ATOM   147  C CB    . ILE A 1 18  ? -7.176  -7.173  -4.200  1.00 31.48 ? 171 ILE A CB    1 
ATOM   148  C CG1   . ILE A 1 18  ? -5.856  -6.765  -3.593  1.00 32.29 ? 171 ILE A CG1   1 
ATOM   149  C CG2   . ILE A 1 18  ? -8.336  -7.031  -3.195  1.00 33.81 ? 171 ILE A CG2   1 
ATOM   150  C CD1   . ILE A 1 18  ? -5.704  -5.262  -3.548  1.00 34.27 ? 171 ILE A CD1   1 
ATOM   151  N N     . LEU A 1 19  ? -4.930  -9.201  -5.672  1.00 28.47 ? 172 LEU A N     1 
ATOM   152  C CA    . LEU A 1 19  ? -3.884  -9.237  -6.677  1.00 31.76 ? 172 LEU A CA    1 
ATOM   153  C C     . LEU A 1 19  ? -4.271  -10.097 -7.890  1.00 33.30 ? 172 LEU A C     1 
ATOM   154  O O     . LEU A 1 19  ? -4.063  -9.653  -8.993  1.00 32.39 ? 172 LEU A O     1 
ATOM   155  C CB    . LEU A 1 19  ? -2.521  -9.641  -6.095  1.00 31.13 ? 172 LEU A CB    1 
ATOM   156  C CG    . LEU A 1 19  ? -1.874  -8.573  -5.160  1.00 31.01 ? 172 LEU A CG    1 
ATOM   157  C CD1   . LEU A 1 19  ? -0.510  -9.000  -4.669  1.00 32.12 ? 172 LEU A CD1   1 
ATOM   158  C CD2   . LEU A 1 19  ? -1.736  -7.199  -5.785  1.00 32.27 ? 172 LEU A CD2   1 
ATOM   159  N N     . PRO A 1 20  ? -4.897  -11.270 -7.680  1.00 37.89 ? 173 PRO A N     1 
ATOM   160  C CA    . PRO A 1 20  ? -5.321  -12.018 -8.863  1.00 40.43 ? 173 PRO A CA    1 
ATOM   161  C C     . PRO A 1 20  ? -6.368  -11.325 -9.725  1.00 39.81 ? 173 PRO A C     1 
ATOM   162  O O     . PRO A 1 20  ? -6.445  -11.660 -10.889 1.00 43.49 ? 173 PRO A O     1 
ATOM   163  C CB    . PRO A 1 20  ? -5.884  -13.327 -8.277  1.00 39.91 ? 173 PRO A CB    1 
ATOM   164  C CG    . PRO A 1 20  ? -5.269  -13.438 -6.926  1.00 38.04 ? 173 PRO A CG    1 
ATOM   165  C CD    . PRO A 1 20  ? -5.192  -12.026 -6.447  1.00 35.98 ? 173 PRO A CD    1 
ATOM   166  N N     . GLU A 1 21  ? -7.163  -10.396 -9.187  1.00 38.07 ? 174 GLU A N     1 
ATOM   167  C CA    . GLU A 1 21  ? -8.157  -9.667  -10.003 1.00 38.82 ? 174 GLU A CA    1 
ATOM   168  C C     . GLU A 1 21  ? -7.720  -8.267  -10.464 1.00 37.93 ? 174 GLU A C     1 
ATOM   169  O O     . GLU A 1 21  ? -8.462  -7.591  -11.168 1.00 36.74 ? 174 GLU A O     1 
ATOM   170  C CB    . GLU A 1 21  ? -9.475  -9.544  -9.248  1.00 45.27 ? 174 GLU A CB    1 
ATOM   171  C CG    . GLU A 1 21  ? -10.056 -10.872 -8.761  1.00 50.67 ? 174 GLU A CG    1 
ATOM   172  C CD    . GLU A 1 21  ? -10.376 -11.832 -9.896  1.00 55.77 ? 174 GLU A CD    1 
ATOM   173  O OE1   . GLU A 1 21  ? -10.904 -11.389 -10.943 1.00 60.86 ? 174 GLU A OE1   1 
ATOM   174  O OE2   . GLU A 1 21  ? -10.092 -13.040 -9.743  1.00 68.41 ? 174 GLU A OE2   1 
ATOM   175  N N     . LEU A 1 22  ? -6.522  -7.844  -10.080 1.00 34.74 ? 175 LEU A N     1 
ATOM   176  C CA    . LEU A 1 22  ? -6.124  -6.457  -10.210 1.00 38.65 ? 175 LEU A CA    1 
ATOM   177  C C     . LEU A 1 22  ? -5.993  -6.080  -11.706 1.00 40.20 ? 175 LEU A C     1 
ATOM   178  O O     . LEU A 1 22  ? -6.575  -5.097  -12.158 1.00 36.96 ? 175 LEU A O     1 
ATOM   179  C CB    . LEU A 1 22  ? -4.796  -6.219  -9.488  1.00 39.42 ? 175 LEU A CB    1 
ATOM   180  C CG    . LEU A 1 22  ? -4.464  -4.869  -8.845  1.00 45.82 ? 175 LEU A CG    1 
ATOM   181  C CD1   . LEU A 1 22  ? -3.040  -4.477  -9.219  1.00 43.49 ? 175 LEU A CD1   1 
ATOM   182  C CD2   . LEU A 1 22  ? -5.436  -3.737  -9.140  1.00 46.43 ? 175 LEU A CD2   1 
ATOM   183  N N     . GLN A 1 23  ? -5.239  -6.873  -12.451 1.00 40.47 ? 176 GLN A N     1 
ATOM   184  C CA    . GLN A 1 23  ? -5.005  -6.575  -13.872 1.00 50.56 ? 176 GLN A CA    1 
ATOM   185  C C     . GLN A 1 23  ? -6.284  -6.552  -14.688 1.00 47.99 ? 176 GLN A C     1 
ATOM   186  O O     . GLN A 1 23  ? -6.430  -5.722  -15.573 1.00 48.94 ? 176 GLN A O     1 
ATOM   187  C CB    . GLN A 1 23  ? -3.996  -7.525  -14.483 1.00 54.60 ? 176 GLN A CB    1 
ATOM   188  C CG    . GLN A 1 23  ? -2.585  -7.196  -14.037 1.00 63.51 ? 176 GLN A CG    1 
ATOM   189  C CD    . GLN A 1 23  ? -1.554  -8.025  -14.758 1.00 67.86 ? 176 GLN A CD    1 
ATOM   190  O OE1   . GLN A 1 23  ? -1.644  -8.224  -15.975 1.00 77.96 ? 176 GLN A OE1   1 
ATOM   191  N NE2   . GLN A 1 23  ? -0.568  -8.520  -14.019 1.00 71.14 ? 176 GLN A NE2   1 
ATOM   192  N N     . ALA A 1 24  ? -7.223  -7.419  -14.344 1.00 45.95 ? 177 ALA A N     1 
ATOM   193  C CA    . ALA A 1 24  ? -8.548  -7.369  -14.931 1.00 46.63 ? 177 ALA A CA    1 
ATOM   194  C C     . ALA A 1 24  ? -9.265  -6.046  -14.664 1.00 44.14 ? 177 ALA A C     1 
ATOM   195  O O     . ALA A 1 24  ? -9.878  -5.490  -15.564 1.00 40.92 ? 177 ALA A O     1 
ATOM   196  C CB    . ALA A 1 24  ? -9.384  -8.539  -14.459 1.00 47.18 ? 177 ALA A CB    1 
ATOM   197  N N     . ARG A 1 25  ? -9.186  -5.531  -13.442 1.00 39.34 ? 178 ARG A N     1 
ATOM   198  C CA    . ARG A 1 25  ? -9.807  -4.250  -13.123 1.00 36.39 ? 178 ARG A CA    1 
ATOM   199  C C     . ARG A 1 25  ? -9.085  -3.040  -13.794 1.00 38.61 ? 178 ARG A C     1 
ATOM   200  O O     . ARG A 1 25  ? -9.734  -2.072  -14.221 1.00 40.77 ? 178 ARG A O     1 
ATOM   201  C CB    . ARG A 1 25  ? -9.930  -4.075  -11.598 1.00 36.73 ? 178 ARG A CB    1 
ATOM   202  C CG    . ARG A 1 25  ? -10.808 -5.125  -10.895 1.00 34.58 ? 178 ARG A CG    1 
ATOM   203  C CD    . ARG A 1 25  ? -10.469 -5.224  -9.408  1.00 33.36 ? 178 ARG A CD    1 
ATOM   204  N NE    . ARG A 1 25  ? -10.781 -3.984  -8.699  1.00 31.99 ? 178 ARG A NE    1 
ATOM   205  C CZ    . ARG A 1 25  ? -10.120 -3.496  -7.644  1.00 32.21 ? 178 ARG A CZ    1 
ATOM   206  N NH1   . ARG A 1 25  ? -9.068  -4.129  -7.128  1.00 33.27 ? 178 ARG A NH1   1 
ATOM   207  N NH2   . ARG A 1 25  ? -10.507 -2.341  -7.113  1.00 30.98 ? 178 ARG A NH2   1 
ATOM   208  N N     . ILE A 1 26  ? -7.759  -3.096  -13.894 1.00 40.13 ? 179 ILE A N     1 
ATOM   209  C CA    . ILE A 1 26  ? -6.997  -2.005  -14.511 1.00 43.19 ? 179 ILE A CA    1 
ATOM   210  C C     . ILE A 1 26  ? -7.339  -2.012  -16.014 1.00 49.77 ? 179 ILE A C     1 
ATOM   211  O O     . ILE A 1 26  ? -7.696  -0.981  -16.572 1.00 48.68 ? 179 ILE A O     1 
ATOM   212  C CB    . ILE A 1 26  ? -5.477  -2.138  -14.268 1.00 43.01 ? 179 ILE A CB    1 
ATOM   213  C CG1   . ILE A 1 26  ? -5.134  -1.845  -12.809 1.00 41.71 ? 179 ILE A CG1   1 
ATOM   214  C CG2   . ILE A 1 26  ? -4.688  -1.163  -15.143 1.00 43.60 ? 179 ILE A CG2   1 
ATOM   215  C CD1   . ILE A 1 26  ? -3.775  -2.375  -12.386 1.00 44.39 ? 179 ILE A CD1   1 
ATOM   216  N N     . ARG A 1 27  ? -7.260  -3.191  -16.630 1.00 52.76 ? 180 ARG A N     1 
ATOM   217  C CA    . ARG A 1 27  ? -7.716  -3.411  -18.014 1.00 57.89 ? 180 ARG A CA    1 
ATOM   218  C C     . ARG A 1 27  ? -9.090  -2.784  -18.237 1.00 57.41 ? 180 ARG A C     1 
ATOM   219  O O     . ARG A 1 27  ? -9.263  -1.972  -19.134 1.00 63.79 ? 180 ARG A O     1 
ATOM   220  C CB    . ARG A 1 27  ? -7.758  -4.912  -18.344 1.00 63.80 ? 180 ARG A CB    1 
ATOM   221  C CG    . ARG A 1 27  ? -7.610  -5.260  -19.818 1.00 69.38 ? 180 ARG A CG    1 
ATOM   222  C CD    . ARG A 1 27  ? -8.062  -6.685  -20.114 1.00 74.96 ? 180 ARG A CD    1 
ATOM   223  N NE    . ARG A 1 27  ? -9.474  -6.707  -20.516 1.00 82.56 ? 180 ARG A NE    1 
ATOM   224  C CZ    . ARG A 1 27  ? -10.527 -6.984  -19.733 1.00 87.28 ? 180 ARG A CZ    1 
ATOM   225  N NH1   . ARG A 1 27  ? -10.389 -7.313  -18.446 1.00 88.00 ? 180 ARG A NH1   1 
ATOM   226  N NH2   . ARG A 1 27  ? -11.754 -6.945  -20.257 1.00 86.66 ? 180 ARG A NH2   1 
ATOM   227  N N     . THR A 1 28  ? -10.049 -3.132  -17.387 1.00 56.13 ? 181 THR A N     1 
ATOM   228  C CA    . THR A 1 28  ? -11.416 -2.604  -17.485 1.00 54.95 ? 181 THR A CA    1 
ATOM   229  C C     . THR A 1 28  ? -11.458 -1.087  -17.401 1.00 60.22 ? 181 THR A C     1 
ATOM   230  O O     . THR A 1 28  ? -12.161 -0.455  -18.184 1.00 63.50 ? 181 THR A O     1 
ATOM   231  C CB    . THR A 1 28  ? -12.329 -3.243  -16.426 1.00 54.27 ? 181 THR A CB    1 
ATOM   232  O OG1   . THR A 1 28  ? -12.446 -4.632  -16.720 1.00 59.19 ? 181 THR A OG1   1 
ATOM   233  C CG2   . THR A 1 28  ? -13.722 -2.643  -16.400 1.00 51.54 ? 181 THR A CG2   1 
ATOM   234  N N     . TYR A 1 29  ? -10.695 -0.506  -16.477 1.00 58.62 ? 182 TYR A N     1 
ATOM   235  C CA    . TYR A 1 29  ? -10.604 0.946   -16.361 1.00 57.25 ? 182 TYR A CA    1 
ATOM   236  C C     . TYR A 1 29  ? -10.010 1.620   -17.626 1.00 59.97 ? 182 TYR A C     1 
ATOM   237  O O     . TYR A 1 29  ? -10.517 2.663   -18.073 1.00 57.61 ? 182 TYR A O     1 
ATOM   238  C CB    . TYR A 1 29  ? -9.791  1.363   -15.116 1.00 55.21 ? 182 TYR A CB    1 
ATOM   239  C CG    . TYR A 1 29  ? -9.768  2.870   -14.905 1.00 51.04 ? 182 TYR A CG    1 
ATOM   240  C CD1   . TYR A 1 29  ? -10.827 3.530   -14.267 1.00 50.48 ? 182 TYR A CD1   1 
ATOM   241  C CD2   . TYR A 1 29  ? -8.707  3.642   -15.391 1.00 49.33 ? 182 TYR A CD2   1 
ATOM   242  C CE1   . TYR A 1 29  ? -10.809 4.919   -14.099 1.00 51.87 ? 182 TYR A CE1   1 
ATOM   243  C CE2   . TYR A 1 29  ? -8.677  5.018   -15.238 1.00 48.33 ? 182 TYR A CE2   1 
ATOM   244  C CZ    . TYR A 1 29  ? -9.721  5.658   -14.596 1.00 50.00 ? 182 TYR A CZ    1 
ATOM   245  O OH    . TYR A 1 29  ? -9.653  7.021   -14.454 1.00 52.86 ? 182 TYR A OH    1 
ATOM   246  N N     . ASN A 1 30  ? -8.926  1.050   -18.160 1.00 58.19 ? 183 ASN A N     1 
ATOM   247  C CA    . ASN A 1 30  ? -8.239  1.603   -19.331 1.00 59.86 ? 183 ASN A CA    1 
ATOM   248  C C     . ASN A 1 30  ? -9.149  1.654   -20.562 1.00 66.72 ? 183 ASN A C     1 
ATOM   249  O O     . ASN A 1 30  ? -9.227  2.687   -21.228 1.00 74.15 ? 183 ASN A O     1 
ATOM   250  C CB    . ASN A 1 30  ? -6.975  0.799   -19.643 1.00 58.02 ? 183 ASN A CB    1 
ATOM   251  C CG    . ASN A 1 30  ? -5.828  1.116   -18.701 1.00 57.30 ? 183 ASN A CG    1 
ATOM   252  O OD1   . ASN A 1 30  ? -5.787  2.175   -18.076 1.00 59.85 ? 183 ASN A OD1   1 
ATOM   253  N ND2   . ASN A 1 30  ? -4.870  0.203   -18.613 1.00 60.33 ? 183 ASN A ND2   1 
ATOM   254  N N     . GLN A 1 31  ? -9.840  0.550   -20.834 1.00 71.56 ? 184 GLN A N     1 
ATOM   255  C CA    . GLN A 1 31  ? -10.860 0.493   -21.881 1.00 76.30 ? 184 GLN A CA    1 
ATOM   256  C C     . GLN A 1 31  ? -12.268 0.705   -21.290 1.00 79.18 ? 184 GLN A C     1 
ATOM   257  O O     . GLN A 1 31  ? -13.077 -0.214  -21.210 1.00 77.70 ? 184 GLN A O     1 
ATOM   258  C CB    . GLN A 1 31  ? -10.736 -0.821  -22.678 1.00 79.99 ? 184 GLN A CB    1 
ATOM   259  C CG    . GLN A 1 31  ? -11.192 -2.088  -21.953 1.00 81.81 ? 184 GLN A CG    1 
ATOM   260  C CD    . GLN A 1 31  ? -10.456 -3.354  -22.375 1.00 86.24 ? 184 GLN A CD    1 
ATOM   261  O OE1   . GLN A 1 31  ? -9.265  -3.328  -22.708 1.00 84.38 ? 184 GLN A OE1   1 
ATOM   262  N NE2   . GLN A 1 31  ? -11.165 -4.481  -22.340 1.00 87.68 ? 184 GLN A NE2   1 
ATOM   263  N N     . HIS A 1 32  ? -12.532 1.946   -20.883 1.00 82.38 ? 185 HIS A N     1 
ATOM   264  C CA    . HIS A 1 32  ? -13.865 2.399   -20.391 1.00 84.45 ? 185 HIS A CA    1 
ATOM   265  C C     . HIS A 1 32  ? -13.859 3.886   -19.978 1.00 86.57 ? 185 HIS A C     1 
ATOM   266  O O     . HIS A 1 32  ? -14.817 4.601   -20.258 1.00 91.81 ? 185 HIS A O     1 
ATOM   267  C CB    . HIS A 1 32  ? -14.415 1.539   -19.226 1.00 87.03 ? 185 HIS A CB    1 
ATOM   268  C CG    . HIS A 1 32  ? -15.531 0.601   -19.605 1.00 88.29 ? 185 HIS A CG    1 
ATOM   269  N ND1   . HIS A 1 32  ? -16.823 1.030   -19.818 1.00 89.93 ? 185 HIS A ND1   1 
ATOM   270  C CD2   . HIS A 1 32  ? -15.556 -0.747  -19.755 1.00 87.38 ? 185 HIS A CD2   1 
ATOM   271  C CE1   . HIS A 1 32  ? -17.590 -0.006  -20.110 1.00 90.43 ? 185 HIS A CE1   1 
ATOM   272  N NE2   . HIS A 1 32  ? -16.844 -1.096  -20.080 1.00 88.63 ? 185 HIS A NE2   1 
ATOM   273  N N     . TYR A 1 33  ? -12.807 4.333   -19.292 1.00 88.15 ? 186 TYR A N     1 
ATOM   274  C CA    . TYR A 1 33  ? -12.667 5.738   -18.874 1.00 85.69 ? 186 TYR A CA    1 
ATOM   275  C C     . TYR A 1 33  ? -11.397 6.318   -19.494 1.00 82.18 ? 186 TYR A C     1 
ATOM   276  O O     . TYR A 1 33  ? -10.409 6.575   -18.810 1.00 75.42 ? 186 TYR A O     1 
ATOM   277  C CB    . TYR A 1 33  ? -12.641 5.869   -17.337 1.00 87.66 ? 186 TYR A CB    1 
ATOM   278  C CG    . TYR A 1 33  ? -13.765 5.148   -16.591 1.00 92.17 ? 186 TYR A CG    1 
ATOM   279  C CD1   . TYR A 1 33  ? -13.743 3.756   -16.424 1.00 95.81 ? 186 TYR A CD1   1 
ATOM   280  C CD2   . TYR A 1 33  ? -14.832 5.854   -16.022 1.00 93.16 ? 186 TYR A CD2   1 
ATOM   281  C CE1   . TYR A 1 33  ? -14.753 3.090   -15.737 1.00 94.18 ? 186 TYR A CE1   1 
ATOM   282  C CE2   . TYR A 1 33  ? -15.847 5.193   -15.333 1.00 92.21 ? 186 TYR A CE2   1 
ATOM   283  C CZ    . TYR A 1 33  ? -15.800 3.814   -15.195 1.00 93.35 ? 186 TYR A CZ    1 
ATOM   284  O OH    . TYR A 1 33  ? -16.790 3.148   -14.522 1.00 91.16 ? 186 TYR A OH    1 
ATOM   285  N N     . ALA A 1 40  ? -2.122  5.344   -19.876 1.00 67.33 ? 193 ALA A N     1 
ATOM   286  C CA    . ALA A 1 40  ? -2.270  4.008   -19.302 1.00 69.48 ? 193 ALA A CA    1 
ATOM   287  C C     . ALA A 1 40  ? -1.861  4.009   -17.823 1.00 69.96 ? 193 ALA A C     1 
ATOM   288  O O     . ALA A 1 40  ? -0.845  4.613   -17.443 1.00 68.69 ? 193 ALA A O     1 
ATOM   289  C CB    . ALA A 1 40  ? -1.443  2.987   -20.085 1.00 64.39 ? 193 ALA A CB    1 
ATOM   290  N N     . VAL A 1 41  ? -2.657  3.325   -17.003 1.00 66.60 ? 194 VAL A N     1 
ATOM   291  C CA    . VAL A 1 41  ? -2.332  3.114   -15.586 1.00 62.36 ? 194 VAL A CA    1 
ATOM   292  C C     . VAL A 1 41  ? -1.284  1.987   -15.560 1.00 58.84 ? 194 VAL A C     1 
ATOM   293  O O     . VAL A 1 41  ? -1.425  1.010   -16.305 1.00 63.66 ? 194 VAL A O     1 
ATOM   294  C CB    . VAL A 1 41  ? -3.597  2.762   -14.751 1.00 61.79 ? 194 VAL A CB    1 
ATOM   295  C CG1   . VAL A 1 41  ? -3.276  2.695   -13.255 1.00 62.31 ? 194 VAL A CG1   1 
ATOM   296  C CG2   . VAL A 1 41  ? -4.694  3.798   -14.959 1.00 63.48 ? 194 VAL A CG2   1 
ATOM   297  N N     . SER A 1 42  ? -0.222  2.122   -14.753 1.00 52.69 ? 195 SER A N     1 
ATOM   298  C CA    . SER A 1 42  ? 0.734   1.022   -14.562 1.00 50.99 ? 195 SER A CA    1 
ATOM   299  C C     . SER A 1 42  ? -0.015  -0.222  -14.061 1.00 47.04 ? 195 SER A C     1 
ATOM   300  O O     . SER A 1 42  ? -1.093  -0.099  -13.501 1.00 44.50 ? 195 SER A O     1 
ATOM   301  C CB    . SER A 1 42  ? 1.826   1.406   -13.582 1.00 55.45 ? 195 SER A CB    1 
ATOM   302  O OG    . SER A 1 42  ? 2.479   0.239   -13.079 1.00 64.87 ? 195 SER A OG    1 
ATOM   303  N N     . GLN A 1 43  ? 0.548   -1.403  -14.282 1.00 44.21 ? 196 GLN A N     1 
ATOM   304  C CA    . GLN A 1 43  ? -0.156  -2.660  -14.036 1.00 50.47 ? 196 GLN A CA    1 
ATOM   305  C C     . GLN A 1 43  ? 0.044   -3.309  -12.647 1.00 48.88 ? 196 GLN A C     1 
ATOM   306  O O     . GLN A 1 43  ? -0.410  -4.432  -12.411 1.00 50.84 ? 196 GLN A O     1 
ATOM   307  C CB    . GLN A 1 43  ? 0.242   -3.661  -15.109 1.00 55.62 ? 196 GLN A CB    1 
ATOM   308  C CG    . GLN A 1 43  ? -0.252  -3.269  -16.492 1.00 64.32 ? 196 GLN A CG    1 
ATOM   309  C CD    . GLN A 1 43  ? -1.074  -4.371  -17.125 1.00 71.84 ? 196 GLN A CD    1 
ATOM   310  O OE1   . GLN A 1 43  ? -0.531  -5.385  -17.569 1.00 76.88 ? 196 GLN A OE1   1 
ATOM   311  N NE2   . GLN A 1 43  ? -2.396  -4.197  -17.139 1.00 74.26 ? 196 GLN A NE2   1 
ATOM   312  N N     . ARG A 1 44  ? 0.729   -2.612  -11.755 1.00 43.27 ? 197 ARG A N     1 
ATOM   313  C CA    . ARG A 1 44  ? 1.091   -3.161  -10.454 1.00 39.87 ? 197 ARG A CA    1 
ATOM   314  C C     . ARG A 1 44  ? 0.380   -2.343  -9.364  1.00 36.60 ? 197 ARG A C     1 
ATOM   315  O O     . ARG A 1 44  ? 0.093   -1.160  -9.557  1.00 32.37 ? 197 ARG A O     1 
ATOM   316  C CB    . ARG A 1 44  ? 2.619   -3.116  -10.265 1.00 42.66 ? 197 ARG A CB    1 
ATOM   317  C CG    . ARG A 1 44  ? 3.477   -4.103  -11.092 1.00 46.40 ? 197 ARG A CG    1 
ATOM   318  C CD    . ARG A 1 44  ? 4.930   -4.089  -10.577 1.00 50.37 ? 197 ARG A CD    1 
ATOM   319  N NE    . ARG A 1 44  ? 5.922   -4.960  -11.255 1.00 54.82 ? 197 ARG A NE    1 
ATOM   320  C CZ    . ARG A 1 44  ? 6.725   -5.882  -10.669 1.00 57.32 ? 197 ARG A CZ    1 
ATOM   321  N NH1   . ARG A 1 44  ? 7.601   -6.555  -11.417 1.00 57.46 ? 197 ARG A NH1   1 
ATOM   322  N NH2   . ARG A 1 44  ? 6.684   -6.164  -9.359  1.00 52.97 ? 197 ARG A NH2   1 
ATOM   323  N N     . LEU A 1 45  ? 0.073   -2.978  -8.231  1.00 31.25 ? 198 LEU A N     1 
ATOM   324  C CA    . LEU A 1 45  ? -0.322  -2.238  -7.044  1.00 30.35 ? 198 LEU A CA    1 
ATOM   325  C C     . LEU A 1 45  ? 0.950   -1.744  -6.317  1.00 29.43 ? 198 LEU A C     1 
ATOM   326  O O     . LEU A 1 45  ? 1.765   -2.542  -5.892  1.00 28.58 ? 198 LEU A O     1 
ATOM   327  C CB    . LEU A 1 45  ? -1.139  -3.120  -6.110  1.00 30.51 ? 198 LEU A CB    1 
ATOM   328  C CG    . LEU A 1 45  ? -1.537  -2.542  -4.750  1.00 31.42 ? 198 LEU A CG    1 
ATOM   329  C CD1   . LEU A 1 45  ? -2.351  -1.278  -4.901  1.00 33.32 ? 198 LEU A CD1   1 
ATOM   330  C CD2   . LEU A 1 45  ? -2.317  -3.580  -3.931  1.00 31.37 ? 198 LEU A CD2   1 
ATOM   331  N N     . TYR A 1 46  ? 1.075   -0.430  -6.147  1.00 27.13 ? 199 TYR A N     1 
ATOM   332  C CA    . TYR A 1 46  ? 2.181   0.151   -5.409  1.00 28.07 ? 199 TYR A CA    1 
ATOM   333  C C     . TYR A 1 46  ? 1.745   0.394   -3.953  1.00 26.38 ? 199 TYR A C     1 
ATOM   334  O O     . TYR A 1 46  ? 0.794   1.117   -3.684  1.00 27.41 ? 199 TYR A O     1 
ATOM   335  C CB    . TYR A 1 46  ? 2.680   1.436   -6.112  1.00 29.15 ? 199 TYR A CB    1 
ATOM   336  C CG    . TYR A 1 46  ? 3.360   1.074   -7.433  1.00 33.92 ? 199 TYR A CG    1 
ATOM   337  C CD1   . TYR A 1 46  ? 2.619   0.937   -8.592  1.00 33.91 ? 199 TYR A CD1   1 
ATOM   338  C CD2   . TYR A 1 46  ? 4.729   0.798   -7.497  1.00 37.40 ? 199 TYR A CD2   1 
ATOM   339  C CE1   . TYR A 1 46  ? 3.210   0.576   -9.794  1.00 35.53 ? 199 TYR A CE1   1 
ATOM   340  C CE2   . TYR A 1 46  ? 5.330   0.429   -8.688  1.00 39.23 ? 199 TYR A CE2   1 
ATOM   341  C CZ    . TYR A 1 46  ? 4.554   0.321   -9.839  1.00 39.62 ? 199 TYR A CZ    1 
ATOM   342  O OH    . TYR A 1 46  ? 5.114   -0.064  -11.034 1.00 44.73 ? 199 TYR A OH    1 
ATOM   343  N N     . ILE A 1 47  ? 2.475   -0.210  -3.031  1.00 26.73 ? 200 ILE A N     1 
ATOM   344  C CA    . ILE A 1 47  ? 2.157   -0.132  -1.626  1.00 25.57 ? 200 ILE A CA    1 
ATOM   345  C C     . ILE A 1 47  ? 3.233   0.652   -0.908  1.00 23.41 ? 200 ILE A C     1 
ATOM   346  O O     . ILE A 1 47  ? 4.399   0.229   -0.844  1.00 25.50 ? 200 ILE A O     1 
ATOM   347  C CB    . ILE A 1 47  ? 2.035   -1.517  -0.994  1.00 26.59 ? 200 ILE A CB    1 
ATOM   348  C CG1   . ILE A 1 47  ? 0.962   -2.338  -1.710  1.00 28.41 ? 200 ILE A CG1   1 
ATOM   349  C CG2   . ILE A 1 47  ? 1.689   -1.375  0.488   1.00 27.65 ? 200 ILE A CG2   1 
ATOM   350  C CD1   . ILE A 1 47  ? 1.060   -3.809  -1.443  1.00 30.23 ? 200 ILE A CD1   1 
ATOM   351  N N     . LEU A 1 48  ? 2.810   1.751   -0.293  1.00 24.83 ? 201 LEU A N     1 
ATOM   352  C CA    . LEU A 1 48  ? 3.699   2.605   0.485   1.00 26.92 ? 201 LEU A CA    1 
ATOM   353  C C     . LEU A 1 48  ? 3.890   2.060   1.894   1.00 27.19 ? 201 LEU A C     1 
ATOM   354  O O     . LEU A 1 48  ? 2.912   1.802   2.586   1.00 25.52 ? 201 LEU A O     1 
ATOM   355  C CB    . LEU A 1 48  ? 3.127   4.025   0.570   1.00 30.17 ? 201 LEU A CB    1 
ATOM   356  C CG    . LEU A 1 48  ? 3.002   4.745   -0.760  1.00 30.15 ? 201 LEU A CG    1 
ATOM   357  C CD1   . LEU A 1 48  ? 2.302   6.067   -0.562  1.00 32.43 ? 201 LEU A CD1   1 
ATOM   358  C CD2   . LEU A 1 48  ? 4.366   4.983   -1.355  1.00 31.81 ? 201 LEU A CD2   1 
ATOM   359  N N     . LEU A 1 49  ? 5.156   1.891   2.293   1.00 28.51 ? 202 LEU A N     1 
ATOM   360  C CA    . LEU A 1 49  ? 5.517   1.404   3.630   1.00 27.98 ? 202 LEU A CA    1 
ATOM   361  C C     . LEU A 1 49  ? 6.421   2.392   4.379   1.00 26.84 ? 202 LEU A C     1 
ATOM   362  O O     . LEU A 1 49  ? 7.659   2.204   4.422   1.00 27.23 ? 202 LEU A O     1 
ATOM   363  C CB    . LEU A 1 49  ? 6.208   0.051   3.512   1.00 31.73 ? 202 LEU A CB    1 
ATOM   364  C CG    . LEU A 1 49  ? 5.496   -1.141  2.908   1.00 36.31 ? 202 LEU A CG    1 
ATOM   365  C CD1   . LEU A 1 49  ? 6.297   -2.420  3.096   1.00 43.89 ? 202 LEU A CD1   1 
ATOM   366  C CD2   . LEU A 1 49  ? 4.181   -1.370  3.558   1.00 42.36 ? 202 LEU A CD2   1 
ATOM   367  N N     . PRO A 1 50  ? 5.832   3.463   4.962   1.00 25.06 ? 203 PRO A N     1 
ATOM   368  C CA    . PRO A 1 50  ? 6.656   4.390   5.723   1.00 26.37 ? 203 PRO A CA    1 
ATOM   369  C C     . PRO A 1 50  ? 7.077   3.722   7.032   1.00 27.90 ? 203 PRO A C     1 
ATOM   370  O O     . PRO A 1 50  ? 6.222   3.290   7.847   1.00 26.92 ? 203 PRO A O     1 
ATOM   371  C CB    . PRO A 1 50  ? 5.738   5.578   5.954   1.00 25.44 ? 203 PRO A CB    1 
ATOM   372  C CG    . PRO A 1 50  ? 4.370   4.966   5.950   1.00 25.51 ? 203 PRO A CG    1 
ATOM   373  C CD    . PRO A 1 50  ? 4.425   3.892   4.928   1.00 25.29 ? 203 PRO A CD    1 
ATOM   374  N N     . LEU A 1 51  ? 8.386   3.613   7.228   1.00 27.64 ? 204 LEU A N     1 
ATOM   375  C CA    . LEU A 1 51  ? 8.886   2.861   8.373   1.00 31.30 ? 204 LEU A CA    1 
ATOM   376  C C     . LEU A 1 51  ? 8.666   3.612   9.715   1.00 31.54 ? 204 LEU A C     1 
ATOM   377  O O     . LEU A 1 51  ? 8.701   2.995   10.777  1.00 32.50 ? 204 LEU A O     1 
ATOM   378  C CB    . LEU A 1 51  ? 10.343  2.445   8.146   1.00 32.27 ? 204 LEU A CB    1 
ATOM   379  C CG    . LEU A 1 51  ? 10.637  1.561   6.930   1.00 34.16 ? 204 LEU A CG    1 
ATOM   380  C CD1   . LEU A 1 51  ? 12.138  1.318   6.777   1.00 37.54 ? 204 LEU A CD1   1 
ATOM   381  C CD2   . LEU A 1 51  ? 9.910   0.232   6.998   1.00 35.39 ? 204 LEU A CD2   1 
ATOM   382  N N     . ASP A 1 52  ? 8.363   4.904   9.669   1.00 34.70 ? 205 ASP A N     1 
ATOM   383  C CA    . ASP A 1 52  ? 7.865   5.626   10.878  1.00 39.36 ? 205 ASP A CA    1 
ATOM   384  C C     . ASP A 1 52  ? 6.377   5.347   11.221  1.00 39.66 ? 205 ASP A C     1 
ATOM   385  O O     . ASP A 1 52  ? 5.830   5.905   12.187  1.00 35.43 ? 205 ASP A O     1 
ATOM   386  C CB    . ASP A 1 52  ? 8.116   7.144   10.769  1.00 42.37 ? 205 ASP A CB    1 
ATOM   387  C CG    . ASP A 1 52  ? 7.252   7.837   9.711   1.00 49.33 ? 205 ASP A CG    1 
ATOM   388  O OD1   . ASP A 1 52  ? 6.315   7.239   9.149   1.00 49.17 ? 205 ASP A OD1   1 
ATOM   389  O OD2   . ASP A 1 52  ? 7.529   9.023   9.425   1.00 56.42 ? 205 ASP A OD2   1 
ATOM   390  N N     . CYS A 1 53  ? 5.721   4.517   10.406  1.00 34.80 ? 206 CYS A N     1 
ATOM   391  C CA    . CYS A 1 53  ? 4.322   4.139   10.596  1.00 34.42 ? 206 CYS A CA    1 
ATOM   392  C C     . CYS A 1 53  ? 3.350   5.323   10.564  1.00 35.32 ? 206 CYS A C     1 
ATOM   393  O O     . CYS A 1 53  ? 2.263   5.227   11.115  1.00 37.79 ? 206 CYS A O     1 
ATOM   394  C CB    . CYS A 1 53  ? 4.132   3.346   11.888  1.00 31.73 ? 206 CYS A CB    1 
ATOM   395  S SG    . CYS A 1 53  ? 5.011   1.795   11.949  1.00 33.08 ? 206 CYS A SG    1 
ATOM   396  N N     . GLY A 1 54  ? 3.741   6.417   9.920   1.00 36.77 ? 207 GLY A N     1 
ATOM   397  C CA    . GLY A 1 54  ? 2.903   7.600   9.806   1.00 40.21 ? 207 GLY A CA    1 
ATOM   398  C C     . GLY A 1 54  ? 2.127   7.414   8.520   1.00 38.11 ? 207 GLY A C     1 
ATOM   399  O O     . GLY A 1 54  ? 2.696   7.485   7.423   1.00 39.09 ? 207 GLY A O     1 
ATOM   400  N N     . VAL A 1 55  ? 0.838   7.153   8.651   1.00 34.36 ? 208 VAL A N     1 
ATOM   401  C CA    . VAL A 1 55  ? 0.005   6.818   7.514   1.00 34.11 ? 208 VAL A CA    1 
ATOM   402  C C     . VAL A 1 55  ? -1.132  7.797   7.469   1.00 34.31 ? 208 VAL A C     1 
ATOM   403  O O     . VAL A 1 55  ? -2.107  7.623   8.174   1.00 37.19 ? 208 VAL A O     1 
ATOM   404  C CB    . VAL A 1 55  ? -0.546  5.382   7.610   1.00 33.02 ? 208 VAL A CB    1 
ATOM   405  C CG1   . VAL A 1 55  ? -1.519  5.110   6.477   1.00 32.99 ? 208 VAL A CG1   1 
ATOM   406  C CG2   . VAL A 1 55  ? 0.615   4.404   7.592   1.00 32.23 ? 208 VAL A CG2   1 
ATOM   407  N N     . PRO A 1 56  ? -1.018  8.834   6.628   1.00 35.13 ? 209 PRO A N     1 
ATOM   408  C CA    . PRO A 1 56  ? -2.149  9.739   6.507   1.00 37.96 ? 209 PRO A CA    1 
ATOM   409  C C     . PRO A 1 56  ? -3.271  9.070   5.744   1.00 39.29 ? 209 PRO A C     1 
ATOM   410  O O     . PRO A 1 56  ? -3.042  8.121   4.990   1.00 39.57 ? 209 PRO A O     1 
ATOM   411  C CB    . PRO A 1 56  ? -1.575  10.931  5.742   1.00 36.76 ? 209 PRO A CB    1 
ATOM   412  C CG    . PRO A 1 56  ? -0.419  10.366  4.999   1.00 36.43 ? 209 PRO A CG    1 
ATOM   413  C CD    . PRO A 1 56  ? 0.164   9.345   5.919   1.00 36.30 ? 209 PRO A CD    1 
ATOM   414  N N     . ASP A 1 57  ? -4.484  9.534   5.982   1.00 37.73 ? 210 ASP A N     1 
ATOM   415  C CA    . ASP A 1 57  ? -5.619  8.986   5.286   1.00 40.16 ? 210 ASP A CA    1 
ATOM   416  C C     . ASP A 1 57  ? -5.734  9.613   3.893   1.00 43.46 ? 210 ASP A C     1 
ATOM   417  O O     . ASP A 1 57  ? -6.103  8.913   2.930   1.00 43.55 ? 210 ASP A O     1 
ATOM   418  C CB    . ASP A 1 57  ? -6.876  9.072   6.149   1.00 39.95 ? 210 ASP A CB    1 
ATOM   419  C CG    . ASP A 1 57  ? -6.879  8.022   7.272   1.00 42.07 ? 210 ASP A CG    1 
ATOM   420  O OD1   . ASP A 1 57  ? -6.340  6.900   7.107   1.00 37.86 ? 210 ASP A OD1   1 
ATOM   421  O OD2   . ASP A 1 57  ? -7.407  8.317   8.350   1.00 51.98 ? 210 ASP A OD2   1 
ATOM   422  N N     . ASN A 1 58  ? -5.343  10.885  3.775   1.00 41.17 ? 211 ASN A N     1 
ATOM   423  C CA    . ASN A 1 58  ? -5.324  11.592  2.508   1.00 42.45 ? 211 ASN A CA    1 
ATOM   424  C C     . ASN A 1 58  ? -3.917  11.652  1.916   1.00 42.09 ? 211 ASN A C     1 
ATOM   425  O O     . ASN A 1 58  ? -3.031  12.381  2.392   1.00 43.14 ? 211 ASN A O     1 
ATOM   426  C CB    . ASN A 1 58  ? -5.874  13.021  2.676   1.00 48.74 ? 211 ASN A CB    1 
ATOM   427  C CG    . ASN A 1 58  ? -6.197  13.678  1.338   1.00 52.67 ? 211 ASN A CG    1 
ATOM   428  O OD1   . ASN A 1 58  ? -5.372  13.688  0.408   1.00 52.94 ? 211 ASN A OD1   1 
ATOM   429  N ND2   . ASN A 1 58  ? -7.402  14.220  1.225   1.00 57.29 ? 211 ASN A ND2   1 
ATOM   430  N N     . LEU A 1 59  ? -3.717  10.921  0.840   1.00 41.78 ? 212 LEU A N     1 
ATOM   431  C CA    . LEU A 1 59  ? -2.412  10.855  0.216   1.00 44.57 ? 212 LEU A CA    1 
ATOM   432  C C     . LEU A 1 59  ? -2.025  12.180  -0.473  1.00 44.25 ? 212 LEU A C     1 
ATOM   433  O O     . LEU A 1 59  ? -0.870  12.593  -0.430  1.00 40.48 ? 212 LEU A O     1 
ATOM   434  C CB    . LEU A 1 59  ? -2.387  9.645   -0.723  1.00 44.85 ? 212 LEU A CB    1 
ATOM   435  C CG    . LEU A 1 59  ? -1.097  9.156   -1.367  1.00 43.15 ? 212 LEU A CG    1 
ATOM   436  C CD1   . LEU A 1 59  ? 0.141   9.245   -0.488  1.00 43.38 ? 212 LEU A CD1   1 
ATOM   437  C CD2   . LEU A 1 59  ? -1.323  7.721   -1.834  1.00 44.59 ? 212 LEU A CD2   1 
ATOM   438  N N     . SER A 1 60  ? -2.996  12.872  -1.053  1.00 50.27 ? 213 SER A N     1 
ATOM   439  C CA    . SER A 1 60  ? -2.716  14.141  -1.741  1.00 58.65 ? 213 SER A CA    1 
ATOM   440  C C     . SER A 1 60  ? -2.218  15.233  -0.780  1.00 64.35 ? 213 SER A C     1 
ATOM   441  O O     . SER A 1 60  ? -1.503  16.138  -1.193  1.00 66.31 ? 213 SER A O     1 
ATOM   442  C CB    . SER A 1 60  ? -3.939  14.601  -2.535  1.00 61.34 ? 213 SER A CB    1 
ATOM   443  O OG    . SER A 1 60  ? -4.595  13.488  -3.151  1.00 60.35 ? 213 SER A OG    1 
ATOM   444  N N     . MET A 1 61  ? -2.571  15.113  0.501   1.00 66.54 ? 214 MET A N     1 
ATOM   445  C CA    . MET A 1 61  ? -2.008  15.948  1.569   1.00 65.83 ? 214 MET A CA    1 
ATOM   446  C C     . MET A 1 61  ? -0.603  15.578  1.999   1.00 61.57 ? 214 MET A C     1 
ATOM   447  O O     . MET A 1 61  ? 0.049   16.382  2.631   1.00 64.79 ? 214 MET A O     1 
ATOM   448  C CB    . MET A 1 61  ? -2.901  15.912  2.825   1.00 76.02 ? 214 MET A CB    1 
ATOM   449  C CG    . MET A 1 61  ? -3.500  17.250  3.237   1.00 82.02 ? 214 MET A CG    1 
ATOM   450  S SD    . MET A 1 61  ? -5.225  17.048  3.723   1.00 92.82 ? 214 MET A SD    1 
ATOM   451  C CE    . MET A 1 61  ? -5.968  17.006  2.090   1.00 91.55 ? 214 MET A CE    1 
ATOM   452  N N     . ALA A 1 62  ? -0.156  14.361  1.739   1.00 56.14 ? 215 ALA A N     1 
ATOM   453  C CA    . ALA A 1 62  ? 1.218   13.957  2.091   1.00 57.47 ? 215 ALA A CA    1 
ATOM   454  C C     . ALA A 1 62  ? 2.289   14.503  1.137   1.00 56.47 ? 215 ALA A C     1 
ATOM   455  O O     . ALA A 1 62  ? 3.463   14.549  1.491   1.00 54.66 ? 215 ALA A O     1 
ATOM   456  C CB    . ALA A 1 62  ? 1.326   12.439  2.160   1.00 58.85 ? 215 ALA A CB    1 
ATOM   457  N N     . ASP A 1 63  ? 1.888   14.839  -0.087  1.00 57.47 ? 216 ASP A N     1 
ATOM   458  C CA    . ASP A 1 63  ? 2.797   15.383  -1.111  1.00 52.45 ? 216 ASP A CA    1 
ATOM   459  C C     . ASP A 1 63  ? 1.870   15.940  -2.183  1.00 51.24 ? 216 ASP A C     1 
ATOM   460  O O     . ASP A 1 63  ? 1.048   15.203  -2.733  1.00 51.58 ? 216 ASP A O     1 
ATOM   461  C CB    . ASP A 1 63  ? 3.757   14.302  -1.667  1.00 49.86 ? 216 ASP A CB    1 
ATOM   462  C CG    . ASP A 1 63  ? 4.780   14.851  -2.680  1.00 49.53 ? 216 ASP A CG    1 
ATOM   463  O OD1   . ASP A 1 63  ? 4.480   15.846  -3.365  1.00 48.90 ? 216 ASP A OD1   1 
ATOM   464  O OD2   . ASP A 1 63  ? 5.887   14.266  -2.820  1.00 49.64 ? 216 ASP A OD2   1 
ATOM   465  N N     . PRO A 1 64  ? 1.960   17.245  -2.456  1.00 51.25 ? 217 PRO A N     1 
ATOM   466  C CA    . PRO A 1 64  ? 1.045   17.836  -3.436  1.00 53.54 ? 217 PRO A CA    1 
ATOM   467  C C     . PRO A 1 64  ? 1.320   17.398  -4.898  1.00 47.80 ? 217 PRO A C     1 
ATOM   468  O O     . PRO A 1 64  ? 0.456   17.561  -5.757  1.00 49.09 ? 217 PRO A O     1 
ATOM   469  C CB    . PRO A 1 64  ? 1.279   19.335  -3.259  1.00 55.44 ? 217 PRO A CB    1 
ATOM   470  C CG    . PRO A 1 64  ? 2.713   19.434  -2.840  1.00 53.64 ? 217 PRO A CG    1 
ATOM   471  C CD    . PRO A 1 64  ? 2.965   18.222  -1.984  1.00 52.96 ? 217 PRO A CD    1 
ATOM   472  N N     . ASN A 1 65  ? 2.499   16.831  -5.151  1.00 42.77 ? 218 ASN A N     1 
ATOM   473  C CA    . ASN A 1 65  ? 2.770   16.133  -6.410  1.00 40.76 ? 218 ASN A CA    1 
ATOM   474  C C     . ASN A 1 65  ? 2.169   14.729  -6.569  1.00 41.23 ? 218 ASN A C     1 
ATOM   475  O O     . ASN A 1 65  ? 2.460   14.027  -7.569  1.00 37.27 ? 218 ASN A O     1 
ATOM   476  C CB    . ASN A 1 65  ? 4.256   16.081  -6.641  1.00 40.55 ? 218 ASN A CB    1 
ATOM   477  C CG    . ASN A 1 65  ? 4.812   17.422  -7.081  1.00 43.04 ? 218 ASN A CG    1 
ATOM   478  O OD1   . ASN A 1 65  ? 4.133   18.192  -7.751  1.00 44.12 ? 218 ASN A OD1   1 
ATOM   479  N ND2   . ASN A 1 65  ? 6.029   17.701  -6.708  1.00 42.17 ? 218 ASN A ND2   1 
ATOM   480  N N     . ILE A 1 66  ? 1.356   14.309  -5.599  1.00 39.19 ? 219 ILE A N     1 
ATOM   481  C CA    . ILE A 1 66  ? 0.596   13.075  -5.700  1.00 37.14 ? 219 ILE A CA    1 
ATOM   482  C C     . ILE A 1 66  ? -0.840  13.550  -5.700  1.00 38.63 ? 219 ILE A C     1 
ATOM   483  O O     . ILE A 1 66  ? -1.267  14.238  -4.787  1.00 43.47 ? 219 ILE A O     1 
ATOM   484  C CB    . ILE A 1 66  ? 0.906   12.115  -4.532  1.00 40.32 ? 219 ILE A CB    1 
ATOM   485  C CG1   . ILE A 1 66  ? 2.400   11.778  -4.513  1.00 38.11 ? 219 ILE A CG1   1 
ATOM   486  C CG2   . ILE A 1 66  ? 0.064   10.845  -4.641  1.00 39.55 ? 219 ILE A CG2   1 
ATOM   487  C CD1   . ILE A 1 66  ? 2.854   10.943  -3.333  1.00 40.44 ? 219 ILE A CD1   1 
ATOM   488  N N     . ARG A 1 67  ? -1.576  13.195  -6.739  1.00 35.16 ? 220 ARG A N     1 
ATOM   489  C CA    . ARG A 1 67  ? -2.885  13.744  -6.969  1.00 37.07 ? 220 ARG A CA    1 
ATOM   490  C C     . ARG A 1 67  ? -3.864  12.639  -7.307  1.00 34.42 ? 220 ARG A C     1 
ATOM   491  O O     . ARG A 1 67  ? -3.659  11.898  -8.264  1.00 32.53 ? 220 ARG A O     1 
ATOM   492  C CB    . ARG A 1 67  ? -2.807  14.758  -8.117  1.00 41.32 ? 220 ARG A CB    1 
ATOM   493  C CG    . ARG A 1 67  ? -4.037  15.622  -8.278  1.00 45.61 ? 220 ARG A CG    1 
ATOM   494  C CD    . ARG A 1 67  ? -3.779  16.717  -9.300  1.00 49.34 ? 220 ARG A CD    1 
ATOM   495  N NE    . ARG A 1 67  ? -3.595  16.167  -10.644 1.00 55.58 ? 220 ARG A NE    1 
ATOM   496  C CZ    . ARG A 1 67  ? -3.061  16.823  -11.679 1.00 59.51 ? 220 ARG A CZ    1 
ATOM   497  N NH1   . ARG A 1 67  ? -2.637  18.078  -11.550 1.00 56.05 ? 220 ARG A NH1   1 
ATOM   498  N NH2   . ARG A 1 67  ? -2.945  16.215  -12.856 1.00 59.24 ? 220 ARG A NH2   1 
ATOM   499  N N     . PHE A 1 68  ? -4.926  12.528  -6.508  1.00 36.56 ? 221 PHE A N     1 
ATOM   500  C CA    . PHE A 1 68  ? -5.973  11.555  -6.767  1.00 35.73 ? 221 PHE A CA    1 
ATOM   501  C C     . PHE A 1 68  ? -6.572  11.798  -8.151  1.00 36.46 ? 221 PHE A C     1 
ATOM   502  O O     . PHE A 1 68  ? -6.940  12.910  -8.462  1.00 35.90 ? 221 PHE A O     1 
ATOM   503  C CB    . PHE A 1 68  ? -7.096  11.660  -5.746  1.00 35.03 ? 221 PHE A CB    1 
ATOM   504  C CG    . PHE A 1 68  ? -8.248  10.733  -6.022  1.00 37.77 ? 221 PHE A CG    1 
ATOM   505  C CD1   . PHE A 1 68  ? -8.151  9.360   -5.733  1.00 36.76 ? 221 PHE A CD1   1 
ATOM   506  C CD2   . PHE A 1 68  ? -9.432  11.203  -6.590  1.00 38.52 ? 221 PHE A CD2   1 
ATOM   507  C CE1   . PHE A 1 68  ? -9.193  8.494   -6.022  1.00 35.04 ? 221 PHE A CE1   1 
ATOM   508  C CE2   . PHE A 1 68  ? -10.483 10.336  -6.857  1.00 37.32 ? 221 PHE A CE2   1 
ATOM   509  C CZ    . PHE A 1 68  ? -10.372 8.984   -6.556  1.00 35.87 ? 221 PHE A CZ    1 
ATOM   510  N N     . LEU A 1 69  ? -6.736  10.729  -8.911  1.00 33.26 ? 222 LEU A N     1 
ATOM   511  C CA    . LEU A 1 69  ? -7.310  10.770  -10.229 1.00 37.90 ? 222 LEU A CA    1 
ATOM   512  C C     . LEU A 1 69  ? -8.683  10.104  -10.274 1.00 40.27 ? 222 LEU A C     1 
ATOM   513  O O     . LEU A 1 69  ? -9.660  10.742  -10.659 1.00 38.47 ? 222 LEU A O     1 
ATOM   514  C CB    . LEU A 1 69  ? -6.333  10.088  -11.186 1.00 41.79 ? 222 LEU A CB    1 
ATOM   515  C CG    . LEU A 1 69  ? -6.369  10.288  -12.700 1.00 50.04 ? 222 LEU A CG    1 
ATOM   516  C CD1   . LEU A 1 69  ? -7.162  9.176   -13.349 1.00 52.12 ? 222 LEU A CD1   1 
ATOM   517  C CD2   . LEU A 1 69  ? -6.853  11.669  -13.138 1.00 48.58 ? 222 LEU A CD2   1 
ATOM   518  N N     . ASP A 1 70  ? -8.757  8.825   -9.887  1.00 35.74 ? 223 ASP A N     1 
ATOM   519  C CA    . ASP A 1 70  ? -10.005 8.088   -9.929  1.00 39.56 ? 223 ASP A CA    1 
ATOM   520  C C     . ASP A 1 70  ? -9.894  6.797   -9.098  1.00 41.17 ? 223 ASP A C     1 
ATOM   521  O O     . ASP A 1 70  ? -8.823  6.460   -8.613  1.00 37.07 ? 223 ASP A O     1 
ATOM   522  C CB    . ASP A 1 70  ? -10.331 7.714   -11.393 1.00 42.83 ? 223 ASP A CB    1 
ATOM   523  C CG    . ASP A 1 70  ? -11.827 7.825   -11.745 1.00 46.99 ? 223 ASP A CG    1 
ATOM   524  O OD1   . ASP A 1 70  ? -12.716 7.883   -10.857 1.00 49.55 ? 223 ASP A OD1   1 
ATOM   525  O OD2   . ASP A 1 70  ? -12.101 7.835   -12.965 1.00 56.98 ? 223 ASP A OD2   1 
ATOM   526  N N     . LYS A 1 71  ? -11.019 6.094   -8.956  1.00 40.89 ? 224 LYS A N     1 
ATOM   527  C CA    . LYS A 1 71  ? -11.044 4.744   -8.402  1.00 42.42 ? 224 LYS A CA    1 
ATOM   528  C C     . LYS A 1 71  ? -11.106 3.726   -9.504  1.00 42.11 ? 224 LYS A C     1 
ATOM   529  O O     . LYS A 1 71  ? -11.669 3.988   -10.572 1.00 43.43 ? 224 LYS A O     1 
ATOM   530  C CB    . LYS A 1 71  ? -12.272 4.528   -7.539  1.00 41.98 ? 224 LYS A CB    1 
ATOM   531  C CG    . LYS A 1 71  ? -12.462 5.553   -6.467  1.00 42.48 ? 224 LYS A CG    1 
ATOM   532  C CD    . LYS A 1 71  ? -13.905 5.564   -6.017  1.00 44.93 ? 224 LYS A CD    1 
ATOM   533  C CE    . LYS A 1 71  ? -14.114 6.590   -4.931  1.00 47.62 ? 224 LYS A CE    1 
ATOM   534  N NZ    . LYS A 1 71  ? -15.542 6.600   -4.494  1.00 49.95 ? 224 LYS A NZ    1 
ATOM   535  N N     . LEU A 1 72  ? -10.553 2.549   -9.226  1.00 40.51 ? 225 LEU A N     1 
ATOM   536  C CA    . LEU A 1 72  ? -10.794 1.357   -10.041 1.00 40.91 ? 225 LEU A CA    1 
ATOM   537  C C     . LEU A 1 72  ? -12.264 0.947   -9.904  1.00 40.63 ? 225 LEU A C     1 
ATOM   538  O O     . LEU A 1 72  ? -12.921 1.345   -8.943  1.00 43.47 ? 225 LEU A O     1 
ATOM   539  C CB    . LEU A 1 72  ? -9.885  0.205   -9.583  1.00 41.36 ? 225 LEU A CB    1 
ATOM   540  C CG    . LEU A 1 72  ? -8.617  -0.210  -10.354 1.00 45.54 ? 225 LEU A CG    1 
ATOM   541  C CD1   . LEU A 1 72  ? -8.046  0.807   -11.337 1.00 46.54 ? 225 LEU A CD1   1 
ATOM   542  C CD2   . LEU A 1 72  ? -7.549  -0.689  -9.398  1.00 42.24 ? 225 LEU A CD2   1 
ATOM   543  N N     . PRO A 1 73  ? -12.800 0.171   -10.866 1.00 43.89 ? 226 PRO A N     1 
ATOM   544  C CA    . PRO A 1 73  ? -14.064 -0.501  -10.514 1.00 46.35 ? 226 PRO A CA    1 
ATOM   545  C C     . PRO A 1 73  ? -13.873 -1.360  -9.254  1.00 42.80 ? 226 PRO A C     1 
ATOM   546  O O     . PRO A 1 73  ? -12.831 -1.995  -9.107  1.00 39.71 ? 226 PRO A O     1 
ATOM   547  C CB    . PRO A 1 73  ? -14.356 -1.387  -11.732 1.00 45.09 ? 226 PRO A CB    1 
ATOM   548  C CG    . PRO A 1 73  ? -13.053 -1.530  -12.445 1.00 47.00 ? 226 PRO A CG    1 
ATOM   549  C CD    . PRO A 1 73  ? -12.269 -0.284  -12.164 1.00 44.13 ? 226 PRO A CD    1 
ATOM   550  N N     . GLN A 1 74  ? -14.845 -1.318  -8.359  1.00 40.53 ? 227 GLN A N     1 
ATOM   551  C CA    . GLN A 1 74  ? -14.814 -2.061  -7.099  1.00 40.99 ? 227 GLN A CA    1 
ATOM   552  C C     . GLN A 1 74  ? -14.743 -3.566  -7.290  1.00 40.38 ? 227 GLN A C     1 
ATOM   553  O O     . GLN A 1 74  ? -15.217 -4.102  -8.285  1.00 41.19 ? 227 GLN A O     1 
ATOM   554  C CB    . GLN A 1 74  ? -16.066 -1.736  -6.298  1.00 43.00 ? 227 GLN A CB    1 
ATOM   555  C CG    . GLN A 1 74  ? -16.096 -0.317  -5.791  1.00 47.18 ? 227 GLN A CG    1 
ATOM   556  C CD    . GLN A 1 74  ? -17.340 -0.015  -5.009  1.00 51.17 ? 227 GLN A CD    1 
ATOM   557  O OE1   . GLN A 1 74  ? -18.302 -0.787  -5.032  1.00 52.35 ? 227 GLN A OE1   1 
ATOM   558  N NE2   . GLN A 1 74  ? -17.326 1.104   -4.289  1.00 55.22 ? 227 GLN A NE2   1 
ATOM   559  N N     . GLN A 1 75  ? -14.109 -4.253  -6.345  1.00 41.03 ? 228 GLN A N     1 
ATOM   560  C CA    . GLN A 1 75  ? -14.166 -5.711  -6.303  1.00 37.95 ? 228 GLN A CA    1 
ATOM   561  C C     . GLN A 1 75  ? -15.084 -6.052  -5.121  1.00 37.05 ? 228 GLN A C     1 
ATOM   562  O O     . GLN A 1 75  ? -14.938 -5.497  -4.050  1.00 34.09 ? 228 GLN A O     1 
ATOM   563  C CB    . GLN A 1 75  ? -12.768 -6.320  -6.120  1.00 38.34 ? 228 GLN A CB    1 
ATOM   564  C CG    . GLN A 1 75  ? -12.766 -7.846  -6.042  1.00 38.97 ? 228 GLN A CG    1 
ATOM   565  C CD    . GLN A 1 75  ? -11.382 -8.430  -5.833  1.00 39.78 ? 228 GLN A CD    1 
ATOM   566  O OE1   . GLN A 1 75  ? -10.375 -7.759  -6.029  1.00 45.32 ? 228 GLN A OE1   1 
ATOM   567  N NE2   . GLN A 1 75  ? -11.327 -9.690  -5.457  1.00 38.60 ? 228 GLN A NE2   1 
ATOM   568  N N     . THR A 1 76  ? -16.074 -6.908  -5.347  1.00 35.79 ? 229 THR A N     1 
ATOM   569  C CA    . THR A 1 76  ? -16.911 -7.366  -4.250  1.00 38.73 ? 229 THR A CA    1 
ATOM   570  C C     . THR A 1 76  ? -16.810 -8.875  -4.077  1.00 35.85 ? 229 THR A C     1 
ATOM   571  O O     . THR A 1 76  ? -16.535 -9.617  -5.024  1.00 36.12 ? 229 THR A O     1 
ATOM   572  C CB    . THR A 1 76  ? -18.381 -6.954  -4.389  1.00 40.73 ? 229 THR A CB    1 
ATOM   573  O OG1   . THR A 1 76  ? -18.953 -7.611  -5.520  1.00 45.82 ? 229 THR A OG1   1 
ATOM   574  C CG2   . THR A 1 76  ? -18.497 -5.439  -4.526  1.00 43.28 ? 229 THR A CG2   1 
ATOM   575  N N     . ALA A 1 77  ? -17.021 -9.303  -2.841  1.00 33.82 ? 230 ALA A N     1 
ATOM   576  C CA    . ALA A 1 77  ? -17.063 -10.717 -2.517  1.00 32.35 ? 230 ALA A CA    1 
ATOM   577  C C     . ALA A 1 77  ? -17.822 -10.911 -1.223  1.00 32.04 ? 230 ALA A C     1 
ATOM   578  O O     . ALA A 1 77  ? -17.749 -10.075 -0.335  1.00 31.40 ? 230 ALA A O     1 
ATOM   579  C CB    . ALA A 1 77  ? -15.643 -11.271 -2.390  1.00 32.60 ? 230 ALA A CB    1 
ATOM   580  N N     . ASP A 1 78  ? -18.557 -12.014 -1.115  1.00 32.67 ? 231 ASP A N     1 
ATOM   581  C CA    . ASP A 1 78  ? -19.108 -12.419 0.173   1.00 35.69 ? 231 ASP A CA    1 
ATOM   582  C C     . ASP A 1 78  ? -17.935 -12.851 1.057   1.00 33.83 ? 231 ASP A C     1 
ATOM   583  O O     . ASP A 1 78  ? -17.133 -13.684 0.645   1.00 37.62 ? 231 ASP A O     1 
ATOM   584  C CB    . ASP A 1 78  ? -20.112 -13.571 0.027   1.00 36.96 ? 231 ASP A CB    1 
ATOM   585  C CG    . ASP A 1 78  ? -21.410 -13.157 -0.665  1.00 38.75 ? 231 ASP A CG    1 
ATOM   586  O OD1   . ASP A 1 78  ? -21.661 -11.944 -0.870  1.00 37.57 ? 231 ASP A OD1   1 
ATOM   587  O OD2   . ASP A 1 78  ? -22.192 -14.080 -1.003  1.00 41.25 ? 231 ASP A OD2   1 
ATOM   588  N N     . ARG A 1 79  ? -17.825 -12.281 2.250   1.00 33.27 ? 232 ARG A N     1 
ATOM   589  C CA    . ARG A 1 79  ? -16.666 -12.566 3.119   1.00 32.79 ? 232 ARG A CA    1 
ATOM   590  C C     . ARG A 1 79  ? -17.111 -12.667 4.554   1.00 28.88 ? 232 ARG A C     1 
ATOM   591  O O     . ARG A 1 79  ? -17.591 -11.690 5.115   1.00 27.30 ? 232 ARG A O     1 
ATOM   592  C CB    . ARG A 1 79  ? -15.538 -11.495 2.980   1.00 36.24 ? 232 ARG A CB    1 
ATOM   593  C CG    . ARG A 1 79  ? -14.566 -11.783 1.822   1.00 38.47 ? 232 ARG A CG    1 
ATOM   594  C CD    . ARG A 1 79  ? -13.082 -11.555 2.121   1.00 35.10 ? 232 ARG A CD    1 
ATOM   595  N NE    . ARG A 1 79  ? -12.518 -12.097 3.369   1.00 37.31 ? 232 ARG A NE    1 
ATOM   596  C CZ    . ARG A 1 79  ? -11.504 -11.548 4.058   1.00 36.42 ? 232 ARG A CZ    1 
ATOM   597  N NH1   . ARG A 1 79  ? -10.887 -10.387 3.704   1.00 41.92 ? 232 ARG A NH1   1 
ATOM   598  N NH2   . ARG A 1 79  ? -11.096 -12.132 5.156   1.00 44.01 ? 232 ARG A NH2   1 
ATOM   599  N N     . ALA A 1 80  ? -16.916 -13.838 5.159   1.00 27.88 ? 233 ALA A N     1 
ATOM   600  C CA    . ALA A 1 80  ? -17.101 -14.024 6.615   1.00 27.93 ? 233 ALA A CA    1 
ATOM   601  C C     . ALA A 1 80  ? -18.495 -13.529 7.110   1.00 26.61 ? 233 ALA A C     1 
ATOM   602  O O     . ALA A 1 80  ? -18.629 -12.863 8.145   1.00 28.14 ? 233 ALA A O     1 
ATOM   603  C CB    . ALA A 1 80  ? -15.971 -13.332 7.357   1.00 28.33 ? 233 ALA A CB    1 
ATOM   604  N N     . GLY A 1 81  ? -19.517 -13.827 6.316   1.00 26.37 ? 234 GLY A N     1 
ATOM   605  C CA    . GLY A 1 81  ? -20.894 -13.444 6.648   1.00 27.28 ? 234 GLY A CA    1 
ATOM   606  C C     . GLY A 1 81  ? -21.333 -12.076 6.146   1.00 31.10 ? 234 GLY A C     1 
ATOM   607  O O     . GLY A 1 81  ? -22.499 -11.711 6.327   1.00 29.15 ? 234 GLY A O     1 
ATOM   608  N N     . ILE A 1 82  ? -20.414 -11.320 5.526   1.00 29.48 ? 235 ILE A N     1 
ATOM   609  C CA    . ILE A 1 82  ? -20.719 -10.010 4.947   1.00 30.12 ? 235 ILE A CA    1 
ATOM   610  C C     . ILE A 1 82  ? -21.002 -10.176 3.466   1.00 32.45 ? 235 ILE A C     1 
ATOM   611  O O     . ILE A 1 82  ? -20.159 -10.651 2.677   1.00 30.29 ? 235 ILE A O     1 
ATOM   612  C CB    . ILE A 1 82  ? -19.608 -8.977  5.234   1.00 32.22 ? 235 ILE A CB    1 
ATOM   613  C CG1   . ILE A 1 82  ? -19.598 -8.731  6.745   1.00 32.02 ? 235 ILE A CG1   1 
ATOM   614  C CG2   . ILE A 1 82  ? -19.862 -7.642  4.505   1.00 32.66 ? 235 ILE A CG2   1 
ATOM   615  C CD1   . ILE A 1 82  ? -18.346 -8.077  7.226   1.00 38.34 ? 235 ILE A CD1   1 
ATOM   616  N N     . LYS A 1 83  ? -22.236 -9.836  3.100   1.00 30.95 ? 236 LYS A N     1 
ATOM   617  C CA    . LYS A 1 83  ? -22.653 -9.913  1.698   1.00 34.45 ? 236 LYS A CA    1 
ATOM   618  C C     . LYS A 1 83  ? -22.019 -8.738  0.976   1.00 30.98 ? 236 LYS A C     1 
ATOM   619  O O     . LYS A 1 83  ? -22.134 -7.622  1.444   1.00 29.48 ? 236 LYS A O     1 
ATOM   620  C CB    . LYS A 1 83  ? -24.182 -9.854  1.552   1.00 35.97 ? 236 LYS A CB    1 
ATOM   621  C CG    . LYS A 1 83  ? -24.606 -10.150 0.123   1.00 40.70 ? 236 LYS A CG    1 
ATOM   622  C CD    . LYS A 1 83  ? -26.079 -9.885  -0.121  1.00 43.51 ? 236 LYS A CD    1 
ATOM   623  C CE    . LYS A 1 83  ? -26.422 -10.022 -1.598  1.00 45.69 ? 236 LYS A CE    1 
ATOM   624  N NZ    . LYS A 1 83  ? -26.216 -11.414 -2.087  1.00 44.95 ? 236 LYS A NZ    1 
ATOM   625  N N     . ASP A 1 84  ? -21.336 -9.010  -0.133  1.00 33.10 ? 237 ASP A N     1 
ATOM   626  C CA    . ASP A 1 84  ? -20.721 -7.967  -0.976  1.00 35.18 ? 237 ASP A CA    1 
ATOM   627  C C     . ASP A 1 84  ? -19.812 -7.018  -0.200  1.00 35.62 ? 237 ASP A C     1 
ATOM   628  O O     . ASP A 1 84  ? -19.946 -5.779  -0.262  1.00 34.44 ? 237 ASP A O     1 
ATOM   629  C CB    . ASP A 1 84  ? -21.802 -7.152  -1.693  1.00 39.53 ? 237 ASP A CB    1 
ATOM   630  C CG    . ASP A 1 84  ? -22.693 -8.003  -2.564  1.00 40.96 ? 237 ASP A CG    1 
ATOM   631  O OD1   . ASP A 1 84  ? -22.195 -8.935  -3.197  1.00 42.12 ? 237 ASP A OD1   1 
ATOM   632  O OD2   . ASP A 1 84  ? -23.903 -7.720  -2.605  1.00 46.41 ? 237 ASP A OD2   1 
ATOM   633  N N     . ARG A 1 85  ? -18.887 -7.594  0.556   1.00 32.72 ? 238 ARG A N     1 
ATOM   634  C CA    . ARG A 1 85  ? -17.773 -6.813  1.045   1.00 31.37 ? 238 ARG A CA    1 
ATOM   635  C C     . ARG A 1 85  ? -17.065 -6.187  -0.161  1.00 27.15 ? 238 ARG A C     1 
ATOM   636  O O     . ARG A 1 85  ? -16.878 -6.831  -1.183  1.00 28.65 ? 238 ARG A O     1 
ATOM   637  C CB    . ARG A 1 85  ? -16.781 -7.666  1.836   1.00 30.37 ? 238 ARG A CB    1 
ATOM   638  C CG    . ARG A 1 85  ? -15.698 -6.788  2.449   1.00 29.45 ? 238 ARG A CG    1 
ATOM   639  C CD    . ARG A 1 85  ? -14.950 -7.500  3.537   1.00 28.79 ? 238 ARG A CD    1 
ATOM   640  N NE    . ARG A 1 85  ? -13.736 -6.791  3.918   1.00 28.68 ? 238 ARG A NE    1 
ATOM   641  C CZ    . ARG A 1 85  ? -12.871 -7.240  4.808   1.00 28.11 ? 238 ARG A CZ    1 
ATOM   642  N NH1   . ARG A 1 85  ? -13.118 -8.374  5.474   1.00 28.28 ? 238 ARG A NH1   1 
ATOM   643  N NH2   . ARG A 1 85  ? -11.750 -6.559  5.032   1.00 28.88 ? 238 ARG A NH2   1 
ATOM   644  N N     . VAL A 1 86  ? -16.703 -4.925  -0.016  1.00 29.83 ? 239 VAL A N     1 
ATOM   645  C CA    . VAL A 1 86  ? -16.110 -4.134  -1.094  1.00 29.82 ? 239 VAL A CA    1 
ATOM   646  C C     . VAL A 1 86  ? -14.609 -3.861  -0.864  1.00 29.71 ? 239 VAL A C     1 
ATOM   647  O O     . VAL A 1 86  ? -14.221 -3.289  0.176   1.00 29.54 ? 239 VAL A O     1 
ATOM   648  C CB    . VAL A 1 86  ? -16.824 -2.765  -1.205  1.00 32.85 ? 239 VAL A CB    1 
ATOM   649  C CG1   . VAL A 1 86  ? -16.305 -1.969  -2.396  1.00 33.58 ? 239 VAL A CG1   1 
ATOM   650  C CG2   . VAL A 1 86  ? -18.345 -2.950  -1.313  1.00 34.11 ? 239 VAL A CG2   1 
ATOM   651  N N     . TYR A 1 87  ? -13.810 -4.220  -1.866  1.00 30.39 ? 240 TYR A N     1 
ATOM   652  C CA    . TYR A 1 87  ? -12.397 -3.840  -1.944  1.00 31.44 ? 240 TYR A CA    1 
ATOM   653  C C     . TYR A 1 87  ? -12.305 -2.761  -3.038  1.00 32.62 ? 240 TYR A C     1 
ATOM   654  O O     . TYR A 1 87  ? -12.711 -2.976  -4.174  1.00 31.34 ? 240 TYR A O     1 
ATOM   655  C CB    . TYR A 1 87  ? -11.535 -5.060  -2.275  1.00 31.35 ? 240 TYR A CB    1 
ATOM   656  C CG    . TYR A 1 87  ? -11.685 -6.138  -1.209  1.00 33.50 ? 240 TYR A CG    1 
ATOM   657  C CD1   . TYR A 1 87  ? -10.885 -6.135  -0.083  1.00 33.10 ? 240 TYR A CD1   1 
ATOM   658  C CD2   . TYR A 1 87  ? -12.689 -7.095  -1.292  1.00 37.60 ? 240 TYR A CD2   1 
ATOM   659  C CE1   . TYR A 1 87  ? -11.044 -7.070  0.919   1.00 35.77 ? 240 TYR A CE1   1 
ATOM   660  C CE2   . TYR A 1 87  ? -12.854 -8.049  -0.295  1.00 38.31 ? 240 TYR A CE2   1 
ATOM   661  C CZ    . TYR A 1 87  ? -12.021 -8.024  0.803   1.00 38.61 ? 240 TYR A CZ    1 
ATOM   662  O OH    . TYR A 1 87  ? -12.152 -8.933  1.816   1.00 39.48 ? 240 TYR A OH    1 
ATOM   663  N N     . SER A 1 88  ? -11.811 -1.601  -2.652  1.00 32.70 ? 241 SER A N     1 
ATOM   664  C CA    . SER A 1 88  ? -11.721 -0.441  -3.536  1.00 33.86 ? 241 SER A CA    1 
ATOM   665  C C     . SER A 1 88  ? -10.269 0.050   -3.594  1.00 31.56 ? 241 SER A C     1 
ATOM   666  O O     . SER A 1 88  ? -9.528  -0.023  -2.597  1.00 31.67 ? 241 SER A O     1 
ATOM   667  C CB    . SER A 1 88  ? -12.671 0.678   -3.072  1.00 36.66 ? 241 SER A CB    1 
ATOM   668  O OG    . SER A 1 88  ? -12.834 1.625   -4.139  1.00 42.80 ? 241 SER A OG    1 
ATOM   669  N N     . ASN A 1 89  ? -9.837  0.520   -4.762  1.00 30.23 ? 242 ASN A N     1 
ATOM   670  C CA    . ASN A 1 89  ? -8.475  1.029   -4.912  1.00 29.59 ? 242 ASN A CA    1 
ATOM   671  C C     . ASN A 1 89  ? -8.480  2.301   -5.714  1.00 30.80 ? 242 ASN A C     1 
ATOM   672  O O     . ASN A 1 89  ? -9.345  2.511   -6.591  1.00 30.96 ? 242 ASN A O     1 
ATOM   673  C CB    . ASN A 1 89  ? -7.552  0.003   -5.548  1.00 29.30 ? 242 ASN A CB    1 
ATOM   674  C CG    . ASN A 1 89  ? -7.518  -1.301  -4.787  1.00 32.30 ? 242 ASN A CG    1 
ATOM   675  O OD1   . ASN A 1 89  ? -8.369  -2.182  -5.001  1.00 32.72 ? 242 ASN A OD1   1 
ATOM   676  N ND2   . ASN A 1 89  ? -6.545  -1.436  -3.871  1.00 30.96 ? 242 ASN A ND2   1 
ATOM   677  N N     . SER A 1 90  ? -7.507  3.145   -5.408  1.00 29.46 ? 243 SER A N     1 
ATOM   678  C CA    . SER A 1 90  ? -7.454  4.502   -5.928  1.00 28.94 ? 243 SER A CA    1 
ATOM   679  C C     . SER A 1 90  ? -6.267  4.681   -6.875  1.00 30.82 ? 243 SER A C     1 
ATOM   680  O O     . SER A 1 90  ? -5.167  4.183   -6.585  1.00 28.19 ? 243 SER A O     1 
ATOM   681  C CB    . SER A 1 90  ? -7.353  5.478   -4.755  1.00 29.22 ? 243 SER A CB    1 
ATOM   682  O OG    . SER A 1 90  ? -8.620  5.689   -4.150  1.00 29.92 ? 243 SER A OG    1 
ATOM   683  N N     . ILE A 1 91  ? -6.500  5.420   -7.974  1.00 31.13 ? 244 ILE A N     1 
ATOM   684  C CA    . ILE A 1 91  ? -5.491  5.754   -8.987  1.00 30.27 ? 244 ILE A CA    1 
ATOM   685  C C     . ILE A 1 91  ? -4.973  7.160   -8.732  1.00 30.08 ? 244 ILE A C     1 
ATOM   686  O O     . ILE A 1 91  ? -5.758  8.104   -8.537  1.00 29.21 ? 244 ILE A O     1 
ATOM   687  C CB    . ILE A 1 91  ? -6.042  5.676   -10.421 1.00 33.57 ? 244 ILE A CB    1 
ATOM   688  C CG1   . ILE A 1 91  ? -6.737  4.339   -10.670 1.00 37.34 ? 244 ILE A CG1   1 
ATOM   689  C CG2   . ILE A 1 91  ? -4.912  5.834   -11.436 1.00 34.35 ? 244 ILE A CG2   1 
ATOM   690  C CD1   . ILE A 1 91  ? -7.711  4.373   -11.843 1.00 40.62 ? 244 ILE A CD1   1 
ATOM   691  N N     . TYR A 1 92  ? -3.651  7.290   -8.716  1.00 27.91 ? 245 TYR A N     1 
ATOM   692  C CA    . TYR A 1 92  ? -3.005  8.557   -8.493  1.00 30.23 ? 245 TYR A CA    1 
ATOM   693  C C     . TYR A 1 92  ? -2.123  8.948   -9.692  1.00 30.97 ? 245 TYR A C     1 
ATOM   694  O O     . TYR A 1 92  ? -1.561  8.092   -10.362 1.00 31.12 ? 245 TYR A O     1 
ATOM   695  C CB    . TYR A 1 92  ? -2.177  8.507   -7.220  1.00 28.48 ? 245 TYR A CB    1 
ATOM   696  C CG    . TYR A 1 92  ? -3.022  8.504   -5.983  1.00 29.39 ? 245 TYR A CG    1 
ATOM   697  C CD1   . TYR A 1 92  ? -3.521  7.305   -5.452  1.00 29.30 ? 245 TYR A CD1   1 
ATOM   698  C CD2   . TYR A 1 92  ? -3.331  9.686   -5.337  1.00 30.25 ? 245 TYR A CD2   1 
ATOM   699  C CE1   . TYR A 1 92  ? -4.308  7.301   -4.317  1.00 30.65 ? 245 TYR A CE1   1 
ATOM   700  C CE2   . TYR A 1 92  ? -4.124  9.699   -4.197  1.00 29.65 ? 245 TYR A CE2   1 
ATOM   701  C CZ    . TYR A 1 92  ? -4.607  8.500   -3.687  1.00 31.15 ? 245 TYR A CZ    1 
ATOM   702  O OH    . TYR A 1 92  ? -5.388  8.515   -2.554  1.00 30.01 ? 245 TYR A OH    1 
ATOM   703  N N     . GLU A 1 93  ? -2.043  10.255  -9.943  1.00 34.31 ? 246 GLU A N     1 
ATOM   704  C CA    . GLU A 1 93  ? -1.084  10.830  -10.880 1.00 36.22 ? 246 GLU A CA    1 
ATOM   705  C C     . GLU A 1 93  ? 0.095   11.315  -10.070 1.00 33.64 ? 246 GLU A C     1 
ATOM   706  O O     . GLU A 1 93  ? -0.078  11.891  -9.004  1.00 32.64 ? 246 GLU A O     1 
ATOM   707  C CB    . GLU A 1 93  ? -1.723  11.995  -11.640 1.00 40.99 ? 246 GLU A CB    1 
ATOM   708  C CG    . GLU A 1 93  ? -2.898  11.547  -12.499 1.00 49.19 ? 246 GLU A CG    1 
ATOM   709  C CD    . GLU A 1 93  ? -3.314  12.569  -13.545 1.00 54.80 ? 246 GLU A CD    1 
ATOM   710  O OE1   . GLU A 1 93  ? -3.494  12.172  -14.711 1.00 68.32 ? 246 GLU A OE1   1 
ATOM   711  O OE2   . GLU A 1 93  ? -3.444  13.765  -13.219 1.00 56.11 ? 246 GLU A OE2   1 
ATOM   712  N N     . LEU A 1 94  ? 1.292   11.059  -10.560 1.00 31.49 ? 247 LEU A N     1 
ATOM   713  C CA    . LEU A 1 94  ? 2.515   11.569  -9.961  1.00 33.15 ? 247 LEU A CA    1 
ATOM   714  C C     . LEU A 1 94  ? 3.071   12.698  -10.838 1.00 36.70 ? 247 LEU A C     1 
ATOM   715  O O     . LEU A 1 94  ? 3.292   12.517  -12.041 1.00 34.32 ? 247 LEU A O     1 
ATOM   716  C CB    . LEU A 1 94  ? 3.507   10.430  -9.811  1.00 36.05 ? 247 LEU A CB    1 
ATOM   717  C CG    . LEU A 1 94  ? 2.854   9.340   -8.918  1.00 40.14 ? 247 LEU A CG    1 
ATOM   718  C CD1   . LEU A 1 94  ? 3.263   7.937   -9.258  1.00 46.20 ? 247 LEU A CD1   1 
ATOM   719  C CD2   . LEU A 1 94  ? 3.147   9.650   -7.466  1.00 43.71 ? 247 LEU A CD2   1 
ATOM   720  N N     . LEU A 1 95  ? 3.261   13.855  -10.227 1.00 35.62 ? 248 LEU A N     1 
ATOM   721  C CA    . LEU A 1 95  ? 3.752   15.031  -10.927 1.00 39.02 ? 248 LEU A CA    1 
ATOM   722  C C     . LEU A 1 95  ? 5.227   15.271  -10.625 1.00 40.69 ? 248 LEU A C     1 
ATOM   723  O O     . LEU A 1 95  ? 5.737   14.884  -9.572  1.00 39.33 ? 248 LEU A O     1 
ATOM   724  C CB    . LEU A 1 95  ? 2.931   16.243  -10.552 1.00 40.07 ? 248 LEU A CB    1 
ATOM   725  C CG    . LEU A 1 95  ? 1.413   16.045  -10.689 1.00 46.01 ? 248 LEU A CG    1 
ATOM   726  C CD1   . LEU A 1 95  ? 0.678   17.235  -10.080 1.00 49.74 ? 248 LEU A CD1   1 
ATOM   727  C CD2   . LEU A 1 95  ? 0.967   15.824  -12.130 1.00 45.89 ? 248 LEU A CD2   1 
ATOM   728  N N     . GLU A 1 96  ? 5.907   15.890  -11.584 1.00 38.56 ? 249 GLU A N     1 
ATOM   729  C CA    . GLU A 1 96  ? 7.305   16.234  -11.454 1.00 39.07 ? 249 GLU A CA    1 
ATOM   730  C C     . GLU A 1 96  ? 7.559   17.517  -12.254 1.00 42.06 ? 249 GLU A C     1 
ATOM   731  O O     . GLU A 1 96  ? 7.358   17.554  -13.469 1.00 36.85 ? 249 GLU A O     1 
ATOM   732  C CB    . GLU A 1 96  ? 8.159   15.100  -11.981 1.00 42.96 ? 249 GLU A CB    1 
ATOM   733  C CG    . GLU A 1 96  ? 9.652   15.297  -11.808 1.00 45.69 ? 249 GLU A CG    1 
ATOM   734  C CD    . GLU A 1 96  ? 10.418  14.168  -12.448 1.00 50.77 ? 249 GLU A CD    1 
ATOM   735  O OE1   . GLU A 1 96  ? 10.323  14.026  -13.682 1.00 59.48 ? 249 GLU A OE1   1 
ATOM   736  O OE2   . GLU A 1 96  ? 11.087  13.394  -11.731 1.00 54.30 ? 249 GLU A OE2   1 
ATOM   737  N N     . ASN A 1 97  ? 7.956   18.577  -11.550 1.00 45.80 ? 250 ASN A N     1 
ATOM   738  C CA    . ASN A 1 97  ? 8.090   19.924  -12.124 1.00 44.90 ? 250 ASN A CA    1 
ATOM   739  C C     . ASN A 1 97  ? 6.911   20.317  -13.005 1.00 41.99 ? 250 ASN A C     1 
ATOM   740  O O     . ASN A 1 97  ? 7.089   20.749  -14.141 1.00 44.81 ? 250 ASN A O     1 
ATOM   741  C CB    . ASN A 1 97  ? 9.421   20.032  -12.876 1.00 50.87 ? 250 ASN A CB    1 
ATOM   742  C CG    . ASN A 1 97  ? 10.620  19.748  -11.972 1.00 58.59 ? 250 ASN A CG    1 
ATOM   743  O OD1   . ASN A 1 97  ? 10.679  20.236  -10.839 1.00 61.45 ? 250 ASN A OD1   1 
ATOM   744  N ND2   . ASN A 1 97  ? 11.569  18.936  -12.454 1.00 62.47 ? 250 ASN A ND2   1 
ATOM   745  N N     . GLY A 1 98  ? 5.700   20.140  -12.489 1.00 35.21 ? 251 GLY A N     1 
ATOM   746  C CA    . GLY A 1 98  ? 4.472   20.476  -13.237 1.00 34.52 ? 251 GLY A CA    1 
ATOM   747  C C     . GLY A 1 98  ? 3.987   19.518  -14.343 1.00 34.96 ? 251 GLY A C     1 
ATOM   748  O O     . GLY A 1 98  ? 2.946   19.775  -14.963 1.00 35.20 ? 251 GLY A O     1 
ATOM   749  N N     . GLN A 1 99  ? 4.715   18.425  -14.586 1.00 34.73 ? 252 GLN A N     1 
ATOM   750  C CA    . GLN A 1 99  ? 4.336   17.398  -15.605 1.00 32.88 ? 252 GLN A CA    1 
ATOM   751  C C     . GLN A 1 99  ? 3.827   16.111  -14.936 1.00 32.70 ? 252 GLN A C     1 
ATOM   752  O O     . GLN A 1 99  ? 4.433   15.664  -13.968 1.00 30.79 ? 252 GLN A O     1 
ATOM   753  C CB    . GLN A 1 99  ? 5.561   16.988  -16.409 1.00 33.17 ? 252 GLN A CB    1 
ATOM   754  C CG    . GLN A 1 99  ? 6.220   18.101  -17.203 1.00 37.08 ? 252 GLN A CG    1 
ATOM   755  C CD    . GLN A 1 99  ? 5.253   18.676  -18.194 1.00 35.02 ? 252 GLN A CD    1 
ATOM   756  O OE1   . GLN A 1 99  ? 4.710   17.948  -19.024 1.00 34.95 ? 252 GLN A OE1   1 
ATOM   757  N NE2   . GLN A 1 99  ? 4.989   19.966  -18.089 1.00 36.12 ? 252 GLN A NE2   1 
ATOM   758  N N     . ARG A 1 100 ? 2.770   15.538  -15.505 1.00 32.65 ? 253 ARG A N     1 
ATOM   759  C CA    . ARG A 1 100 ? 2.308   14.170  -15.226 1.00 34.25 ? 253 ARG A CA    1 
ATOM   760  C C     . ARG A 1 100 ? 3.407   13.219  -15.648 1.00 33.48 ? 253 ARG A C     1 
ATOM   761  O O     . ARG A 1 100 ? 3.711   13.075  -16.834 1.00 31.76 ? 253 ARG A O     1 
ATOM   762  C CB    . ARG A 1 100 ? 1.011   13.858  -15.979 1.00 36.30 ? 253 ARG A CB    1 
ATOM   763  C CG    . ARG A 1 100 ? -0.189  14.668  -15.511 1.00 45.13 ? 253 ARG A CG    1 
ATOM   764  C CD    . ARG A 1 100 ? -1.427  14.579  -16.418 1.00 50.47 ? 253 ARG A CD    1 
ATOM   765  N NE    . ARG A 1 100 ? -1.711  13.198  -16.809 1.00 56.96 ? 253 ARG A NE    1 
ATOM   766  C CZ    . ARG A 1 100 ? -1.498  12.660  -18.018 1.00 62.62 ? 253 ARG A CZ    1 
ATOM   767  N NH1   . ARG A 1 100 ? -1.792  11.374  -18.220 1.00 62.25 ? 253 ARG A NH1   1 
ATOM   768  N NH2   . ARG A 1 100 ? -1.010  13.377  -19.039 1.00 63.99 ? 253 ARG A NH2   1 
ATOM   769  N N     . ALA A 1 101 ? 4.030   12.612  -14.657 1.00 30.49 ? 254 ALA A N     1 
ATOM   770  C CA    . ALA A 1 101 ? 5.186   11.749  -14.839 1.00 34.36 ? 254 ALA A CA    1 
ATOM   771  C C     . ALA A 1 101 ? 4.880   10.243  -14.713 1.00 37.48 ? 254 ALA A C     1 
ATOM   772  O O     . ALA A 1 101 ? 5.648   9.421   -15.186 1.00 38.38 ? 254 ALA A O     1 
ATOM   773  C CB    . ALA A 1 101 ? 6.246   12.141  -13.825 1.00 35.70 ? 254 ALA A CB    1 
ATOM   774  N N     . GLY A 1 102 ? 3.771   9.892   -14.063 1.00 36.43 ? 255 GLY A N     1 
ATOM   775  C CA    . GLY A 1 102 ? 3.437   8.491   -13.787 1.00 35.69 ? 255 GLY A CA    1 
ATOM   776  C C     . GLY A 1 102 ? 2.012   8.407   -13.314 1.00 34.36 ? 255 GLY A C     1 
ATOM   777  O O     . GLY A 1 102 ? 1.469   9.374   -12.761 1.00 34.56 ? 255 GLY A O     1 
ATOM   778  N N     . THR A 1 103 ? 1.377   7.289   -13.600 1.00 33.39 ? 256 THR A N     1 
ATOM   779  C CA    . THR A 1 103 ? 0.021   7.039   -13.161 1.00 35.12 ? 256 THR A CA    1 
ATOM   780  C C     . THR A 1 103 ? 0.007   5.625   -12.591 1.00 34.37 ? 256 THR A C     1 
ATOM   781  O O     . THR A 1 103 ? 0.480   4.679   -13.236 1.00 33.33 ? 256 THR A O     1 
ATOM   782  C CB    . THR A 1 103 ? -0.986  7.198   -14.298 1.00 36.51 ? 256 THR A CB    1 
ATOM   783  O OG1   . THR A 1 103 ? -0.784  8.471   -14.891 1.00 39.01 ? 256 THR A OG1   1 
ATOM   784  C CG2   . THR A 1 103 ? -2.430  7.147   -13.784 1.00 36.66 ? 256 THR A CG2   1 
ATOM   785  N N     . CYS A 1 104 ? -0.498  5.488   -11.367 1.00 32.24 ? 257 CYS A N     1 
ATOM   786  C CA    . CYS A 1 104 ? -0.567  4.162   -10.736 1.00 32.04 ? 257 CYS A CA    1 
ATOM   787  C C     . CYS A 1 104 ? -1.592  4.039   -9.621  1.00 29.74 ? 257 CYS A C     1 
ATOM   788  O O     . CYS A 1 104 ? -2.086  5.045   -9.034  1.00 28.44 ? 257 CYS A O     1 
ATOM   789  C CB    . CYS A 1 104 ? 0.805   3.720   -10.235 1.00 34.80 ? 257 CYS A CB    1 
ATOM   790  S SG    . CYS A 1 104 ? 1.383   4.673   -8.829  1.00 37.87 ? 257 CYS A SG    1 
ATOM   791  N N     . VAL A 1 105 ? -1.921  2.782   -9.351  1.00 29.01 ? 258 VAL A N     1 
ATOM   792  C CA    . VAL A 1 105 ? -2.768  2.458   -8.219  1.00 29.76 ? 258 VAL A CA    1 
ATOM   793  C C     . VAL A 1 105 ? -1.840  2.356   -7.006  1.00 28.27 ? 258 VAL A C     1 
ATOM   794  O O     . VAL A 1 105 ? -0.805  1.674   -7.015  1.00 28.44 ? 258 VAL A O     1 
ATOM   795  C CB    . VAL A 1 105 ? -3.856  1.347   -8.491  1.00 36.32 ? 258 VAL A CB    1 
ATOM   796  C CG1   . VAL A 1 105 ? -3.853  0.817   -9.913  1.00 34.77 ? 258 VAL A CG1   1 
ATOM   797  C CG2   . VAL A 1 105 ? -3.945  0.277   -7.422  1.00 38.93 ? 258 VAL A CG2   1 
ATOM   798  N N     . LEU A 1 106 ? -2.157  3.180   -6.021  1.00 28.54 ? 259 LEU A N     1 
ATOM   799  C CA    . LEU A 1 106 ? -1.244  3.539   -4.973  1.00 27.91 ? 259 LEU A CA    1 
ATOM   800  C C     . LEU A 1 106 ? -2.012  3.618   -3.675  1.00 27.47 ? 259 LEU A C     1 
ATOM   801  O O     . LEU A 1 106 ? -3.120  4.144   -3.639  1.00 27.22 ? 259 LEU A O     1 
ATOM   802  C CB    . LEU A 1 106 ? -0.638  4.901   -5.278  1.00 31.23 ? 259 LEU A CB    1 
ATOM   803  C CG    . LEU A 1 106 ? 0.478   5.425   -4.392  1.00 31.81 ? 259 LEU A CG    1 
ATOM   804  C CD1   . LEU A 1 106 ? 1.716   4.546   -4.444  1.00 29.82 ? 259 LEU A CD1   1 
ATOM   805  C CD2   . LEU A 1 106 ? 0.816   6.838   -4.885  1.00 31.81 ? 259 LEU A CD2   1 
ATOM   806  N N     . GLU A 1 107 ? -1.399  3.116   -2.615  1.00 27.33 ? 260 GLU A N     1 
ATOM   807  C CA    . GLU A 1 107 ? -1.980  3.166   -1.280  1.00 27.18 ? 260 GLU A CA    1 
ATOM   808  C C     . GLU A 1 107 ? -0.938  2.864   -0.204  1.00 25.36 ? 260 GLU A C     1 
ATOM   809  O O     . GLU A 1 107 ? 0.128   2.337   -0.486  1.00 27.11 ? 260 GLU A O     1 
ATOM   810  C CB    . GLU A 1 107 ? -3.125  2.173   -1.148  1.00 28.15 ? 260 GLU A CB    1 
ATOM   811  C CG    . GLU A 1 107 ? -2.730  0.718   -1.378  1.00 27.76 ? 260 GLU A CG    1 
ATOM   812  C CD    . GLU A 1 107 ? -3.933  -0.157  -1.609  1.00 32.72 ? 260 GLU A CD    1 
ATOM   813  O OE1   . GLU A 1 107 ? -4.714  0.179   -2.535  1.00 33.67 ? 260 GLU A OE1   1 
ATOM   814  O OE2   . GLU A 1 107 ? -4.102  -1.174  -0.880  1.00 33.00 ? 260 GLU A OE2   1 
ATOM   815  N N     . TYR A 1 108 ? -1.268  3.210   1.034   1.00 24.30 ? 261 TYR A N     1 
ATOM   816  C CA    . TYR A 1 108 ? -0.444  2.824   2.167   1.00 24.16 ? 261 TYR A CA    1 
ATOM   817  C C     . TYR A 1 108 ? -0.805  1.413   2.625   1.00 24.20 ? 261 TYR A C     1 
ATOM   818  O O     . TYR A 1 108 ? -1.962  0.965   2.470   1.00 24.35 ? 261 TYR A O     1 
ATOM   819  C CB    . TYR A 1 108 ? -0.647  3.766   3.328   1.00 24.16 ? 261 TYR A CB    1 
ATOM   820  C CG    . TYR A 1 108 ? -0.011  5.089   3.151   1.00 24.84 ? 261 TYR A CG    1 
ATOM   821  C CD1   . TYR A 1 108 ? 1.346   5.270   3.413   1.00 25.52 ? 261 TYR A CD1   1 
ATOM   822  C CD2   . TYR A 1 108 ? -0.762  6.191   2.764   1.00 29.40 ? 261 TYR A CD2   1 
ATOM   823  C CE1   . TYR A 1 108 ? 1.942   6.499   3.288   1.00 28.19 ? 261 TYR A CE1   1 
ATOM   824  C CE2   . TYR A 1 108 ? -0.172  7.450   2.641   1.00 31.05 ? 261 TYR A CE2   1 
ATOM   825  C CZ    . TYR A 1 108 ? 1.181   7.600   2.901   1.00 29.71 ? 261 TYR A CZ    1 
ATOM   826  O OH    . TYR A 1 108 ? 1.767   8.833   2.776   1.00 30.74 ? 261 TYR A OH    1 
ATOM   827  N N     . ALA A 1 109 ? 0.179   0.736   3.210   1.00 23.46 ? 262 ALA A N     1 
ATOM   828  C CA    . ALA A 1 109 ? -0.083  -0.505  3.965   1.00 24.53 ? 262 ALA A CA    1 
ATOM   829  C C     . ALA A 1 109 ? -0.800  -0.229  5.299   1.00 25.02 ? 262 ALA A C     1 
ATOM   830  O O     . ALA A 1 109 ? -0.193  0.176   6.295   1.00 25.91 ? 262 ALA A O     1 
ATOM   831  C CB    . ALA A 1 109 ? 1.194   -1.283  4.200   1.00 23.17 ? 262 ALA A CB    1 
ATOM   832  N N     . THR A 1 110 ? -2.089  -0.532  5.304   1.00 26.10 ? 263 THR A N     1 
ATOM   833  C CA    A THR A 1 110 ? -2.974  -0.270  6.430   0.50 25.41 ? 263 THR A CA    1 
ATOM   834  C CA    B THR A 1 110 ? -2.956  -0.233  6.445   0.50 27.60 ? 263 THR A CA    1 
ATOM   835  C C     . THR A 1 110 ? -2.495  -0.847  7.787   1.00 26.49 ? 263 THR A C     1 
ATOM   836  O O     . THR A 1 110 ? -2.638  -0.190  8.820   1.00 26.84 ? 263 THR A O     1 
ATOM   837  C CB    A THR A 1 110 ? -4.399  -0.762  6.075   0.50 24.36 ? 263 THR A CB    1 
ATOM   838  C CB    B THR A 1 110 ? -4.469  -0.516  6.145   0.50 29.17 ? 263 THR A CB    1 
ATOM   839  O OG1   A THR A 1 110 ? -4.318  -2.041  5.427   0.50 26.15 ? 263 THR A OG1   1 
ATOM   840  O OG1   B THR A 1 110 ? -5.279  0.221   7.062   0.50 32.17 ? 263 THR A OG1   1 
ATOM   841  C CG2   A THR A 1 110 ? -5.045  0.171   5.115   0.50 22.02 ? 263 THR A CG2   1 
ATOM   842  C CG2   B THR A 1 110 ? -4.843  -1.996  6.273   0.50 31.30 ? 263 THR A CG2   1 
ATOM   843  N N     . PRO A 1 111 ? -1.874  -2.061  7.789   1.00 24.51 ? 264 PRO A N     1 
ATOM   844  C CA    . PRO A 1 111 ? -1.399  -2.578  9.085   1.00 25.40 ? 264 PRO A CA    1 
ATOM   845  C C     . PRO A 1 111 ? -0.432  -1.665  9.846   1.00 24.79 ? 264 PRO A C     1 
ATOM   846  O O     . PRO A 1 111 ? -0.309  -1.765  11.081  1.00 21.22 ? 264 PRO A O     1 
ATOM   847  C CB    . PRO A 1 111 ? -0.681  -3.869  8.705   1.00 26.09 ? 264 PRO A CB    1 
ATOM   848  C CG    . PRO A 1 111 ? -1.391  -4.331  7.469   1.00 25.25 ? 264 PRO A CG    1 
ATOM   849  C CD    . PRO A 1 111 ? -1.603  -3.043  6.724   1.00 25.69 ? 264 PRO A CD    1 
ATOM   850  N N     . LEU A 1 112 ? 0.267   -0.812  9.114   1.00 23.68 ? 265 LEU A N     1 
ATOM   851  C CA    . LEU A 1 112 ? 1.153   0.130   9.757   1.00 24.89 ? 265 LEU A CA    1 
ATOM   852  C C     . LEU A 1 112 ? 0.386   1.091   10.697  1.00 27.25 ? 265 LEU A C     1 
ATOM   853  O O     . LEU A 1 112 ? 0.971   1.534   11.680  1.00 26.85 ? 265 LEU A O     1 
ATOM   854  C CB    . LEU A 1 112 ? 2.002   0.856   8.745   1.00 25.88 ? 265 LEU A CB    1 
ATOM   855  C CG    . LEU A 1 112 ? 2.919   -0.025  7.877   1.00 28.04 ? 265 LEU A CG    1 
ATOM   856  C CD1   . LEU A 1 112 ? 3.612   0.882   6.866   1.00 30.09 ? 265 LEU A CD1   1 
ATOM   857  C CD2   . LEU A 1 112 ? 3.936   -0.828  8.694   1.00 27.34 ? 265 LEU A CD2   1 
ATOM   858  N N     . GLN A 1 113 ? -0.917  1.323   10.445  1.00 27.68 ? 266 GLN A N     1 
ATOM   859  C CA    . GLN A 1 113 ? -1.770  2.076   11.365  1.00 28.50 ? 266 GLN A CA    1 
ATOM   860  C C     . GLN A 1 113 ? -2.049  1.329   12.668  1.00 30.77 ? 266 GLN A C     1 
ATOM   861  O O     . GLN A 1 113 ? -2.212  1.950   13.732  1.00 27.60 ? 266 GLN A O     1 
ATOM   862  C CB    . GLN A 1 113 ? -3.078  2.450   10.689  1.00 30.22 ? 266 GLN A CB    1 
ATOM   863  C CG    . GLN A 1 113 ? -2.913  3.470   9.587   1.00 30.85 ? 266 GLN A CG    1 
ATOM   864  C CD    . GLN A 1 113 ? -4.267  3.983   9.091   1.00 33.49 ? 266 GLN A CD    1 
ATOM   865  O OE1   . GLN A 1 113 ? -5.195  3.219   8.965   1.00 34.85 ? 266 GLN A OE1   1 
ATOM   866  N NE2   . GLN A 1 113 ? -4.352  5.261   8.767   1.00 32.62 ? 266 GLN A NE2   1 
ATOM   867  N N     . THR A 1 114 ? -2.073  -0.008  12.605  1.00 27.02 ? 267 THR A N     1 
ATOM   868  C CA    . THR A 1 114 ? -2.209  -0.810  13.798  1.00 25.87 ? 267 THR A CA    1 
ATOM   869  C C     . THR A 1 114 ? -0.954  -0.721  14.625  1.00 26.51 ? 267 THR A C     1 
ATOM   870  O O     . THR A 1 114 ? -1.046  -0.552  15.834  1.00 27.06 ? 267 THR A O     1 
ATOM   871  C CB    . THR A 1 114 ? -2.631  -2.289  13.518  1.00 26.19 ? 267 THR A CB    1 
ATOM   872  O OG1   . THR A 1 114 ? -4.006  -2.312  13.162  1.00 23.86 ? 267 THR A OG1   1 
ATOM   873  C CG2   . THR A 1 114 ? -2.451  -3.185  14.737  1.00 28.20 ? 267 THR A CG2   1 
ATOM   874  N N     . LEU A 1 115 ? 0.220   -0.841  14.002  1.00 24.64 ? 268 LEU A N     1 
ATOM   875  C CA    . LEU A 1 115 ? 1.438   -0.680  14.754  1.00 24.13 ? 268 LEU A CA    1 
ATOM   876  C C     . LEU A 1 115 ? 1.461   0.691   15.443  1.00 24.48 ? 268 LEU A C     1 
ATOM   877  O O     . LEU A 1 115 ? 1.838   0.793   16.620  1.00 24.65 ? 268 LEU A O     1 
ATOM   878  C CB    . LEU A 1 115 ? 2.683   -0.846  13.896  1.00 24.30 ? 268 LEU A CB    1 
ATOM   879  C CG    . LEU A 1 115 ? 2.888   -2.236  13.275  1.00 25.64 ? 268 LEU A CG    1 
ATOM   880  C CD1   . LEU A 1 115 ? 4.088   -2.140  12.355  1.00 27.96 ? 268 LEU A CD1   1 
ATOM   881  C CD2   . LEU A 1 115 ? 3.091   -3.305  14.332  1.00 26.77 ? 268 LEU A CD2   1 
ATOM   882  N N     . PHE A 1 116 ? 1.128   1.733   14.690  1.00 23.51 ? 269 PHE A N     1 
ATOM   883  C CA    . PHE A 1 116 ? 1.163   3.075   15.257  1.00 24.99 ? 269 PHE A CA    1 
ATOM   884  C C     . PHE A 1 116 ? 0.216   3.152   16.453  1.00 24.48 ? 269 PHE A C     1 
ATOM   885  O O     . PHE A 1 116 ? 0.633   3.533   17.557  1.00 25.31 ? 269 PHE A O     1 
ATOM   886  C CB    . PHE A 1 116 ? 0.865   4.147   14.219  1.00 27.32 ? 269 PHE A CB    1 
ATOM   887  C CG    . PHE A 1 116 ? 1.142   5.529   14.724  1.00 31.76 ? 269 PHE A CG    1 
ATOM   888  C CD1   . PHE A 1 116 ? 2.388   6.117   14.521  1.00 35.03 ? 269 PHE A CD1   1 
ATOM   889  C CD2   . PHE A 1 116 ? 0.190   6.209   15.491  1.00 36.92 ? 269 PHE A CD2   1 
ATOM   890  C CE1   . PHE A 1 116 ? 2.673   7.388   15.029  1.00 34.94 ? 269 PHE A CE1   1 
ATOM   891  C CE2   . PHE A 1 116 ? 0.479   7.478   16.021  1.00 37.54 ? 269 PHE A CE2   1 
ATOM   892  C CZ    . PHE A 1 116 ? 1.727   8.046   15.796  1.00 35.68 ? 269 PHE A CZ    1 
ATOM   893  N N     . ALA A 1 117 ? -1.027  2.713   16.270  1.00 25.05 ? 270 ALA A N     1 
ATOM   894  C CA    . ALA A 1 117 ? -2.023  2.805   17.335  1.00 27.03 ? 270 ALA A CA    1 
ATOM   895  C C     . ALA A 1 117 ? -1.690  1.986   18.557  1.00 29.17 ? 270 ALA A C     1 
ATOM   896  O O     . ALA A 1 117 ? -1.842  2.465   19.709  1.00 24.74 ? 270 ALA A O     1 
ATOM   897  C CB    . ALA A 1 117 ? -3.407  2.448   16.830  1.00 26.50 ? 270 ALA A CB    1 
ATOM   898  N N     . MET A 1 118 ? -1.215  0.763   18.328  1.00 26.09 ? 271 MET A N     1 
ATOM   899  C CA    . MET A 1 118 ? -0.782  -0.093  19.421  1.00 26.13 ? 271 MET A CA    1 
ATOM   900  C C     . MET A 1 118 ? 0.286   0.573   20.219  1.00 28.70 ? 271 MET A C     1 
ATOM   901  O O     . MET A 1 118 ? 0.285   0.461   21.450  1.00 29.49 ? 271 MET A O     1 
ATOM   902  C CB    . MET A 1 118 ? -0.208  -1.440  18.926  1.00 25.33 ? 271 MET A CB    1 
ATOM   903  C CG    . MET A 1 118 ? -1.295  -2.357  18.459  1.00 26.64 ? 271 MET A CG    1 
ATOM   904  S SD    . MET A 1 118 ? -0.722  -4.000  17.934  1.00 27.45 ? 271 MET A SD    1 
ATOM   905  C CE    . MET A 1 118 ? -0.558  -4.899  19.470  1.00 25.59 ? 271 MET A CE    1 
ATOM   906  N N     . SER A 1 119 ? 1.198   1.267   19.542  1.00 25.58 ? 272 SER A N     1 
ATOM   907  C CA    . SER A 1 119 ? 2.250   1.933   20.275  1.00 27.91 ? 272 SER A CA    1 
ATOM   908  C C     . SER A 1 119 ? 1.731   3.088   21.181  1.00 29.72 ? 272 SER A C     1 
ATOM   909  O O     . SER A 1 119 ? 2.435   3.503   22.077  1.00 31.33 ? 272 SER A O     1 
ATOM   910  C CB    . SER A 1 119 ? 3.337   2.423   19.333  1.00 29.36 ? 272 SER A CB    1 
ATOM   911  O OG    . SER A 1 119 ? 2.940   3.621   18.722  1.00 26.23 ? 272 SER A OG    1 
ATOM   912  N N     . GLN A 1 120 ? 0.521   3.592   20.935  1.00 29.27 ? 273 GLN A N     1 
ATOM   913  C CA    . GLN A 1 120 ? -0.077  4.681   21.739  1.00 32.19 ? 273 GLN A CA    1 
ATOM   914  C C     . GLN A 1 120 ? -1.002  4.216   22.889  1.00 32.17 ? 273 GLN A C     1 
ATOM   915  O O     . GLN A 1 120 ? -1.337  5.000   23.763  1.00 30.55 ? 273 GLN A O     1 
ATOM   916  C CB    . GLN A 1 120 ? -0.887  5.595   20.819  1.00 34.60 ? 273 GLN A CB    1 
ATOM   917  C CG    . GLN A 1 120 ? -0.075  6.197   19.696  1.00 38.04 ? 273 GLN A CG    1 
ATOM   918  C CD    . GLN A 1 120 ? -0.520  7.590   19.284  1.00 49.20 ? 273 GLN A CD    1 
ATOM   919  O OE1   . GLN A 1 120 ? -1.720  7.863   19.120  1.00 54.42 ? 273 GLN A OE1   1 
ATOM   920  N NE2   . GLN A 1 120 ? 0.456   8.495   19.110  1.00 54.53 ? 273 GLN A NE2   1 
ATOM   921  N N     . TYR A 1 121 ? -1.460  2.967   22.852  1.00 28.80 ? 274 TYR A N     1 
ATOM   922  C CA    . TYR A 1 121 ? -2.417  2.446   23.817  1.00 28.52 ? 274 TYR A CA    1 
ATOM   923  C C     . TYR A 1 121 ? -1.668  1.657   24.863  1.00 29.68 ? 274 TYR A C     1 
ATOM   924  O O     . TYR A 1 121 ? -0.995  0.665   24.535  1.00 30.30 ? 274 TYR A O     1 
ATOM   925  C CB    . TYR A 1 121 ? -3.408  1.491   23.147  1.00 32.74 ? 274 TYR A CB    1 
ATOM   926  C CG    . TYR A 1 121 ? -4.568  2.090   22.403  1.00 37.59 ? 274 TYR A CG    1 
ATOM   927  C CD1   . TYR A 1 121 ? -4.663  1.972   21.016  1.00 38.52 ? 274 TYR A CD1   1 
ATOM   928  C CD2   . TYR A 1 121 ? -5.645  2.666   23.088  1.00 43.69 ? 274 TYR A CD2   1 
ATOM   929  C CE1   . TYR A 1 121 ? -5.744  2.477   20.325  1.00 40.33 ? 274 TYR A CE1   1 
ATOM   930  C CE2   . TYR A 1 121 ? -6.742  3.173   22.405  1.00 44.12 ? 274 TYR A CE2   1 
ATOM   931  C CZ    . TYR A 1 121 ? -6.782  3.083   21.018  1.00 43.19 ? 274 TYR A CZ    1 
ATOM   932  O OH    . TYR A 1 121 ? -7.860  3.569   20.318  1.00 42.22 ? 274 TYR A OH    1 
ATOM   933  N N     . SER A 1 122 ? -1.808  2.046   26.126  1.00 28.05 ? 275 SER A N     1 
ATOM   934  C CA    . SER A 1 122 ? -1.070  1.392   27.218  1.00 31.20 ? 275 SER A CA    1 
ATOM   935  C C     . SER A 1 122 ? -1.414  -0.107  27.317  1.00 30.28 ? 275 SER A C     1 
ATOM   936  O O     . SER A 1 122 ? -0.539  -0.908  27.547  1.00 35.44 ? 275 SER A O     1 
ATOM   937  C CB    . SER A 1 122 ? -1.344  2.100   28.560  1.00 33.15 ? 275 SER A CB    1 
ATOM   938  O OG    . SER A 1 122 ? -2.728  2.288   28.707  1.00 39.10 ? 275 SER A OG    1 
ATOM   939  N N     . GLN A 1 123 ? -2.674  -0.473  27.080  1.00 33.20 ? 276 GLN A N     1 
ATOM   940  C CA    . GLN A 1 123 ? -3.131  -1.867  27.239  1.00 38.67 ? 276 GLN A CA    1 
ATOM   941  C C     . GLN A 1 123 ? -2.545  -2.826  26.160  1.00 39.47 ? 276 GLN A C     1 
ATOM   942  O O     . GLN A 1 123 ? -2.598  -4.044  26.320  1.00 33.80 ? 276 GLN A O     1 
ATOM   943  C CB    . GLN A 1 123 ? -4.676  -1.915  27.238  1.00 45.99 ? 276 GLN A CB    1 
ATOM   944  C CG    . GLN A 1 123 ? -5.323  -3.114  27.934  1.00 55.31 ? 276 GLN A CG    1 
ATOM   945  C CD    . GLN A 1 123 ? -6.840  -3.299  27.677  1.00 61.69 ? 276 GLN A CD    1 
ATOM   946  O OE1   . GLN A 1 123 ? -7.368  -4.393  27.895  1.00 65.91 ? 276 GLN A OE1   1 
ATOM   947  N NE2   . GLN A 1 123 ? -7.539  -2.246  27.233  1.00 60.47 ? 276 GLN A NE2   1 
ATOM   948  N N     . ALA A 1 124 ? -1.973  -2.272  25.084  1.00 34.58 ? 277 ALA A N     1 
ATOM   949  C CA    . ALA A 1 124 ? -1.471  -3.063  23.975  1.00 32.12 ? 277 ALA A CA    1 
ATOM   950  C C     . ALA A 1 124 ? -0.094  -3.653  24.220  1.00 38.20 ? 277 ALA A C     1 
ATOM   951  O O     . ALA A 1 124 ? 0.334   -4.566  23.485  1.00 36.54 ? 277 ALA A O     1 
ATOM   952  C CB    . ALA A 1 124 ? -1.489  -2.236  22.719  1.00 30.52 ? 277 ALA A CB    1 
ATOM   953  N N     . GLY A 1 125 ? 0.595   -3.155  25.243  1.00 39.72 ? 278 GLY A N     1 
ATOM   954  C CA    . GLY A 1 125 ? 1.898   -3.682  25.636  1.00 40.81 ? 278 GLY A CA    1 
ATOM   955  C C     . GLY A 1 125 ? 2.966   -3.524  24.556  1.00 40.84 ? 278 GLY A C     1 
ATOM   956  O O     . GLY A 1 125 ? 3.801   -4.400  24.349  1.00 45.80 ? 278 GLY A O     1 
ATOM   957  N N     . PHE A 1 126 ? 2.935   -2.398  23.862  1.00 39.02 ? 279 PHE A N     1 
ATOM   958  C CA    . PHE A 1 126 ? 3.754   -2.185  22.677  1.00 38.42 ? 279 PHE A CA    1 
ATOM   959  C C     . PHE A 1 126 ? 4.476   -0.858  22.908  1.00 39.63 ? 279 PHE A C     1 
ATOM   960  O O     . PHE A 1 126 ? 3.871   0.202   22.890  1.00 33.69 ? 279 PHE A O     1 
ATOM   961  C CB    . PHE A 1 126 ? 2.823   -2.134  21.461  1.00 39.80 ? 279 PHE A CB    1 
ATOM   962  C CG    . PHE A 1 126 ? 3.512   -2.096  20.106  1.00 42.47 ? 279 PHE A CG    1 
ATOM   963  C CD1   . PHE A 1 126 ? 3.195   -3.050  19.130  1.00 44.37 ? 279 PHE A CD1   1 
ATOM   964  C CD2   . PHE A 1 126 ? 4.383   -1.073  19.765  1.00 40.57 ? 279 PHE A CD2   1 
ATOM   965  C CE1   . PHE A 1 126 ? 3.769   -2.989  17.869  1.00 45.90 ? 279 PHE A CE1   1 
ATOM   966  C CE2   . PHE A 1 126 ? 4.964   -1.003  18.506  1.00 43.64 ? 279 PHE A CE2   1 
ATOM   967  C CZ    . PHE A 1 126 ? 4.658   -1.961  17.557  1.00 46.64 ? 279 PHE A CZ    1 
ATOM   968  N N     . SER A 1 127 ? 5.783   -0.901  23.084  1.00 37.69 ? 280 SER A N     1 
ATOM   969  C CA    . SER A 1 127 ? 6.493   0.335   23.342  1.00 39.32 ? 280 SER A CA    1 
ATOM   970  C C     . SER A 1 127 ? 6.558   1.277   22.095  1.00 39.27 ? 280 SER A C     1 
ATOM   971  O O     . SER A 1 127 ? 6.764   0.840   20.962  1.00 34.68 ? 280 SER A O     1 
ATOM   972  C CB    . SER A 1 127 ? 7.866   0.021   23.930  1.00 42.30 ? 280 SER A CB    1 
ATOM   973  O OG    . SER A 1 127 ? 8.756   1.050   23.591  1.00 47.14 ? 280 SER A OG    1 
ATOM   974  N N     . ARG A 1 128 ? 6.349   2.573   22.318  1.00 35.56 ? 281 ARG A N     1 
ATOM   975  C CA    . ARG A 1 128 ? 6.520   3.616   21.291  1.00 40.80 ? 281 ARG A CA    1 
ATOM   976  C C     . ARG A 1 128 ? 7.856   3.554   20.521  1.00 40.16 ? 281 ARG A C     1 
ATOM   977  O O     . ARG A 1 128 ? 7.909   3.754   19.296  1.00 39.33 ? 281 ARG A O     1 
ATOM   978  C CB    . ARG A 1 128 ? 6.368   4.986   21.945  1.00 47.99 ? 281 ARG A CB    1 
ATOM   979  C CG    . ARG A 1 128 ? 6.346   6.157   20.967  1.00 58.76 ? 281 ARG A CG    1 
ATOM   980  C CD    . ARG A 1 128 ? 7.653   6.946   20.907  1.00 65.02 ? 281 ARG A CD    1 
ATOM   981  N NE    . ARG A 1 128 ? 7.389   8.370   20.684  1.00 76.66 ? 281 ARG A NE    1 
ATOM   982  C CZ    . ARG A 1 128 ? 6.869   9.206   21.593  1.00 83.01 ? 281 ARG A CZ    1 
ATOM   983  N NH1   . ARG A 1 128 ? 6.549   8.786   22.818  1.00 86.23 ? 281 ARG A NH1   1 
ATOM   984  N NH2   . ARG A 1 128 ? 6.663   10.483  21.278  1.00 87.20 ? 281 ARG A NH2   1 
ATOM   985  N N     . GLU A 1 129 ? 8.928   3.264   21.250  1.00 38.76 ? 282 GLU A N     1 
ATOM   986  C CA    . GLU A 1 129 ? 10.269  3.151   20.647  1.00 40.31 ? 282 GLU A CA    1 
ATOM   987  C C     . GLU A 1 129 ? 10.477  1.874   19.798  1.00 36.88 ? 282 GLU A C     1 
ATOM   988  O O     . GLU A 1 129 ? 11.480  1.777   19.084  1.00 34.01 ? 282 GLU A O     1 
ATOM   989  C CB    . GLU A 1 129 ? 11.372  3.306   21.714  1.00 43.16 ? 282 GLU A CB    1 
ATOM   990  C CG    . GLU A 1 129 ? 11.289  2.314   22.850  1.00 49.99 ? 282 GLU A CG    1 
ATOM   991  C CD    . GLU A 1 129 ? 12.483  2.351   23.786  1.00 54.27 ? 282 GLU A CD    1 
ATOM   992  O OE1   . GLU A 1 129 ? 13.001  3.449   24.037  1.00 52.27 ? 282 GLU A OE1   1 
ATOM   993  O OE2   . GLU A 1 129 ? 12.888  1.273   24.281  1.00 59.58 ? 282 GLU A OE2   1 
ATOM   994  N N     . ASP A 1 130 ? 9.532   0.927   19.862  1.00 37.34 ? 283 ASP A N     1 
ATOM   995  C CA    . ASP A 1 130 ? 9.538   -0.318  19.062  1.00 38.37 ? 283 ASP A CA    1 
ATOM   996  C C     . ASP A 1 130 ? 8.886   -0.238  17.682  1.00 35.65 ? 283 ASP A C     1 
ATOM   997  O O     . ASP A 1 130 ? 8.848   -1.235  16.957  1.00 34.67 ? 283 ASP A O     1 
ATOM   998  C CB    . ASP A 1 130 ? 8.901   -1.478  19.847  1.00 43.42 ? 283 ASP A CB    1 
ATOM   999  C CG    . ASP A 1 130 ? 9.718   -1.894  21.056  1.00 48.85 ? 283 ASP A CG    1 
ATOM   1000 O OD1   . ASP A 1 130 ? 10.910  -1.553  21.141  1.00 48.77 ? 283 ASP A OD1   1 
ATOM   1001 O OD2   . ASP A 1 130 ? 9.158   -2.585  21.923  1.00 58.50 ? 283 ASP A OD2   1 
ATOM   1002 N N     . ARG A 1 131 ? 8.420   0.936   17.302  1.00 32.10 ? 284 ARG A N     1 
ATOM   1003 C CA    . ARG A 1 131 ? 7.636   1.108   16.087  1.00 36.38 ? 284 ARG A CA    1 
ATOM   1004 C C     . ARG A 1 131 ? 8.439   0.856   14.819  1.00 33.78 ? 284 ARG A C     1 
ATOM   1005 O O     . ARG A 1 131 ? 7.966   0.173   13.907  1.00 29.54 ? 284 ARG A O     1 
ATOM   1006 C CB    . ARG A 1 131 ? 7.053   2.522   16.066  1.00 39.60 ? 284 ARG A CB    1 
ATOM   1007 C CG    . ARG A 1 131 ? 5.696   2.651   15.447  1.00 43.20 ? 284 ARG A CG    1 
ATOM   1008 C CD    . ARG A 1 131 ? 4.871   3.705   16.138  1.00 42.76 ? 284 ARG A CD    1 
ATOM   1009 N NE    . ARG A 1 131 ? 5.506   5.005   16.162  1.00 39.17 ? 284 ARG A NE    1 
ATOM   1010 C CZ    . ARG A 1 131 ? 5.248   5.992   17.033  1.00 40.24 ? 284 ARG A CZ    1 
ATOM   1011 N NH1   . ARG A 1 131 ? 4.355   5.871   18.010  1.00 41.32 ? 284 ARG A NH1   1 
ATOM   1012 N NH2   . ARG A 1 131 ? 5.934   7.136   16.944  1.00 42.17 ? 284 ARG A NH2   1 
ATOM   1013 N N     . LEU A 1 132 ? 9.661   1.393   14.769  1.00 29.63 ? 285 LEU A N     1 
ATOM   1014 C CA    . LEU A 1 132 ? 10.504  1.246   13.604  1.00 30.19 ? 285 LEU A CA    1 
ATOM   1015 C C     . LEU A 1 132 ? 10.896  -0.221  13.382  1.00 27.99 ? 285 LEU A C     1 
ATOM   1016 O O     . LEU A 1 132 ? 10.893  -0.689  12.253  1.00 25.76 ? 285 LEU A O     1 
ATOM   1017 C CB    . LEU A 1 132 ? 11.768  2.123   13.767  1.00 32.08 ? 285 LEU A CB    1 
ATOM   1018 C CG    . LEU A 1 132 ? 12.869  2.040   12.733  1.00 33.84 ? 285 LEU A CG    1 
ATOM   1019 C CD1   . LEU A 1 132 ? 12.357  2.471   11.364  1.00 36.60 ? 285 LEU A CD1   1 
ATOM   1020 C CD2   . LEU A 1 132 ? 14.065  2.919   13.127  1.00 35.77 ? 285 LEU A CD2   1 
ATOM   1021 N N     . GLU A 1 133 ? 11.272  -0.903  14.455  1.00 28.30 ? 286 GLU A N     1 
ATOM   1022 C CA    . GLU A 1 133 ? 11.700  -2.293  14.374  1.00 32.59 ? 286 GLU A CA    1 
ATOM   1023 C C     . GLU A 1 133 ? 10.530  -3.194  13.903  1.00 30.74 ? 286 GLU A C     1 
ATOM   1024 O O     . GLU A 1 133 ? 10.715  -4.116  13.120  1.00 26.99 ? 286 GLU A O     1 
ATOM   1025 C CB    . GLU A 1 133 ? 12.187  -2.761  15.745  1.00 38.68 ? 286 GLU A CB    1 
ATOM   1026 C CG    . GLU A 1 133 ? 12.658  -4.214  15.814  1.00 46.28 ? 286 GLU A CG    1 
ATOM   1027 C CD    . GLU A 1 133 ? 13.190  -4.582  17.203  1.00 56.77 ? 286 GLU A CD    1 
ATOM   1028 O OE1   . GLU A 1 133 ? 12.451  -4.417  18.206  1.00 63.54 ? 286 GLU A OE1   1 
ATOM   1029 O OE2   . GLU A 1 133 ? 14.357  -5.028  17.315  1.00 66.90 ? 286 GLU A OE2   1 
ATOM   1030 N N     . GLN A 1 134 ? 9.341   -2.943  14.442  1.00 26.57 ? 287 GLN A N     1 
ATOM   1031 C CA    . GLN A 1 134 ? 8.159   -3.652  13.975  1.00 27.05 ? 287 GLN A CA    1 
ATOM   1032 C C     . GLN A 1 134 ? 7.835   -3.360  12.514  1.00 25.46 ? 287 GLN A C     1 
ATOM   1033 O O     . GLN A 1 134 ? 7.502   -4.281  11.757  1.00 24.63 ? 287 GLN A O     1 
ATOM   1034 C CB    . GLN A 1 134 ? 6.982   -3.372  14.907  1.00 30.48 ? 287 GLN A CB    1 
ATOM   1035 C CG    . GLN A 1 134 ? 7.190   -4.012  16.285  1.00 33.90 ? 287 GLN A CG    1 
ATOM   1036 C CD    . GLN A 1 134 ? 7.272   -5.528  16.230  1.00 38.30 ? 287 GLN A CD    1 
ATOM   1037 O OE1   . GLN A 1 134 ? 6.401   -6.187  15.680  1.00 41.21 ? 287 GLN A OE1   1 
ATOM   1038 N NE2   . GLN A 1 134 ? 8.327   -6.086  16.794  1.00 43.51 ? 287 GLN A NE2   1 
ATOM   1039 N N     . ALA A 1 135 ? 7.946   -2.090  12.105  1.00 23.94 ? 288 ALA A N     1 
ATOM   1040 C CA    . ALA A 1 135 ? 7.667   -1.740  10.743  1.00 25.25 ? 288 ALA A CA    1 
ATOM   1041 C C     . ALA A 1 135 ? 8.637   -2.449  9.780   1.00 25.60 ? 288 ALA A C     1 
ATOM   1042 O O     . ALA A 1 135 ? 8.220   -2.947  8.706   1.00 25.00 ? 288 ALA A O     1 
ATOM   1043 C CB    . ALA A 1 135 ? 7.699   -0.249  10.558  1.00 25.42 ? 288 ALA A CB    1 
ATOM   1044 N N     . LYS A 1 136 ? 9.904   -2.529  10.190  1.00 26.70 ? 289 LYS A N     1 
ATOM   1045 C CA    . LYS A 1 136 ? 10.918  -3.244  9.401   1.00 28.89 ? 289 LYS A CA    1 
ATOM   1046 C C     . LYS A 1 136 ? 10.610  -4.728  9.343   1.00 28.24 ? 289 LYS A C     1 
ATOM   1047 O O     . LYS A 1 136 ? 10.739  -5.332  8.277   1.00 27.70 ? 289 LYS A O     1 
ATOM   1048 C CB    . LYS A 1 136 ? 12.315  -3.061  9.993   1.00 31.28 ? 289 LYS A CB    1 
ATOM   1049 C CG    . LYS A 1 136 ? 12.953  -1.720  9.715   1.00 37.69 ? 289 LYS A CG    1 
ATOM   1050 C CD    . LYS A 1 136 ? 14.163  -1.486  10.606  1.00 41.51 ? 289 LYS A CD    1 
ATOM   1051 C CE    . LYS A 1 136 ? 15.061  -0.379  10.092  1.00 50.23 ? 289 LYS A CE    1 
ATOM   1052 N NZ    . LYS A 1 136 ? 16.225  -0.200  11.028  1.00 57.02 ? 289 LYS A NZ    1 
ATOM   1053 N N     . LEU A 1 137 ? 10.236  -5.317  10.485  1.00 26.30 ? 290 LEU A N     1 
ATOM   1054 C CA    . LEU A 1 137 ? 9.876   -6.726  10.518  1.00 28.28 ? 290 LEU A CA    1 
ATOM   1055 C C     . LEU A 1 137 ? 8.642   -6.998  9.635   1.00 29.15 ? 290 LEU A C     1 
ATOM   1056 O O     . LEU A 1 137 ? 8.569   -8.048  8.928   1.00 25.88 ? 290 LEU A O     1 
ATOM   1057 C CB    . LEU A 1 137 ? 9.653   -7.207  11.943  1.00 31.38 ? 290 LEU A CB    1 
ATOM   1058 C CG    . LEU A 1 137 ? 9.186   -8.673  12.062  1.00 39.33 ? 290 LEU A CG    1 
ATOM   1059 C CD1   . LEU A 1 137 ? 10.247  -9.649  11.525  1.00 41.85 ? 290 LEU A CD1   1 
ATOM   1060 C CD2   . LEU A 1 137 ? 8.777   -9.031  13.496  1.00 39.59 ? 290 LEU A CD2   1 
ATOM   1061 N N     . PHE A 1 138 ? 7.694   -6.055  9.653   1.00 25.39 ? 291 PHE A N     1 
ATOM   1062 C CA    . PHE A 1 138 ? 6.530   -6.127  8.767   1.00 25.69 ? 291 PHE A CA    1 
ATOM   1063 C C     . PHE A 1 138 ? 6.918   -6.156  7.304   1.00 25.22 ? 291 PHE A C     1 
ATOM   1064 O O     . PHE A 1 138 ? 6.425   -7.004  6.534   1.00 24.49 ? 291 PHE A O     1 
ATOM   1065 C CB    . PHE A 1 138 ? 5.573   -4.968  9.041   1.00 24.95 ? 291 PHE A CB    1 
ATOM   1066 C CG    . PHE A 1 138 ? 4.370   -4.956  8.159   1.00 24.88 ? 291 PHE A CG    1 
ATOM   1067 C CD1   . PHE A 1 138 ? 3.260   -5.737  8.459   1.00 24.59 ? 291 PHE A CD1   1 
ATOM   1068 C CD2   . PHE A 1 138 ? 4.341   -4.158  7.020   1.00 25.43 ? 291 PHE A CD2   1 
ATOM   1069 C CE1   . PHE A 1 138 ? 2.150   -5.745  7.611   1.00 24.11 ? 291 PHE A CE1   1 
ATOM   1070 C CE2   . PHE A 1 138 ? 3.232   -4.151  6.194   1.00 24.54 ? 291 PHE A CE2   1 
ATOM   1071 C CZ    . PHE A 1 138 ? 2.136   -4.955  6.494   1.00 24.17 ? 291 PHE A CZ    1 
ATOM   1072 N N     . CYS A 1 139 ? 7.776   -5.215  6.923   1.00 25.25 ? 292 CYS A N     1 
ATOM   1073 C CA    A CYS A 1 139 ? 8.218   -5.088  5.551   0.50 27.28 ? 292 CYS A CA    1 
ATOM   1074 C CA    B CYS A 1 139 ? 8.237   -5.098  5.547   0.50 28.47 ? 292 CYS A CA    1 
ATOM   1075 C C     . CYS A 1 139 ? 8.958   -6.368  5.099   1.00 29.76 ? 292 CYS A C     1 
ATOM   1076 O O     . CYS A 1 139 ? 8.706   -6.893  4.024   1.00 28.10 ? 292 CYS A O     1 
ATOM   1077 C CB    A CYS A 1 139 ? 9.096   -3.845  5.413   0.50 29.01 ? 292 CYS A CB    1 
ATOM   1078 C CB    B CYS A 1 139 ? 9.180   -3.914  5.401   0.50 31.69 ? 292 CYS A CB    1 
ATOM   1079 S SG    A CYS A 1 139 ? 9.644   -3.494  3.727   0.50 31.86 ? 292 CYS A SG    1 
ATOM   1080 S SG    B CYS A 1 139 ? 8.367   -2.324  5.548   0.50 38.01 ? 292 CYS A SG    1 
ATOM   1081 N N     . ARG A 1 140 ? 9.833   -6.875  5.954   1.00 31.15 ? 293 ARG A N     1 
ATOM   1082 C CA    . ARG A 1 140 ? 10.649  -8.054  5.655   1.00 34.24 ? 293 ARG A CA    1 
ATOM   1083 C C     . ARG A 1 140 ? 9.793   -9.287  5.478   1.00 30.87 ? 293 ARG A C     1 
ATOM   1084 O O     . ARG A 1 140 ? 10.005  -10.070 4.551   1.00 28.93 ? 293 ARG A O     1 
ATOM   1085 C CB    . ARG A 1 140 ? 11.628  -8.308  6.812   1.00 39.65 ? 293 ARG A CB    1 
ATOM   1086 C CG    . ARG A 1 140 ? 13.045  -8.685  6.401   1.00 52.11 ? 293 ARG A CG    1 
ATOM   1087 C CD    . ARG A 1 140 ? 14.046  -7.841  7.198   1.00 57.91 ? 293 ARG A CD    1 
ATOM   1088 N NE    . ARG A 1 140 ? 13.765  -7.913  8.640   1.00 63.40 ? 293 ARG A NE    1 
ATOM   1089 C CZ    . ARG A 1 140 ? 14.034  -6.966  9.545   1.00 64.82 ? 293 ARG A CZ    1 
ATOM   1090 N NH1   . ARG A 1 140 ? 14.630  -5.821  9.201   1.00 64.93 ? 293 ARG A NH1   1 
ATOM   1091 N NH2   . ARG A 1 140 ? 13.704  -7.179  10.821  1.00 65.73 ? 293 ARG A NH2   1 
ATOM   1092 N N     . THR A 1 141 ? 8.830   -9.454  6.383   1.00 28.33 ? 294 THR A N     1 
ATOM   1093 C CA    . THR A 1 141 ? 7.935   -10.578 6.329   1.00 28.05 ? 294 THR A CA    1 
ATOM   1094 C C     . THR A 1 141 ? 7.126   -10.526 5.067   1.00 28.23 ? 294 THR A C     1 
ATOM   1095 O O     . THR A 1 141 ? 6.989   -11.539 4.369   1.00 26.92 ? 294 THR A O     1 
ATOM   1096 C CB    . THR A 1 141 ? 7.008   -10.631 7.546   1.00 28.46 ? 294 THR A CB    1 
ATOM   1097 O OG1   . THR A 1 141 ? 7.807   -10.634 8.723   1.00 28.89 ? 294 THR A OG1   1 
ATOM   1098 C CG2   . THR A 1 141 ? 6.189   -11.882 7.540   1.00 28.32 ? 294 THR A CG2   1 
ATOM   1099 N N     . LEU A 1 142 ? 6.593   -9.344  4.755   1.00 24.76 ? 295 LEU A N     1 
ATOM   1100 C CA    . LEU A 1 142 ? 5.759   -9.198  3.611   1.00 26.38 ? 295 LEU A CA    1 
ATOM   1101 C C     . LEU A 1 142 ? 6.514   -9.453  2.297   1.00 28.45 ? 295 LEU A C     1 
ATOM   1102 O O     . LEU A 1 142 ? 5.965   -10.110 1.389   1.00 26.95 ? 295 LEU A O     1 
ATOM   1103 C CB    . LEU A 1 142 ? 5.104   -7.820  3.610   1.00 28.41 ? 295 LEU A CB    1 
ATOM   1104 C CG    . LEU A 1 142 ? 4.019   -7.617  2.586   1.00 27.66 ? 295 LEU A CG    1 
ATOM   1105 C CD1   . LEU A 1 142 ? 2.913   -8.655  2.672   1.00 28.89 ? 295 LEU A CD1   1 
ATOM   1106 C CD2   . LEU A 1 142 ? 3.480   -6.206  2.735   1.00 26.72 ? 295 LEU A CD2   1 
ATOM   1107 N N     . GLU A 1 143 ? 7.742   -8.919  2.208   1.00 28.56 ? 296 GLU A N     1 
ATOM   1108 C CA    . GLU A 1 143 ? 8.641   -9.183  1.068   1.00 32.67 ? 296 GLU A CA    1 
ATOM   1109 C C     . GLU A 1 143 ? 8.856   -10.686 0.923   1.00 29.94 ? 296 GLU A C     1 
ATOM   1110 O O     . GLU A 1 143 ? 8.745   -11.203 -0.152  1.00 32.11 ? 296 GLU A O     1 
ATOM   1111 C CB    . GLU A 1 143 ? 10.023  -8.557  1.261   1.00 37.17 ? 296 GLU A CB    1 
ATOM   1112 C CG    . GLU A 1 143 ? 10.140  -7.051  1.095   1.00 46.34 ? 296 GLU A CG    1 
ATOM   1113 C CD    . GLU A 1 143 ? 11.498  -6.538  1.594   1.00 57.80 ? 296 GLU A CD    1 
ATOM   1114 O OE1   . GLU A 1 143 ? 11.546  -5.647  2.483   1.00 61.53 ? 296 GLU A OE1   1 
ATOM   1115 O OE2   . GLU A 1 143 ? 12.533  -7.061  1.105   1.00 65.39 ? 296 GLU A OE2   1 
ATOM   1116 N N     . ASP A 1 144 ? 9.181   -11.361 2.019   1.00 30.08 ? 297 ASP A N     1 
ATOM   1117 C CA    . ASP A 1 144 ? 9.373   -12.825 2.008   1.00 31.81 ? 297 ASP A CA    1 
ATOM   1118 C C     . ASP A 1 144 ? 8.141   -13.588 1.521   1.00 32.32 ? 297 ASP A C     1 
ATOM   1119 O O     . ASP A 1 144 ? 8.271   -14.503 0.714   1.00 31.33 ? 297 ASP A O     1 
ATOM   1120 C CB    . ASP A 1 144 ? 9.804   -13.325 3.371   1.00 35.86 ? 297 ASP A CB    1 
ATOM   1121 C CG    . ASP A 1 144 ? 11.277  -12.930 3.721   1.00 41.07 ? 297 ASP A CG    1 
ATOM   1122 O OD1   . ASP A 1 144 ? 12.027  -12.460 2.836   1.00 44.11 ? 297 ASP A OD1   1 
ATOM   1123 O OD2   . ASP A 1 144 ? 11.681  -13.103 4.883   1.00 43.22 ? 297 ASP A OD2   1 
ATOM   1124 N N     . ILE A 1 145 ? 6.947   -13.195 1.987   1.00 27.71 ? 298 ILE A N     1 
ATOM   1125 C CA    . ILE A 1 145 ? 5.699   -13.789 1.530   1.00 27.83 ? 298 ILE A CA    1 
ATOM   1126 C C     . ILE A 1 145 ? 5.508   -13.562 0.041   1.00 29.73 ? 298 ILE A C     1 
ATOM   1127 O O     . ILE A 1 145 ? 5.243   -14.528 -0.717  1.00 28.81 ? 298 ILE A O     1 
ATOM   1128 C CB    . ILE A 1 145 ? 4.453   -13.257 2.296   1.00 27.42 ? 298 ILE A CB    1 
ATOM   1129 C CG1   . ILE A 1 145 ? 4.506   -13.634 3.777   1.00 27.54 ? 298 ILE A CG1   1 
ATOM   1130 C CG2   . ILE A 1 145 ? 3.161   -13.799 1.694   1.00 29.59 ? 298 ILE A CG2   1 
ATOM   1131 C CD1   . ILE A 1 145 ? 3.571   -12.841 4.665   1.00 26.07 ? 298 ILE A CD1   1 
ATOM   1132 N N     . LEU A 1 146 ? 5.597   -12.296 -0.377  1.00 28.71 ? 299 LEU A N     1 
ATOM   1133 C CA    . LEU A 1 146 ? 5.317   -11.954 -1.754  1.00 32.01 ? 299 LEU A CA    1 
ATOM   1134 C C     . LEU A 1 146 ? 6.352   -12.534 -2.738  1.00 34.38 ? 299 LEU A C     1 
ATOM   1135 O O     . LEU A 1 146 ? 5.989   -12.870 -3.847  1.00 36.75 ? 299 LEU A O     1 
ATOM   1136 C CB    . LEU A 1 146 ? 5.170   -10.460 -1.957  1.00 31.20 ? 299 LEU A CB    1 
ATOM   1137 C CG    . LEU A 1 146 ? 3.989   -9.847  -1.227  1.00 32.65 ? 299 LEU A CG    1 
ATOM   1138 C CD1   . LEU A 1 146 ? 4.042   -8.337  -1.340  1.00 33.04 ? 299 LEU A CD1   1 
ATOM   1139 C CD2   . LEU A 1 146 ? 2.669   -10.375 -1.760  1.00 34.42 ? 299 LEU A CD2   1 
ATOM   1140 N N     . ALA A 1 147 ? 7.589   -12.697 -2.312  1.00 35.55 ? 300 ALA A N     1 
ATOM   1141 C CA    . ALA A 1 147 ? 8.637   -13.273 -3.161  1.00 42.58 ? 300 ALA A CA    1 
ATOM   1142 C C     . ALA A 1 147 ? 8.257   -14.666 -3.653  1.00 43.49 ? 300 ALA A C     1 
ATOM   1143 O O     . ALA A 1 147 ? 8.607   -15.046 -4.772  1.00 43.14 ? 300 ALA A O     1 
ATOM   1144 C CB    . ALA A 1 147 ? 9.963   -13.322 -2.414  1.00 41.10 ? 300 ALA A CB    1 
ATOM   1145 N N     . ASP A 1 148 ? 7.510   -15.400 -2.829  1.00 43.74 ? 301 ASP A N     1 
ATOM   1146 C CA    . ASP A 1 148 ? 7.082   -16.746 -3.166  1.00 42.32 ? 301 ASP A CA    1 
ATOM   1147 C C     . ASP A 1 148 ? 5.591   -16.945 -3.408  1.00 41.32 ? 301 ASP A C     1 
ATOM   1148 O O     . ASP A 1 148 ? 5.150   -18.081 -3.569  1.00 43.04 ? 301 ASP A O     1 
ATOM   1149 C CB    . ASP A 1 148 ? 7.530   -17.688 -2.046  1.00 47.76 ? 301 ASP A CB    1 
ATOM   1150 C CG    . ASP A 1 148 ? 7.728   -19.111 -2.525  1.00 50.23 ? 301 ASP A CG    1 
ATOM   1151 O OD1   . ASP A 1 148 ? 8.126   -19.309 -3.698  1.00 49.79 ? 301 ASP A OD1   1 
ATOM   1152 O OD2   . ASP A 1 148 ? 7.476   -20.034 -1.731  1.00 54.94 ? 301 ASP A OD2   1 
ATOM   1153 N N     . ALA A 1 149 ? 4.794   -15.885 -3.430  1.00 35.00 ? 302 ALA A N     1 
ATOM   1154 C CA    . ALA A 1 149 ? 3.359   -16.070 -3.533  1.00 35.56 ? 302 ALA A CA    1 
ATOM   1155 C C     . ALA A 1 149 ? 2.963   -16.137 -4.992  1.00 39.08 ? 302 ALA A C     1 
ATOM   1156 O O     . ALA A 1 149 ? 3.340   -15.245 -5.750  1.00 39.02 ? 302 ALA A O     1 
ATOM   1157 C CB    . ALA A 1 149 ? 2.597   -14.944 -2.856  1.00 35.44 ? 302 ALA A CB    1 
ATOM   1158 N N     . PRO A 1 150 ? 2.137   -17.136 -5.374  1.00 43.36 ? 303 PRO A N     1 
ATOM   1159 C CA    . PRO A 1 150 ? 1.687   -17.227 -6.770  1.00 45.94 ? 303 PRO A CA    1 
ATOM   1160 C C     . PRO A 1 150 ? 0.749   -16.086 -7.216  1.00 46.82 ? 303 PRO A C     1 
ATOM   1161 O O     . PRO A 1 150 ? 0.764   -15.718 -8.373  1.00 47.02 ? 303 PRO A O     1 
ATOM   1162 C CB    . PRO A 1 150 ? 0.969   -18.585 -6.817  1.00 48.28 ? 303 PRO A CB    1 
ATOM   1163 C CG    . PRO A 1 150 ? 0.438   -18.767 -5.441  1.00 49.09 ? 303 PRO A CG    1 
ATOM   1164 C CD    . PRO A 1 150 ? 1.454   -18.133 -4.516  1.00 46.87 ? 303 PRO A CD    1 
ATOM   1165 N N     . GLU A 1 151 ? -0.013  -15.494 -6.293  1.00 46.99 ? 304 GLU A N     1 
ATOM   1166 C CA    . GLU A 1 151 ? -0.938  -14.394 -6.642  1.00 46.00 ? 304 GLU A CA    1 
ATOM   1167 C C     . GLU A 1 151 ? -0.217  -13.131 -7.063  1.00 45.81 ? 304 GLU A C     1 
ATOM   1168 O O     . GLU A 1 151 ? -0.818  -12.227 -7.646  1.00 44.82 ? 304 GLU A O     1 
ATOM   1169 C CB    . GLU A 1 151 ? -1.870  -14.040 -5.479  1.00 46.80 ? 304 GLU A CB    1 
ATOM   1170 C CG    . GLU A 1 151 ? -2.734  -15.193 -4.961  1.00 44.68 ? 304 GLU A CG    1 
ATOM   1171 C CD    . GLU A 1 151 ? -2.031  -16.057 -3.922  1.00 48.92 ? 304 GLU A CD    1 
ATOM   1172 O OE1   . GLU A 1 151 ? -0.858  -15.749 -3.576  1.00 47.27 ? 304 GLU A OE1   1 
ATOM   1173 O OE2   . GLU A 1 151 ? -2.628  -17.059 -3.453  1.00 45.74 ? 304 GLU A OE2   1 
ATOM   1174 N N     . SER A 1 152 ? 1.061   -13.028 -6.761  1.00 47.35 ? 305 SER A N     1 
ATOM   1175 C CA    . SER A 1 152 ? 1.710   -11.828 -7.131  1.00 54.81 ? 305 SER A CA    1 
ATOM   1176 C C     . SER A 1 152 ? 3.132   -11.906 -7.588  1.00 57.72 ? 305 SER A C     1 
ATOM   1177 O O     . SER A 1 152 ? 3.449   -12.361 -8.703  1.00 56.00 ? 305 SER A O     1 
ATOM   1178 C CB    . SER A 1 152 ? 1.573   -10.852 -5.988  1.00 61.64 ? 305 SER A CB    1 
ATOM   1179 O OG    . SER A 1 152 ? 2.472   -11.192 -4.937  1.00 69.02 ? 305 SER A OG    1 
ATOM   1180 N N     . GLN A 1 153 ? 3.969   -11.462 -6.670  1.00 52.06 ? 306 GLN A N     1 
ATOM   1181 C CA    . GLN A 1 153 ? 4.959   -10.431 -6.909  1.00 51.68 ? 306 GLN A CA    1 
ATOM   1182 C C     . GLN A 1 153 ? 4.762   -9.544  -8.153  1.00 55.58 ? 306 GLN A C     1 
ATOM   1183 O O     . GLN A 1 153 ? 4.669   -8.334  -8.023  1.00 62.70 ? 306 GLN A O     1 
ATOM   1184 C CB    . GLN A 1 153 ? 6.405   -10.947 -6.794  1.00 31.26 ? 306 GLN A CB    1 
ATOM   1185 C CG    . GLN A 1 153 ? 7.150   -10.536 -5.503  1.00 28.88 ? 306 GLN A CG    1 
ATOM   1186 C CD    . GLN A 1 153 ? 7.351   -9.087  -5.230  1.00 29.39 ? 306 GLN A CD    1 
ATOM   1187 O OE1   . GLN A 1 153 ? 8.501   -8.634  -5.070  1.00 30.59 ? 306 GLN A OE1   1 
ATOM   1188 N NE2   . GLN A 1 153 ? 6.275   -8.301  -5.044  1.00 31.19 ? 306 GLN A NE2   1 
ATOM   1189 N N     . ASN A 1 154 ? 4.654   -10.131 -9.338  1.00 64.17 ? 307 ASN A N     1 
ATOM   1190 C CA    . ASN A 1 154 ? 4.584   -9.330  -10.578 1.00 59.51 ? 307 ASN A CA    1 
ATOM   1191 C C     . ASN A 1 154 ? 3.388   -8.348  -10.736 1.00 56.31 ? 307 ASN A C     1 
ATOM   1192 O O     . ASN A 1 154 ? 3.283   -7.599  -11.710 1.00 50.59 ? 307 ASN A O     1 
ATOM   1193 C CB    . ASN A 1 154 ? 4.607   -10.243 -11.761 1.00 65.56 ? 307 ASN A CB    1 
ATOM   1194 C CG    . ASN A 1 154 ? 5.405   -9.653  -12.887 1.00 72.96 ? 307 ASN A CG    1 
ATOM   1195 O OD1   . ASN A 1 154 ? 6.638   -9.687  -12.868 1.00 77.64 ? 307 ASN A OD1   1 
ATOM   1196 N ND2   . ASN A 1 154 ? 4.718   -9.056  -13.850 1.00 77.14 ? 307 ASN A ND2   1 
ATOM   1197 N N     . ASN A 1 155 ? 2.495   -8.427  -9.765  1.00 49.36 ? 308 ASN A N     1 
ATOM   1198 C CA    . ASN A 1 155 ? 1.319   -7.626  -9.599  1.00 48.06 ? 308 ASN A CA    1 
ATOM   1199 C C     . ASN A 1 155 ? 1.491   -6.472  -8.599  1.00 36.59 ? 308 ASN A C     1 
ATOM   1200 O O     . ASN A 1 155 ? 0.571   -5.709  -8.425  1.00 29.74 ? 308 ASN A O     1 
ATOM   1201 C CB    . ASN A 1 155 ? 0.270   -8.550  -8.972  1.00 54.29 ? 308 ASN A CB    1 
ATOM   1202 C CG    . ASN A 1 155 ? -0.474  -9.342  -9.985  1.00 59.55 ? 308 ASN A CG    1 
ATOM   1203 O OD1   . ASN A 1 155 ? -1.152  -8.768  -10.835 1.00 70.36 ? 308 ASN A OD1   1 
ATOM   1204 N ND2   . ASN A 1 155 ? -0.392  -10.659 -9.902  1.00 63.15 ? 308 ASN A ND2   1 
ATOM   1205 N N     . CYS A 1 156 ? 2.640   -6.375  -7.939  1.00 34.21 ? 309 CYS A N     1 
ATOM   1206 C CA    . CYS A 1 156 ? 2.722   -5.696  -6.665  1.00 34.16 ? 309 CYS A CA    1 
ATOM   1207 C C     . CYS A 1 156 ? 4.116   -5.175  -6.427  1.00 33.14 ? 309 CYS A C     1 
ATOM   1208 O O     . CYS A 1 156 ? 5.082   -5.886  -6.637  1.00 39.40 ? 309 CYS A O     1 
ATOM   1209 C CB    . CYS A 1 156 ? 2.383   -6.729  -5.588  1.00 39.21 ? 309 CYS A CB    1 
ATOM   1210 S SG    . CYS A 1 156 ? 2.136   -6.029  -3.982  1.00 45.82 ? 309 CYS A SG    1 
ATOM   1211 N N     . ARG A 1 157 ? 4.249   -3.959  -5.950  1.00 32.52 ? 310 ARG A N     1 
ATOM   1212 C CA    . ARG A 1 157 ? 5.572   -3.427  -5.595  1.00 35.38 ? 310 ARG A CA    1 
ATOM   1213 C C     . ARG A 1 157 ? 5.504   -2.749  -4.221  1.00 31.39 ? 310 ARG A C     1 
ATOM   1214 O O     . ARG A 1 157 ? 4.629   -1.917  -4.001  1.00 31.59 ? 310 ARG A O     1 
ATOM   1215 C CB    . ARG A 1 157 ? 6.010   -2.427  -6.662  1.00 40.20 ? 310 ARG A CB    1 
ATOM   1216 C CG    . ARG A 1 157 ? 7.363   -1.756  -6.472  1.00 51.81 ? 310 ARG A CG    1 
ATOM   1217 C CD    . ARG A 1 157 ? 8.544   -2.721  -6.477  1.00 62.17 ? 310 ARG A CD    1 
ATOM   1218 N NE    . ARG A 1 157 ? 8.722   -3.391  -7.771  1.00 74.74 ? 310 ARG A NE    1 
ATOM   1219 C CZ    . ARG A 1 157 ? 9.742   -4.196  -8.078  1.00 81.81 ? 310 ARG A CZ    1 
ATOM   1220 N NH1   . ARG A 1 157 ? 9.804   -4.750  -9.288  1.00 84.16 ? 310 ARG A NH1   1 
ATOM   1221 N NH2   . ARG A 1 157 ? 10.699  -4.459  -7.188  1.00 84.27 ? 310 ARG A NH2   1 
ATOM   1222 N N     . LEU A 1 158 ? 6.434   -3.090  -3.340  1.00 30.44 ? 311 LEU A N     1 
ATOM   1223 C CA    . LEU A 1 158 ? 6.551   -2.455  -2.021  1.00 30.78 ? 311 LEU A CA    1 
ATOM   1224 C C     . LEU A 1 158 ? 7.508   -1.301  -2.094  1.00 34.09 ? 311 LEU A C     1 
ATOM   1225 O O     . LEU A 1 158 ? 8.613   -1.443  -2.611  1.00 32.67 ? 311 LEU A O     1 
ATOM   1226 C CB    . LEU A 1 158 ? 7.079   -3.440  -0.971  1.00 32.91 ? 311 LEU A CB    1 
ATOM   1227 C CG    . LEU A 1 158 ? 6.309   -4.751  -0.870  1.00 34.14 ? 311 LEU A CG    1 
ATOM   1228 C CD1   . LEU A 1 158 ? 6.879   -5.632  0.220   1.00 36.86 ? 311 LEU A CD1   1 
ATOM   1229 C CD2   . LEU A 1 158 ? 4.825   -4.483  -0.628  1.00 34.78 ? 311 LEU A CD2   1 
ATOM   1230 N N     . ILE A 1 159 ? 7.084   -0.164  -1.559  1.00 31.08 ? 312 ILE A N     1 
ATOM   1231 C CA    . ILE A 1 159 ? 7.943   0.993   -1.468  1.00 30.52 ? 312 ILE A CA    1 
ATOM   1232 C C     . ILE A 1 159 ? 8.119   1.350   -0.009  1.00 28.20 ? 312 ILE A C     1 
ATOM   1233 O O     . ILE A 1 159 ? 7.287   2.009   0.572   1.00 27.16 ? 312 ILE A O     1 
ATOM   1234 C CB    . ILE A 1 159 ? 7.339   2.165   -2.241  1.00 31.97 ? 312 ILE A CB    1 
ATOM   1235 C CG1   . ILE A 1 159 ? 7.110   1.739   -3.702  1.00 32.57 ? 312 ILE A CG1   1 
ATOM   1236 C CG2   . ILE A 1 159 ? 8.245   3.396   -2.117  1.00 31.90 ? 312 ILE A CG2   1 
ATOM   1237 C CD1   . ILE A 1 159 ? 6.270   2.698   -4.508  1.00 35.22 ? 312 ILE A CD1   1 
ATOM   1238 N N     . ALA A 1 160 ? 9.242   0.937   0.557   1.00 28.06 ? 313 ALA A N     1 
ATOM   1239 C CA    . ALA A 1 160 ? 9.529   1.166   1.950   1.00 30.63 ? 313 ALA A CA    1 
ATOM   1240 C C     . ALA A 1 160 ? 10.508  2.332   2.017   1.00 33.18 ? 313 ALA A C     1 
ATOM   1241 O O     . ALA A 1 160 ? 11.381  2.459   1.169   1.00 34.94 ? 313 ALA A O     1 
ATOM   1242 C CB    . ALA A 1 160 ? 10.129  -0.077  2.562   1.00 30.76 ? 313 ALA A CB    1 
ATOM   1243 N N     . TYR A 1 161 ? 10.355  3.185   3.010   1.00 31.34 ? 314 TYR A N     1 
ATOM   1244 C CA    . TYR A 1 161 ? 11.218  4.350   3.146   1.00 33.15 ? 314 TYR A CA    1 
ATOM   1245 C C     . TYR A 1 161 ? 11.126  4.931   4.549   1.00 34.27 ? 314 TYR A C     1 
ATOM   1246 O O     . TYR A 1 161 ? 10.132  4.792   5.257   1.00 30.45 ? 314 TYR A O     1 
ATOM   1247 C CB    . TYR A 1 161 ? 10.830  5.427   2.118   1.00 29.71 ? 314 TYR A CB    1 
ATOM   1248 C CG    . TYR A 1 161 ? 9.381   5.816   2.239   1.00 30.44 ? 314 TYR A CG    1 
ATOM   1249 C CD1   . TYR A 1 161 ? 8.388   5.050   1.630   1.00 31.11 ? 314 TYR A CD1   1 
ATOM   1250 C CD2   . TYR A 1 161 ? 8.982   6.905   3.002   1.00 29.12 ? 314 TYR A CD2   1 
ATOM   1251 C CE1   . TYR A 1 161 ? 7.064   5.379   1.750   1.00 29.58 ? 314 TYR A CE1   1 
ATOM   1252 C CE2   . TYR A 1 161 ? 7.635   7.232   3.126   1.00 29.51 ? 314 TYR A CE2   1 
ATOM   1253 C CZ    . TYR A 1 161 ? 6.691   6.449   2.500   1.00 27.48 ? 314 TYR A CZ    1 
ATOM   1254 O OH    . TYR A 1 161 ? 5.365   6.749   2.576   1.00 31.10 ? 314 TYR A OH    1 
ATOM   1255 N N     . GLN A 1 162 ? 12.192  5.603   4.919   1.00 39.80 ? 315 GLN A N     1 
ATOM   1256 C CA    . GLN A 1 162 ? 12.298  6.315   6.171   1.00 46.68 ? 315 GLN A CA    1 
ATOM   1257 C C     . GLN A 1 162 ? 12.630  7.733   5.741   1.00 49.81 ? 315 GLN A C     1 
ATOM   1258 O O     . GLN A 1 162 ? 13.461  7.933   4.853   1.00 53.37 ? 315 GLN A O     1 
ATOM   1259 C CB    . GLN A 1 162 ? 13.410  5.684   7.013   1.00 49.74 ? 315 GLN A CB    1 
ATOM   1260 C CG    . GLN A 1 162 ? 13.256  5.879   8.512   1.00 56.04 ? 315 GLN A CG    1 
ATOM   1261 C CD    . GLN A 1 162 ? 14.294  5.110   9.336   1.00 58.93 ? 315 GLN A CD    1 
ATOM   1262 O OE1   . GLN A 1 162 ? 14.942  4.165   8.860   1.00 58.89 ? 315 GLN A OE1   1 
ATOM   1263 N NE2   . GLN A 1 162 ? 14.453  5.517   10.591  1.00 60.84 ? 315 GLN A NE2   1 
ATOM   1264 N N     . GLU A 1 163 ? 11.935  8.712   6.296   1.00 54.95 ? 316 GLU A N     1 
ATOM   1265 C CA    . GLU A 1 163 ? 12.296  10.105  6.064   1.00 64.75 ? 316 GLU A CA    1 
ATOM   1266 C C     . GLU A 1 163 ? 13.566  10.436  6.876   1.00 72.28 ? 316 GLU A C     1 
ATOM   1267 O O     . GLU A 1 163 ? 13.828  9.779   7.889   1.00 71.25 ? 316 GLU A O     1 
ATOM   1268 C CB    . GLU A 1 163 ? 11.134  11.022  6.411   1.00 66.38 ? 316 GLU A CB    1 
ATOM   1269 C CG    . GLU A 1 163 ? 9.915   10.741  5.537   1.00 65.11 ? 316 GLU A CG    1 
ATOM   1270 C CD    . GLU A 1 163 ? 8.841   11.805  5.624   1.00 64.29 ? 316 GLU A CD    1 
ATOM   1271 O OE1   . GLU A 1 163 ? 9.158   12.990  5.824   1.00 64.00 ? 316 GLU A OE1   1 
ATOM   1272 O OE2   . GLU A 1 163 ? 7.658   11.457  5.476   1.00 62.82 ? 316 GLU A OE2   1 
ATOM   1273 N N     . PRO A 1 164 ? 14.372  11.429  6.422   1.00 79.62 ? 317 PRO A N     1 
ATOM   1274 C CA    . PRO A 1 164 ? 15.684  11.662  7.066   1.00 82.40 ? 317 PRO A CA    1 
ATOM   1275 C C     . PRO A 1 164 ? 15.636  12.140  8.533   1.00 84.07 ? 317 PRO A C     1 
ATOM   1276 O O     . PRO A 1 164 ? 14.608  12.680  8.981   1.00 84.43 ? 317 PRO A O     1 
ATOM   1277 C CB    . PRO A 1 164 ? 16.345  12.727  6.167   1.00 81.88 ? 317 PRO A CB    1 
ATOM   1278 C CG    . PRO A 1 164 ? 15.576  12.714  4.891   1.00 82.42 ? 317 PRO A CG    1 
ATOM   1279 C CD    . PRO A 1 164 ? 14.176  12.328  5.268   1.00 80.68 ? 317 PRO A CD    1 
ATOM   1280 N N     . ALA A 1 165 ? 16.740  11.900  9.256   1.00 79.52 ? 318 ALA A N     1 
ATOM   1281 C CA    . ALA A 1 165 ? 16.948  12.372  10.632  1.00 75.24 ? 318 ALA A CA    1 
ATOM   1282 C C     . ALA A 1 165 ? 18.156  13.298  10.685  1.00 79.54 ? 318 ALA A C     1 
ATOM   1283 O O     . ALA A 1 165 ? 18.102  14.427  10.194  1.00 83.16 ? 318 ALA A O     1 
ATOM   1284 C CB    . ALA A 1 165 ? 17.154  11.198  11.574  1.00 73.66 ? 318 ALA A CB    1 
ATOM   1285 N N     . SER A 1 169 ? 15.338  16.716  3.889   1.00 74.54 ? 322 SER A N     1 
ATOM   1286 C CA    . SER A 1 169 ? 14.094  16.992  3.164   1.00 76.60 ? 322 SER A CA    1 
ATOM   1287 C C     . SER A 1 169 ? 13.808  15.927  2.090   1.00 71.99 ? 322 SER A C     1 
ATOM   1288 O O     . SER A 1 169 ? 14.716  15.450  1.403   1.00 72.78 ? 322 SER A O     1 
ATOM   1289 C CB    . SER A 1 169 ? 14.141  18.381  2.534   1.00 76.09 ? 322 SER A CB    1 
ATOM   1290 O OG    . SER A 1 169 ? 14.802  18.335  1.289   1.00 74.87 ? 322 SER A OG    1 
ATOM   1291 N N     . PHE A 1 170 ? 12.530  15.598  1.934   1.00 69.64 ? 323 PHE A N     1 
ATOM   1292 C CA    . PHE A 1 170 ? 12.102  14.335  1.303   1.00 65.63 ? 323 PHE A CA    1 
ATOM   1293 C C     . PHE A 1 170 ? 10.927  14.555  0.350   1.00 58.24 ? 323 PHE A C     1 
ATOM   1294 O O     . PHE A 1 170 ? 10.037  15.351  0.635   1.00 60.98 ? 323 PHE A O     1 
ATOM   1295 C CB    . PHE A 1 170 ? 11.694  13.348  2.421   1.00 65.51 ? 323 PHE A CB    1 
ATOM   1296 C CG    . PHE A 1 170 ? 11.282  11.978  1.933   1.00 60.08 ? 323 PHE A CG    1 
ATOM   1297 C CD1   . PHE A 1 170 ? 12.243  11.044  1.530   1.00 61.78 ? 323 PHE A CD1   1 
ATOM   1298 C CD2   . PHE A 1 170 ? 9.936   11.607  1.900   1.00 58.56 ? 323 PHE A CD2   1 
ATOM   1299 C CE1   . PHE A 1 170 ? 11.872  9.780   1.089   1.00 57.81 ? 323 PHE A CE1   1 
ATOM   1300 C CE2   . PHE A 1 170 ? 9.560   10.341  1.458   1.00 55.47 ? 323 PHE A CE2   1 
ATOM   1301 C CZ    . PHE A 1 170 ? 10.526  9.429   1.052   1.00 56.12 ? 323 PHE A CZ    1 
ATOM   1302 N N     . SER A 1 171 ? 10.932  13.830  -0.766  1.00 54.01 ? 324 SER A N     1 
ATOM   1303 C CA    . SER A 1 171 ? 9.825   13.829  -1.733  1.00 51.10 ? 324 SER A CA    1 
ATOM   1304 C C     . SER A 1 171 ? 9.262   12.417  -1.933  1.00 45.17 ? 324 SER A C     1 
ATOM   1305 O O     . SER A 1 171 ? 9.902   11.552  -2.549  1.00 40.61 ? 324 SER A O     1 
ATOM   1306 C CB    . SER A 1 171 ? 10.295  14.385  -3.084  1.00 47.80 ? 324 SER A CB    1 
ATOM   1307 O OG    . SER A 1 171 ? 9.376   14.076  -4.099  1.00 47.20 ? 324 SER A OG    1 
ATOM   1308 N N     . LEU A 1 172 ? 8.046   12.207  -1.435  1.00 43.71 ? 325 LEU A N     1 
ATOM   1309 C CA    . LEU A 1 172 ? 7.364   10.929  -1.605  1.00 41.94 ? 325 LEU A CA    1 
ATOM   1310 C C     . LEU A 1 172 ? 7.112   10.631  -3.096  1.00 38.98 ? 325 LEU A C     1 
ATOM   1311 O O     . LEU A 1 172 ? 7.407   9.536   -3.578  1.00 38.48 ? 325 LEU A O     1 
ATOM   1312 C CB    . LEU A 1 172 ? 6.047   10.929  -0.824  1.00 43.38 ? 325 LEU A CB    1 
ATOM   1313 C CG    . LEU A 1 172 ? 5.275   9.607   -0.749  1.00 43.90 ? 325 LEU A CG    1 
ATOM   1314 C CD1   . LEU A 1 172 ? 6.139   8.476   -0.215  1.00 42.32 ? 325 LEU A CD1   1 
ATOM   1315 C CD2   . LEU A 1 172 ? 4.028   9.821   0.096   1.00 42.20 ? 325 LEU A CD2   1 
ATOM   1316 N N     . SER A 1 173 ? 6.609   11.616  -3.833  1.00 36.90 ? 326 SER A N     1 
ATOM   1317 C CA    . SER A 1 173 ? 6.428   11.449  -5.296  1.00 37.32 ? 326 SER A CA    1 
ATOM   1318 C C     . SER A 1 173 ? 7.693   10.948  -6.025  1.00 37.75 ? 326 SER A C     1 
ATOM   1319 O O     . SER A 1 173 ? 7.624   10.050  -6.866  1.00 36.09 ? 326 SER A O     1 
ATOM   1320 C CB    . SER A 1 173 ? 5.935   12.751  -5.925  1.00 38.92 ? 326 SER A CB    1 
ATOM   1321 O OG    . SER A 1 173 ? 6.823   13.818  -5.653  1.00 38.66 ? 326 SER A OG    1 
ATOM   1322 N N     . GLN A 1 174 ? 8.845   11.519  -5.685  1.00 41.99 ? 327 GLN A N     1 
ATOM   1323 C CA    . GLN A 1 174 ? 10.123  11.097  -6.269  1.00 42.88 ? 327 GLN A CA    1 
ATOM   1324 C C     . GLN A 1 174 ? 10.469  9.662   -5.911  1.00 43.74 ? 327 GLN A C     1 
ATOM   1325 O O     . GLN A 1 174 ? 10.947  8.896   -6.759  1.00 43.03 ? 327 GLN A O     1 
ATOM   1326 C CB    . GLN A 1 174 ? 11.270  12.037  -5.846  1.00 46.15 ? 327 GLN A CB    1 
ATOM   1327 C CG    . GLN A 1 174 ? 11.313  13.389  -6.576  1.00 48.58 ? 327 GLN A CG    1 
ATOM   1328 C CD    . GLN A 1 174 ? 11.509  13.248  -8.073  1.00 50.98 ? 327 GLN A CD    1 
ATOM   1329 O OE1   . GLN A 1 174 ? 12.529  12.752  -8.520  1.00 57.23 ? 327 GLN A OE1   1 
ATOM   1330 N NE2   . GLN A 1 174 ? 10.507  13.646  -8.856  1.00 54.70 ? 327 GLN A NE2   1 
ATOM   1331 N N     . GLU A 1 175 ? 10.230  9.290   -4.656  1.00 47.00 ? 328 GLU A N     1 
ATOM   1332 C CA    . GLU A 1 175 ? 10.462  7.911   -4.229  1.00 46.98 ? 328 GLU A CA    1 
ATOM   1333 C C     . GLU A 1 175 ? 9.627   6.964   -5.094  1.00 43.83 ? 328 GLU A C     1 
ATOM   1334 O O     . GLU A 1 175 ? 10.149  5.990   -5.641  1.00 43.53 ? 328 GLU A O     1 
ATOM   1335 C CB    . GLU A 1 175 ? 10.132  7.739   -2.736  1.00 54.68 ? 328 GLU A CB    1 
ATOM   1336 C CG    . GLU A 1 175 ? 10.676  6.452   -2.110  1.00 57.93 ? 328 GLU A CG    1 
ATOM   1337 C CD    . GLU A 1 175 ? 12.122  6.537   -1.639  1.00 60.07 ? 328 GLU A CD    1 
ATOM   1338 O OE1   . GLU A 1 175 ? 12.593  5.554   -1.025  1.00 66.22 ? 328 GLU A OE1   1 
ATOM   1339 O OE2   . GLU A 1 175 ? 12.798  7.561   -1.864  1.00 61.99 ? 328 GLU A OE2   1 
ATOM   1340 N N     . VAL A 1 176 ? 8.349   7.290   -5.273  1.00 39.11 ? 329 VAL A N     1 
ATOM   1341 C CA    . VAL A 1 176 ? 7.474   6.438   -6.080  1.00 39.62 ? 329 VAL A CA    1 
ATOM   1342 C C     . VAL A 1 176 ? 7.925   6.425   -7.548  1.00 37.65 ? 329 VAL A C     1 
ATOM   1343 O O     . VAL A 1 176 ? 7.957   5.383   -8.198  1.00 36.24 ? 329 VAL A O     1 
ATOM   1344 C CB    . VAL A 1 176 ? 5.990   6.877   -6.020  1.00 37.64 ? 329 VAL A CB    1 
ATOM   1345 C CG1   . VAL A 1 176 ? 5.130   5.966   -6.884  1.00 37.90 ? 329 VAL A CG1   1 
ATOM   1346 C CG2   . VAL A 1 176 ? 5.444   6.864   -4.590  1.00 38.19 ? 329 VAL A CG2   1 
ATOM   1347 N N     . LEU A 1 177 ? 8.227   7.607   -8.067  1.00 38.77 ? 330 LEU A N     1 
ATOM   1348 C CA    . LEU A 1 177 ? 8.632   7.740   -9.465  1.00 39.32 ? 330 LEU A CA    1 
ATOM   1349 C C     . LEU A 1 177 ? 9.895   6.934   -9.786  1.00 42.19 ? 330 LEU A C     1 
ATOM   1350 O O     . LEU A 1 177 ? 9.963   6.316   -10.846 1.00 41.33 ? 330 LEU A O     1 
ATOM   1351 C CB    . LEU A 1 177 ? 8.767   9.216   -9.862  1.00 38.23 ? 330 LEU A CB    1 
ATOM   1352 C CG    . LEU A 1 177 ? 7.457   9.900   -10.264 1.00 39.84 ? 330 LEU A CG    1 
ATOM   1353 C CD1   . LEU A 1 177 ? 7.601   11.420  -10.335 1.00 42.57 ? 330 LEU A CD1   1 
ATOM   1354 C CD2   . LEU A 1 177 ? 6.961   9.364   -11.606 1.00 39.83 ? 330 LEU A CD2   1 
ATOM   1355 N N     . ARG A 1 178 ? 10.853  6.897   -8.856  1.00 46.09 ? 331 ARG A N     1 
ATOM   1356 C CA    . ARG A 1 178 ? 12.041  6.046   -9.033  1.00 52.75 ? 331 ARG A CA    1 
ATOM   1357 C C     . ARG A 1 178 ? 11.650  4.583   -9.249  1.00 55.26 ? 331 ARG A C     1 
ATOM   1358 O O     . ARG A 1 178 ? 12.175  3.919   -10.135 1.00 57.53 ? 331 ARG A O     1 
ATOM   1359 C CB    . ARG A 1 178 ? 13.025  6.158   -7.857  1.00 60.37 ? 331 ARG A CB    1 
ATOM   1360 C CG    . ARG A 1 178 ? 14.489  5.993   -8.287  1.00 72.59 ? 331 ARG A CG    1 
ATOM   1361 C CD    . ARG A 1 178 ? 15.412  5.342   -7.254  1.00 78.85 ? 331 ARG A CD    1 
ATOM   1362 N NE    . ARG A 1 178 ? 15.105  5.711   -5.864  1.00 83.16 ? 331 ARG A NE    1 
ATOM   1363 C CZ    . ARG A 1 178 ? 14.674  4.882   -4.903  1.00 88.11 ? 331 ARG A CZ    1 
ATOM   1364 N NH1   . ARG A 1 178 ? 14.432  5.372   -3.684  1.00 88.34 ? 331 ARG A NH1   1 
ATOM   1365 N NH2   . ARG A 1 178 ? 14.482  3.575   -5.122  1.00 87.73 ? 331 ARG A NH2   1 
ATOM   1366 N N     . HIS A 1 179 ? 10.710  4.086   -8.451  1.00 55.04 ? 332 HIS A N     1 
ATOM   1367 C CA    . HIS A 1 179 ? 10.254  2.709   -8.611  1.00 55.51 ? 332 HIS A CA    1 
ATOM   1368 C C     . HIS A 1 179 ? 9.509   2.566   -9.928  1.00 56.62 ? 332 HIS A C     1 
ATOM   1369 O O     . HIS A 1 179 ? 9.719   1.602   -10.646 1.00 56.99 ? 332 HIS A O     1 
ATOM   1370 C CB    . HIS A 1 179 ? 9.372   2.271   -7.434  1.00 55.90 ? 332 HIS A CB    1 
ATOM   1371 C CG    . HIS A 1 179 ? 10.135  1.978   -6.176  1.00 56.26 ? 332 HIS A CG    1 
ATOM   1372 N ND1   . HIS A 1 179 ? 10.481  0.697   -5.795  1.00 56.16 ? 332 HIS A ND1   1 
ATOM   1373 C CD2   . HIS A 1 179 ? 10.609  2.797   -5.207  1.00 54.89 ? 332 HIS A CD2   1 
ATOM   1374 C CE1   . HIS A 1 179 ? 11.126  0.742   -4.643  1.00 56.50 ? 332 HIS A CE1   1 
ATOM   1375 N NE2   . HIS A 1 179 ? 11.232  2.006   -4.273  1.00 55.55 ? 332 HIS A NE2   1 
ATOM   1376 N N     . LEU A 1 180 ? 8.666   3.548   -10.252 1.00 57.97 ? 333 LEU A N     1 
ATOM   1377 C CA    . LEU A 1 180 ? 7.849   3.512   -11.478 1.00 57.69 ? 333 LEU A CA    1 
ATOM   1378 C C     . LEU A 1 180 ? 8.729   3.436   -12.726 1.00 63.78 ? 333 LEU A C     1 
ATOM   1379 O O     . LEU A 1 180 ? 8.430   2.710   -13.669 1.00 66.90 ? 333 LEU A O     1 
ATOM   1380 C CB    . LEU A 1 180 ? 6.914   4.731   -11.538 1.00 59.29 ? 333 LEU A CB    1 
ATOM   1381 C CG    . LEU A 1 180 ? 5.425   4.605   -11.904 1.00 60.86 ? 333 LEU A CG    1 
ATOM   1382 C CD1   . LEU A 1 180 ? 4.764   3.320   -11.448 1.00 62.37 ? 333 LEU A CD1   1 
ATOM   1383 C CD2   . LEU A 1 180 ? 4.651   5.785   -11.334 1.00 59.91 ? 333 LEU A CD2   1 
ATOM   1384 N N     . ARG A 1 181 ? 9.822   4.185   -12.722 1.00 66.72 ? 334 ARG A N     1 
ATOM   1385 C CA    . ARG A 1 181 ? 10.821  4.071   -13.774 1.00 71.48 ? 334 ARG A CA    1 
ATOM   1386 C C     . ARG A 1 181 ? 11.448  2.676   -13.701 1.00 75.81 ? 334 ARG A C     1 
ATOM   1387 O O     . ARG A 1 181 ? 12.430  2.458   -12.985 1.00 75.95 ? 334 ARG A O     1 
ATOM   1388 C CB    . ARG A 1 181 ? 11.829  5.210   -13.633 1.00 67.69 ? 334 ARG A CB    1 
ATOM   1389 C CG    . ARG A 1 181 ? 11.208  6.511   -14.111 1.00 67.13 ? 334 ARG A CG    1 
ATOM   1390 C CD    . ARG A 1 181 ? 11.723  7.757   -13.420 1.00 69.76 ? 334 ARG A CD    1 
ATOM   1391 N NE    . ARG A 1 181 ? 11.023  8.933   -13.951 1.00 70.21 ? 334 ARG A NE    1 
ATOM   1392 C CZ    . ARG A 1 181 ? 11.041  10.160  -13.427 1.00 66.70 ? 334 ARG A CZ    1 
ATOM   1393 N NH1   . ARG A 1 181 ? 11.727  10.432  -12.316 1.00 65.88 ? 334 ARG A NH1   1 
ATOM   1394 N NH2   . ARG A 1 181 ? 10.351  11.126  -14.031 1.00 69.78 ? 334 ARG A NH2   1 
ATOM   1395 N N     . GLN A 1 182 ? 10.821  1.748   -14.435 1.00 77.46 ? 335 GLN A N     1 
ATOM   1396 C CA    . GLN A 1 182 ? 10.970  0.292   -14.232 1.00 74.79 ? 335 GLN A CA    1 
ATOM   1397 C C     . GLN A 1 182 ? 12.403  -0.208  -14.383 1.00 76.28 ? 335 GLN A C     1 
ATOM   1398 O O     . GLN A 1 182 ? 13.174  -0.178  -13.428 1.00 75.84 ? 335 GLN A O     1 
ATOM   1399 C CB    . GLN A 1 182 ? 10.003  -0.521  -15.126 1.00 72.49 ? 335 GLN A CB    1 
ATOM   1400 C CG    . GLN A 1 182 ? 9.900   -0.132  -16.601 1.00 76.04 ? 335 GLN A CG    1 
ATOM   1401 C CD    . GLN A 1 182 ? 11.210  -0.267  -17.375 1.00 75.16 ? 335 GLN A CD    1 
ATOM   1402 O OE1   . GLN A 1 182 ? 12.169  0.467   -17.128 1.00 70.89 ? 335 GLN A OE1   1 
ATOM   1403 N NE2   . GLN A 1 182 ? 11.251  -1.201  -18.328 1.00 77.11 ? 335 GLN A NE2   1 
HETATM 1404 C C2    A 1SY B 2 .   ? -7.912  -1.925  1.919   0.50 27.78 ? 401 1SY A C2    1 
HETATM 1405 N N01   A 1SY B 2 .   ? -11.223 -3.191  1.464   0.50 31.16 ? 401 1SY A N01   1 
HETATM 1406 C C6    A 1SY B 2 .   ? -9.948  -3.095  1.890   0.50 28.59 ? 401 1SY A C6    1 
HETATM 1407 N N1    A 1SY B 2 .   ? -9.189  -2.051  1.518   0.50 28.77 ? 401 1SY A N1    1 
HETATM 1408 N N3    A 1SY B 2 .   ? -7.300  -2.811  2.678   0.50 28.41 ? 401 1SY A N3    1 
HETATM 1409 C C4    A 1SY B 2 .   ? -7.935  -3.907  3.114   0.50 27.74 ? 401 1SY A C4    1 
HETATM 1410 C C5    A 1SY B 2 .   ? -9.324  -4.125  2.733   0.50 27.66 ? 401 1SY A C5    1 
HETATM 1411 N N7    A 1SY B 2 .   ? -9.685  -5.292  3.295   0.50 28.84 ? 401 1SY A N7    1 
HETATM 1412 C C8    A 1SY B 2 .   ? -8.628  -5.780  3.986   0.50 26.97 ? 401 1SY A C8    1 
HETATM 1413 N N9    A 1SY B 2 .   ? -7.574  -4.947  3.858   0.50 26.92 ? 401 1SY A N9    1 
HETATM 1414 C "C1'" A 1SY B 2 .   ? -6.227  -5.157  4.416   0.50 23.00 ? 401 1SY A "C1'" 1 
HETATM 1415 C "C2'" A 1SY B 2 .   ? -6.079  -4.360  5.689   0.50 22.15 ? 401 1SY A "C2'" 1 
HETATM 1416 O "O2'" A 1SY B 2 .   ? -4.760  -3.808  5.643   0.50 20.27 ? 401 1SY A "O2'" 1 
HETATM 1417 C "C3'" A 1SY B 2 .   ? -6.314  -5.252  6.928   0.50 20.78 ? 401 1SY A "C3'" 1 
HETATM 1418 C "C4'" A 1SY B 2 .   ? -5.886  -6.559  6.239   0.50 21.45 ? 401 1SY A "C4'" 1 
HETATM 1419 C C16   A 1SY B 2 .   ? -6.681  -7.762  6.776   0.50 19.86 ? 401 1SY A C16   1 
HETATM 1420 O O17   A 1SY B 2 .   ? -8.066  -7.482  6.603   0.50 18.45 ? 401 1SY A O17   1 
HETATM 1421 P P18   A 1SY B 2 .   ? -9.105  -8.607  7.095   0.50 19.17 ? 401 1SY A P18   1 
HETATM 1422 O O19   A 1SY B 2 .   ? -10.384 -8.138  6.512   0.50 17.58 ? 401 1SY A O19   1 
HETATM 1423 O O20   B 1SY B 2 .   ? -6.198  -4.088  7.804   0.50 27.85 ? 401 1SY A O20   1 
HETATM 1424 C C21   B 1SY B 2 .   ? -6.597  -5.273  7.139   0.50 26.42 ? 401 1SY A C21   1 
HETATM 1425 C C22   B 1SY B 2 .   ? -5.644  -6.312  7.686   0.50 26.27 ? 401 1SY A C22   1 
HETATM 1426 O O23   B 1SY B 2 .   ? -4.318  -5.926  8.070   0.50 24.18 ? 401 1SY A O23   1 
HETATM 1427 C C24   B 1SY B 2 .   ? -5.547  -7.339  6.564   0.50 27.04 ? 401 1SY A C24   1 
HETATM 1428 C C25   B 1SY B 2 .   ? -6.518  -8.505  6.756   0.50 26.68 ? 401 1SY A C25   1 
HETATM 1429 O O26   B 1SY B 2 .   ? -7.866  -8.153  6.444   0.50 26.05 ? 401 1SY A O26   1 
HETATM 1430 P P27   B 1SY B 2 .   ? -9.023  -8.812  7.561   0.50 27.25 ? 401 1SY A P27   1 
HETATM 1431 O O28   A 1SY B 2 .   ? -6.053  -4.375  8.004   0.50 20.17 ? 401 1SY A O28   1 
HETATM 1432 O O28   B 1SY B 2 .   ? -10.512 -8.678  6.817   0.50 24.10 ? 401 1SY A O28   1 
HETATM 1433 O O30   B 1SY B 2 .   ? -8.515  -10.340 7.990   0.50 23.03 ? 401 1SY A O30   1 
HETATM 1434 O O31   B 1SY B 2 .   ? -5.811  -6.613  5.347   0.50 27.56 ? 401 1SY A O31   1 
HETATM 1435 C C32   B 1SY B 2 .   ? -6.270  -5.286  5.656   0.50 28.97 ? 401 1SY A C32   1 
HETATM 1436 N N33   B 1SY B 2 .   ? -7.448  -4.981  4.820   0.50 31.72 ? 401 1SY A N33   1 
HETATM 1437 C C34   B 1SY B 2 .   ? -8.595  -5.698  4.762   0.50 30.69 ? 401 1SY A C34   1 
HETATM 1438 N N35   B 1SY B 2 .   ? -9.443  -5.146  3.854   0.50 31.33 ? 401 1SY A N35   1 
HETATM 1439 C C36   B 1SY B 2 .   ? -7.608  -4.004  3.940   0.50 31.18 ? 401 1SY A C36   1 
HETATM 1440 C C37   B 1SY B 2 .   ? -8.825  -4.072  3.328   0.50 30.67 ? 401 1SY A C37   1 
HETATM 1441 C C38   B 1SY B 2 .   ? -9.179  -3.055  2.333   0.50 29.44 ? 401 1SY A C38   1 
HETATM 1442 N N39   B 1SY B 2 .   ? -8.257  -2.144  2.049   0.50 29.42 ? 401 1SY A N39   1 
HETATM 1443 C C40   B 1SY B 2 .   ? -7.081  -2.092  2.709   0.50 29.31 ? 401 1SY A C40   1 
HETATM 1444 N N41   B 1SY B 2 .   ? -6.204  -1.091  2.380   0.50 27.36 ? 401 1SY A N41   1 
HETATM 1445 N N42   B 1SY B 2 .   ? -6.735  -3.006  3.640   0.50 31.29 ? 401 1SY A N42   1 
HETATM 1446 O O43   B 1SY B 2 .   ? -10.368 -3.026  1.758   0.50 30.56 ? 401 1SY A O43   1 
HETATM 1447 O O44   A 1SY B 2 .   ? -8.625  -9.965  6.745   0.50 19.44 ? 401 1SY A O44   1 
HETATM 1448 O "O4'" A 1SY B 2 .   ? -6.037  -6.496  4.824   0.50 21.37 ? 401 1SY A "O4'" 1 
HETATM 1449 O O     . HOH C 3 .   ? -3.291  -6.772  8.508   0.50 27.51 ? 501 HOH A O     1 
HETATM 1450 O O     . HOH C 3 .   ? -4.402  -2.060  3.283   1.00 53.48 ? 502 HOH A O     1 
HETATM 1451 O O     . HOH C 3 .   ? 2.839   -11.748 15.278  1.00 41.76 ? 503 HOH A O     1 
HETATM 1452 O O     . HOH C 3 .   ? -3.078  6.088   18.319  1.00 43.24 ? 504 HOH A O     1 
HETATM 1453 O O     . HOH C 3 .   ? -9.415  -13.866 5.368   1.00 42.95 ? 505 HOH A O     1 
HETATM 1454 O O     . HOH C 3 .   ? -7.797  -1.123  -0.681  1.00 55.71 ? 506 HOH A O     1 
HETATM 1455 O O     . HOH C 3 .   ? 1.423   0.323   24.227  1.00 38.87 ? 507 HOH A O     1 
HETATM 1456 O O     . HOH C 3 .   ? -13.060 -4.431  2.538   1.00 31.93 ? 508 HOH A O     1 
HETATM 1457 O O     . HOH C 3 .   ? 12.647  12.215  -1.500  1.00 65.97 ? 509 HOH A O     1 
HETATM 1458 O O     . HOH C 3 .   ? -8.587  -6.709  -7.441  1.00 32.64 ? 510 HOH A O     1 
HETATM 1459 O O     . HOH C 3 .   ? -8.092  -12.799 7.723   1.00 39.17 ? 511 HOH A O     1 
HETATM 1460 O O     . HOH C 3 .   ? -16.725 -15.264 -1.303  1.00 57.46 ? 512 HOH A O     1 
HETATM 1461 O O     . HOH C 3 .   ? -10.901 -0.748  0.143   1.00 33.36 ? 513 HOH A O     1 
HETATM 1462 O O     . HOH C 3 .   ? 7.191   6.073   14.394  1.00 48.83 ? 514 HOH A O     1 
HETATM 1463 O O     . HOH C 3 .   ? 4.492   9.004   6.291   1.00 38.34 ? 515 HOH A O     1 
HETATM 1464 O O     . HOH C 3 .   ? 12.161  0.456   16.920  1.00 31.56 ? 516 HOH A O     1 
HETATM 1465 O O     . HOH C 3 .   ? -3.137  -1.251  1.563   1.00 27.91 ? 517 HOH A O     1 
HETATM 1466 O O     . HOH C 3 .   ? 9.943   -13.768 6.752   1.00 54.99 ? 518 HOH A O     1 
HETATM 1467 O O     . HOH C 3 .   ? 4.416   8.942   3.712   1.00 33.53 ? 519 HOH A O     1 
HETATM 1468 O O     . HOH C 3 .   ? -3.945  -4.555  10.309  1.00 26.88 ? 520 HOH A O     1 
HETATM 1469 O O     . HOH C 3 .   ? -0.819  0.923   -10.924 1.00 36.63 ? 521 HOH A O     1 
HETATM 1470 O O     . HOH C 3 .   ? -5.327  2.310   -4.008  1.00 29.81 ? 522 HOH A O     1 
HETATM 1471 O O     . HOH C 3 .   ? 6.262   21.948  -16.375 1.00 46.54 ? 523 HOH A O     1 
HETATM 1472 O O     . HOH C 3 .   ? 6.855   -3.328  23.366  1.00 77.27 ? 524 HOH A O     1 
HETATM 1473 O O     . HOH C 3 .   ? -19.693 1.369   -3.085  0.50 46.65 ? 525 HOH A O     1 
HETATM 1474 O O     . HOH C 3 .   ? -6.060  10.646  -1.085  1.00 41.12 ? 526 HOH A O     1 
HETATM 1475 O O     . HOH C 3 .   ? -23.046 -6.348  3.617   1.00 33.28 ? 527 HOH A O     1 
HETATM 1476 O O     . HOH C 3 .   ? -19.983 -10.164 -4.082  1.00 49.62 ? 528 HOH A O     1 
HETATM 1477 O O     . HOH C 3 .   ? 7.449   16.332  -3.527  1.00 63.03 ? 529 HOH A O     1 
HETATM 1478 O O     . HOH C 3 .   ? -12.199 0.483   -6.487  1.00 40.06 ? 530 HOH A O     1 
HETATM 1479 O O     . HOH C 3 .   ? -13.659 -0.654  0.198   1.00 28.83 ? 531 HOH A O     1 
HETATM 1480 O O     . HOH C 3 .   ? 7.970   14.811  -7.892  1.00 36.57 ? 532 HOH A O     1 
HETATM 1481 O O     . HOH C 3 .   ? -14.165 -5.751  -10.168 1.00 48.80 ? 533 HOH A O     1 
HETATM 1482 O O     . HOH C 3 .   ? -3.786  -6.265  25.301  1.00 39.22 ? 534 HOH A O     1 
HETATM 1483 O O     . HOH C 3 .   ? 7.029   8.960   6.348   1.00 43.52 ? 535 HOH A O     1 
HETATM 1484 O O     . HOH C 3 .   ? -9.791  4.864   21.783  1.00 53.13 ? 536 HOH A O     1 
HETATM 1485 O O     . HOH C 3 .   ? -15.021 3.061   -3.276  1.00 42.77 ? 537 HOH A O     1 
HETATM 1486 O O     . HOH C 3 .   ? -4.651  1.504   2.199   1.00 54.34 ? 538 HOH A O     1 
HETATM 1487 O O     . HOH C 3 .   ? -4.075  -9.324  -11.740 1.00 41.12 ? 539 HOH A O     1 
HETATM 1488 O O     . HOH C 3 .   ? -0.449  5.814   11.244  1.00 44.39 ? 540 HOH A O     1 
HETATM 1489 O O     . HOH C 3 .   ? 11.092  -0.568  -0.909  1.00 50.77 ? 541 HOH A O     1 
HETATM 1490 O O     . HOH C 3 .   ? -6.590  -10.174 -13.280 1.00 46.40 ? 542 HOH A O     1 
HETATM 1491 O O     . HOH C 3 .   ? -9.645  -15.206 -11.503 1.00 68.43 ? 543 HOH A O     1 
HETATM 1492 O O     . HOH C 3 .   ? -8.860  -15.260 3.025   1.00 40.25 ? 544 HOH A O     1 
HETATM 1493 O O     . HOH C 3 .   ? -15.504 -9.780  6.155   1.00 28.71 ? 545 HOH A O     1 
HETATM 1494 O O     . HOH C 3 .   ? -17.652 3.662   -3.064  1.00 65.54 ? 546 HOH A O     1 
HETATM 1495 O O     . HOH C 3 .   ? -16.182 -7.972  -8.027  1.00 46.99 ? 547 HOH A O     1 
HETATM 1496 O O     . HOH C 3 .   ? -14.130 -11.106 -5.647  1.00 52.18 ? 548 HOH A O     1 
HETATM 1497 O O     . HOH C 3 .   ? 8.909   6.807   6.954   1.00 38.38 ? 549 HOH A O     1 
HETATM 1498 O O     . HOH C 3 .   ? -18.415 -13.927 -3.307  1.00 47.45 ? 550 HOH A O     1 
HETATM 1499 O O     . HOH C 3 .   ? 8.268   -5.244  -4.060  1.00 40.62 ? 551 HOH A O     1 
HETATM 1500 O O     . HOH C 3 .   ? -17.335 -0.178  -9.397  1.00 57.89 ? 552 HOH A O     1 
HETATM 1501 O O     . HOH C 3 .   ? 1.892   -18.142 -0.615  1.00 47.97 ? 553 HOH A O     1 
HETATM 1502 O O     . HOH C 3 .   ? 4.565   10.778  -18.517 1.00 41.63 ? 554 HOH A O     1 
HETATM 1503 O O     . HOH C 3 .   ? 14.476  6.055   2.756   1.00 69.87 ? 555 HOH A O     1 
HETATM 1504 O O     . HOH C 3 .   ? 0.496   7.356   23.986  1.00 34.46 ? 556 HOH A O     1 
HETATM 1505 O O     . HOH C 3 .   ? -0.273  -10.051 14.897  0.50 62.67 ? 557 HOH A O     1 
HETATM 1506 O O     . HOH C 3 .   ? -4.887  12.534  6.370   1.00 51.70 ? 558 HOH A O     1 
HETATM 1507 O O     . HOH C 3 .   ? -7.453  9.476   0.105   1.00 43.04 ? 559 HOH A O     1 
HETATM 1508 O O     . HOH C 3 .   ? -14.587 3.058   -12.113 1.00 62.75 ? 560 HOH A O     1 
HETATM 1509 O O     . HOH C 3 .   ? 13.043  -3.337  4.241   1.00 67.72 ? 561 HOH A O     1 
HETATM 1510 O O     . HOH C 3 .   ? -24.847 -9.222  -5.493  1.00 72.19 ? 562 HOH A O     1 
HETATM 1511 O O     . HOH C 3 .   ? 13.263  -7.249  20.437  1.00 71.35 ? 563 HOH A O     1 
HETATM 1512 O O     . HOH C 3 .   ? -7.196  -17.797 -1.701  1.00 63.66 ? 564 HOH A O     1 
HETATM 1513 O O     . HOH C 3 .   ? 6.323   -16.871 14.927  1.00 71.16 ? 565 HOH A O     1 
HETATM 1514 O O     . HOH C 3 .   ? -14.242 9.443   -7.152  1.00 62.16 ? 566 HOH A O     1 
HETATM 1515 O O     . HOH C 3 .   ? 13.053  -12.551 9.238   1.00 59.10 ? 567 HOH A O     1 
# 
loop_
_pdbx_poly_seq_scheme.asym_id 
_pdbx_poly_seq_scheme.entity_id 
_pdbx_poly_seq_scheme.seq_id 
_pdbx_poly_seq_scheme.mon_id 
_pdbx_poly_seq_scheme.ndb_seq_num 
_pdbx_poly_seq_scheme.pdb_seq_num 
_pdbx_poly_seq_scheme.auth_seq_num 
_pdbx_poly_seq_scheme.pdb_mon_id 
_pdbx_poly_seq_scheme.auth_mon_id 
_pdbx_poly_seq_scheme.pdb_strand_id 
_pdbx_poly_seq_scheme.pdb_ins_code 
_pdbx_poly_seq_scheme.hetero 
A 1 1   ASN 1   154 154 ASN ASN A . n 
A 1 2   VAL 2   155 155 VAL VAL A . n 
A 1 3   ALA 3   156 156 ALA ALA A . n 
A 1 4   HIS 4   157 157 HIS HIS A . n 
A 1 5   GLY 5   158 158 GLY GLY A . n 
A 1 6   LEU 6   159 159 LEU LEU A . n 
A 1 7   ALA 7   160 160 ALA ALA A . n 
A 1 8   TRP 8   161 161 TRP TRP A . n 
A 1 9   SER 9   162 162 SER SER A . n 
A 1 10  TYR 10  163 163 TYR TYR A . n 
A 1 11  TYR 11  164 164 TYR TYR A . n 
A 1 12  ILE 12  165 165 ILE ILE A . n 
A 1 13  GLY 13  166 166 GLY GLY A . n 
A 1 14  TYR 14  167 167 TYR TYR A . n 
A 1 15  LEU 15  168 168 LEU LEU A . n 
A 1 16  ARG 16  169 169 ARG ARG A . n 
A 1 17  LEU 17  170 170 LEU LEU A . n 
A 1 18  ILE 18  171 171 ILE ILE A . n 
A 1 19  LEU 19  172 172 LEU LEU A . n 
A 1 20  PRO 20  173 173 PRO PRO A . n 
A 1 21  GLU 21  174 174 GLU GLU A . n 
A 1 22  LEU 22  175 175 LEU LEU A . n 
A 1 23  GLN 23  176 176 GLN GLN A . n 
A 1 24  ALA 24  177 177 ALA ALA A . n 
A 1 25  ARG 25  178 178 ARG ARG A . n 
A 1 26  ILE 26  179 179 ILE ILE A . n 
A 1 27  ARG 27  180 180 ARG ARG A . n 
A 1 28  THR 28  181 181 THR THR A . n 
A 1 29  TYR 29  182 182 TYR TYR A . n 
A 1 30  ASN 30  183 183 ASN ASN A . n 
A 1 31  GLN 31  184 184 GLN GLN A . n 
A 1 32  HIS 32  185 185 HIS HIS A . n 
A 1 33  TYR 33  186 186 TYR TYR A . n 
A 1 34  ASN 34  187 ?   ?   ?   A . n 
A 1 35  ASN 35  188 ?   ?   ?   A . n 
A 1 36  LEU 36  189 ?   ?   ?   A . n 
A 1 37  LEU 37  190 ?   ?   ?   A . n 
A 1 38  ARG 38  191 ?   ?   ?   A . n 
A 1 39  GLY 39  192 ?   ?   ?   A . n 
A 1 40  ALA 40  193 193 ALA ALA A . n 
A 1 41  VAL 41  194 194 VAL VAL A . n 
A 1 42  SER 42  195 195 SER SER A . n 
A 1 43  GLN 43  196 196 GLN GLN A . n 
A 1 44  ARG 44  197 197 ARG ARG A . n 
A 1 45  LEU 45  198 198 LEU LEU A . n 
A 1 46  TYR 46  199 199 TYR TYR A . n 
A 1 47  ILE 47  200 200 ILE ILE A . n 
A 1 48  LEU 48  201 201 LEU LEU A . n 
A 1 49  LEU 49  202 202 LEU LEU A . n 
A 1 50  PRO 50  203 203 PRO PRO A . n 
A 1 51  LEU 51  204 204 LEU LEU A . n 
A 1 52  ASP 52  205 205 ASP ASP A . n 
A 1 53  CYS 53  206 206 CYS CYS A . n 
A 1 54  GLY 54  207 207 GLY GLY A . n 
A 1 55  VAL 55  208 208 VAL VAL A . n 
A 1 56  PRO 56  209 209 PRO PRO A . n 
A 1 57  ASP 57  210 210 ASP ASP A . n 
A 1 58  ASN 58  211 211 ASN ASN A . n 
A 1 59  LEU 59  212 212 LEU LEU A . n 
A 1 60  SER 60  213 213 SER SER A . n 
A 1 61  MET 61  214 214 MET MET A . n 
A 1 62  ALA 62  215 215 ALA ALA A . n 
A 1 63  ASP 63  216 216 ASP ASP A . n 
A 1 64  PRO 64  217 217 PRO PRO A . n 
A 1 65  ASN 65  218 218 ASN ASN A . n 
A 1 66  ILE 66  219 219 ILE ILE A . n 
A 1 67  ARG 67  220 220 ARG ARG A . n 
A 1 68  PHE 68  221 221 PHE PHE A . n 
A 1 69  LEU 69  222 222 LEU LEU A . n 
A 1 70  ASP 70  223 223 ASP ASP A . n 
A 1 71  LYS 71  224 224 LYS LYS A . n 
A 1 72  LEU 72  225 225 LEU LEU A . n 
A 1 73  PRO 73  226 226 PRO PRO A . n 
A 1 74  GLN 74  227 227 GLN GLN A . n 
A 1 75  GLN 75  228 228 GLN GLN A . n 
A 1 76  THR 76  229 229 THR THR A . n 
A 1 77  ALA 77  230 230 ALA ALA A . n 
A 1 78  ASP 78  231 231 ASP ASP A . n 
A 1 79  ARG 79  232 232 ARG ARG A . n 
A 1 80  ALA 80  233 233 ALA ALA A . n 
A 1 81  GLY 81  234 234 GLY GLY A . n 
A 1 82  ILE 82  235 235 ILE ILE A . n 
A 1 83  LYS 83  236 236 LYS LYS A . n 
A 1 84  ASP 84  237 237 ASP ASP A . n 
A 1 85  ARG 85  238 238 ARG ARG A . n 
A 1 86  VAL 86  239 239 VAL VAL A . n 
A 1 87  TYR 87  240 240 TYR TYR A . n 
A 1 88  SER 88  241 241 SER SER A . n 
A 1 89  ASN 89  242 242 ASN ASN A . n 
A 1 90  SER 90  243 243 SER SER A . n 
A 1 91  ILE 91  244 244 ILE ILE A . n 
A 1 92  TYR 92  245 245 TYR TYR A . n 
A 1 93  GLU 93  246 246 GLU GLU A . n 
A 1 94  LEU 94  247 247 LEU LEU A . n 
A 1 95  LEU 95  248 248 LEU LEU A . n 
A 1 96  GLU 96  249 249 GLU GLU A . n 
A 1 97  ASN 97  250 250 ASN ASN A . n 
A 1 98  GLY 98  251 251 GLY GLY A . n 
A 1 99  GLN 99  252 252 GLN GLN A . n 
A 1 100 ARG 100 253 253 ARG ARG A . n 
A 1 101 ALA 101 254 254 ALA ALA A . n 
A 1 102 GLY 102 255 255 GLY GLY A . n 
A 1 103 THR 103 256 256 THR THR A . n 
A 1 104 CYS 104 257 257 CYS CYS A . n 
A 1 105 VAL 105 258 258 VAL VAL A . n 
A 1 106 LEU 106 259 259 LEU LEU A . n 
A 1 107 GLU 107 260 260 GLU GLU A . n 
A 1 108 TYR 108 261 261 TYR TYR A . n 
A 1 109 ALA 109 262 262 ALA ALA A . n 
A 1 110 THR 110 263 263 THR THR A . n 
A 1 111 PRO 111 264 264 PRO PRO A . n 
A 1 112 LEU 112 265 265 LEU LEU A . n 
A 1 113 GLN 113 266 266 GLN GLN A . n 
A 1 114 THR 114 267 267 THR THR A . n 
A 1 115 LEU 115 268 268 LEU LEU A . n 
A 1 116 PHE 116 269 269 PHE PHE A . n 
A 1 117 ALA 117 270 270 ALA ALA A . n 
A 1 118 MET 118 271 271 MET MET A . n 
A 1 119 SER 119 272 272 SER SER A . n 
A 1 120 GLN 120 273 273 GLN GLN A . n 
A 1 121 TYR 121 274 274 TYR TYR A . n 
A 1 122 SER 122 275 275 SER SER A . n 
A 1 123 GLN 123 276 276 GLN GLN A . n 
A 1 124 ALA 124 277 277 ALA ALA A . n 
A 1 125 GLY 125 278 278 GLY GLY A . n 
A 1 126 PHE 126 279 279 PHE PHE A . n 
A 1 127 SER 127 280 280 SER SER A . n 
A 1 128 ARG 128 281 281 ARG ARG A . n 
A 1 129 GLU 129 282 282 GLU GLU A . n 
A 1 130 ASP 130 283 283 ASP ASP A . n 
A 1 131 ARG 131 284 284 ARG ARG A . n 
A 1 132 LEU 132 285 285 LEU LEU A . n 
A 1 133 GLU 133 286 286 GLU GLU A . n 
A 1 134 GLN 134 287 287 GLN GLN A . n 
A 1 135 ALA 135 288 288 ALA ALA A . n 
A 1 136 LYS 136 289 289 LYS LYS A . n 
A 1 137 LEU 137 290 290 LEU LEU A . n 
A 1 138 PHE 138 291 291 PHE PHE A . n 
A 1 139 CYS 139 292 292 CYS CYS A . n 
A 1 140 ARG 140 293 293 ARG ARG A . n 
A 1 141 THR 141 294 294 THR THR A . n 
A 1 142 LEU 142 295 295 LEU LEU A . n 
A 1 143 GLU 143 296 296 GLU GLU A . n 
A 1 144 ASP 144 297 297 ASP ASP A . n 
A 1 145 ILE 145 298 298 ILE ILE A . n 
A 1 146 LEU 146 299 299 LEU LEU A . n 
A 1 147 ALA 147 300 300 ALA ALA A . n 
A 1 148 ASP 148 301 301 ASP ASP A . n 
A 1 149 ALA 149 302 302 ALA ALA A . n 
A 1 150 PRO 150 303 303 PRO PRO A . n 
A 1 151 GLU 151 304 304 GLU GLU A . n 
A 1 152 SER 152 305 305 SER SER A . n 
A 1 153 GLN 153 306 306 GLN GLN A . n 
A 1 154 ASN 154 307 307 ASN ASN A . n 
A 1 155 ASN 155 308 308 ASN ASN A . n 
A 1 156 CYS 156 309 309 CYS CYS A . n 
A 1 157 ARG 157 310 310 ARG ARG A . n 
A 1 158 LEU 158 311 311 LEU LEU A . n 
A 1 159 ILE 159 312 312 ILE ILE A . n 
A 1 160 ALA 160 313 313 ALA ALA A . n 
A 1 161 TYR 161 314 314 TYR TYR A . n 
A 1 162 GLN 162 315 315 GLN GLN A . n 
A 1 163 GLU 163 316 316 GLU GLU A . n 
A 1 164 PRO 164 317 317 PRO PRO A . n 
A 1 165 ALA 165 318 318 ALA ALA A . n 
A 1 166 ASP 166 319 ?   ?   ?   A . n 
A 1 167 ASP 167 320 ?   ?   ?   A . n 
A 1 168 SER 168 321 ?   ?   ?   A . n 
A 1 169 SER 169 322 322 SER SER A . n 
A 1 170 PHE 170 323 323 PHE PHE A . n 
A 1 171 SER 171 324 324 SER SER A . n 
A 1 172 LEU 172 325 325 LEU LEU A . n 
A 1 173 SER 173 326 326 SER SER A . n 
A 1 174 GLN 174 327 327 GLN GLN A . n 
A 1 175 GLU 175 328 328 GLU GLU A . n 
A 1 176 VAL 176 329 329 VAL VAL A . n 
A 1 177 LEU 177 330 330 LEU LEU A . n 
A 1 178 ARG 178 331 331 ARG ARG A . n 
A 1 179 HIS 179 332 332 HIS HIS A . n 
A 1 180 LEU 180 333 333 LEU LEU A . n 
A 1 181 ARG 181 334 334 ARG ARG A . n 
A 1 182 GLN 182 335 335 GLN GLN A . n 
A 1 183 GLU 183 336 ?   ?   ?   A . n 
A 1 184 GLU 184 337 ?   ?   ?   A . n 
# 
loop_
_pdbx_nonpoly_scheme.asym_id 
_pdbx_nonpoly_scheme.entity_id 
_pdbx_nonpoly_scheme.mon_id 
_pdbx_nonpoly_scheme.ndb_seq_num 
_pdbx_nonpoly_scheme.pdb_seq_num 
_pdbx_nonpoly_scheme.auth_seq_num 
_pdbx_nonpoly_scheme.pdb_mon_id 
_pdbx_nonpoly_scheme.auth_mon_id 
_pdbx_nonpoly_scheme.pdb_strand_id 
_pdbx_nonpoly_scheme.pdb_ins_code 
B 2 1SY 1  401 401 1SY 1SY A . 
C 3 HOH 1  501 501 HOH HOH A . 
C 3 HOH 2  502 502 HOH HOH A . 
C 3 HOH 3  503 503 HOH HOH A . 
C 3 HOH 4  504 504 HOH HOH A . 
C 3 HOH 5  505 505 HOH HOH A . 
C 3 HOH 6  506 506 HOH HOH A . 
C 3 HOH 7  507 507 HOH HOH A . 
C 3 HOH 8  508 508 HOH HOH A . 
C 3 HOH 9  509 509 HOH HOH A . 
C 3 HOH 10 510 510 HOH HOH A . 
C 3 HOH 11 511 511 HOH HOH A . 
C 3 HOH 12 512 512 HOH HOH A . 
C 3 HOH 13 513 513 HOH HOH A . 
C 3 HOH 14 514 514 HOH HOH A . 
C 3 HOH 15 515 515 HOH HOH A . 
C 3 HOH 16 516 516 HOH HOH A . 
C 3 HOH 17 517 517 HOH HOH A . 
C 3 HOH 18 518 518 HOH HOH A . 
C 3 HOH 19 519 519 HOH HOH A . 
C 3 HOH 20 520 520 HOH HOH A . 
C 3 HOH 21 521 521 HOH HOH A . 
C 3 HOH 22 522 522 HOH HOH A . 
C 3 HOH 23 523 523 HOH HOH A . 
C 3 HOH 24 524 524 HOH HOH A . 
C 3 HOH 25 525 525 HOH HOH A . 
C 3 HOH 26 526 526 HOH HOH A . 
C 3 HOH 27 527 527 HOH HOH A . 
C 3 HOH 28 528 528 HOH HOH A . 
C 3 HOH 29 529 529 HOH HOH A . 
C 3 HOH 30 530 530 HOH HOH A . 
C 3 HOH 31 531 531 HOH HOH A . 
C 3 HOH 32 532 532 HOH HOH A . 
C 3 HOH 33 533 533 HOH HOH A . 
C 3 HOH 34 534 534 HOH HOH A . 
C 3 HOH 35 535 535 HOH HOH A . 
C 3 HOH 36 536 536 HOH HOH A . 
C 3 HOH 37 537 537 HOH HOH A . 
C 3 HOH 38 538 538 HOH HOH A . 
C 3 HOH 39 539 539 HOH HOH A . 
C 3 HOH 40 540 540 HOH HOH A . 
C 3 HOH 41 541 541 HOH HOH A . 
C 3 HOH 42 542 542 HOH HOH A . 
C 3 HOH 43 543 543 HOH HOH A . 
C 3 HOH 44 544 544 HOH HOH A . 
C 3 HOH 45 545 545 HOH HOH A . 
C 3 HOH 46 546 546 HOH HOH A . 
C 3 HOH 47 547 547 HOH HOH A . 
C 3 HOH 48 548 548 HOH HOH A . 
C 3 HOH 49 549 549 HOH HOH A . 
C 3 HOH 50 550 550 HOH HOH A . 
C 3 HOH 51 551 551 HOH HOH A . 
C 3 HOH 52 552 552 HOH HOH A . 
C 3 HOH 53 553 553 HOH HOH A . 
C 3 HOH 54 554 554 HOH HOH A . 
C 3 HOH 55 555 555 HOH HOH A . 
C 3 HOH 56 556 556 HOH HOH A . 
C 3 HOH 57 557 557 HOH HOH A . 
C 3 HOH 58 558 558 HOH HOH A . 
C 3 HOH 59 559 559 HOH HOH A . 
C 3 HOH 60 560 560 HOH HOH A . 
C 3 HOH 61 561 561 HOH HOH A . 
C 3 HOH 62 562 562 HOH HOH A . 
C 3 HOH 63 563 563 HOH HOH A . 
C 3 HOH 64 564 564 HOH HOH A . 
C 3 HOH 65 565 565 HOH HOH A . 
C 3 HOH 66 566 566 HOH HOH A . 
C 3 HOH 67 567 567 HOH HOH A . 
# 
_pdbx_struct_assembly.id                   1 
_pdbx_struct_assembly.details              author_and_software_defined_assembly 
_pdbx_struct_assembly.method_details       PISA 
_pdbx_struct_assembly.oligomeric_details   dimeric 
_pdbx_struct_assembly.oligomeric_count     2 
# 
_pdbx_struct_assembly_gen.assembly_id       1 
_pdbx_struct_assembly_gen.oper_expression   1,2 
_pdbx_struct_assembly_gen.asym_id_list      A,B,C 
# 
loop_
_pdbx_struct_assembly_prop.biol_id 
_pdbx_struct_assembly_prop.type 
_pdbx_struct_assembly_prop.value 
_pdbx_struct_assembly_prop.details 
1 'ABSA (A^2)' 4900  ? 
1 MORE         -19   ? 
1 'SSA (A^2)'  15590 ? 
# 
loop_
_pdbx_struct_oper_list.id 
_pdbx_struct_oper_list.type 
_pdbx_struct_oper_list.name 
_pdbx_struct_oper_list.symmetry_operation 
_pdbx_struct_oper_list.matrix[1][1] 
_pdbx_struct_oper_list.matrix[1][2] 
_pdbx_struct_oper_list.matrix[1][3] 
_pdbx_struct_oper_list.vector[1] 
_pdbx_struct_oper_list.matrix[2][1] 
_pdbx_struct_oper_list.matrix[2][2] 
_pdbx_struct_oper_list.matrix[2][3] 
_pdbx_struct_oper_list.vector[2] 
_pdbx_struct_oper_list.matrix[3][1] 
_pdbx_struct_oper_list.matrix[3][2] 
_pdbx_struct_oper_list.matrix[3][3] 
_pdbx_struct_oper_list.vector[3] 
1 'identity operation'         1_555 x,y,z        1.0000000000  0.0000000000  0.0000000000 0.0000000000   0.0000000000  1.0000000000  0.0000000000  0.0000000000   0.0000000000 0.0000000000  1.0000000000  0.0000000000  
2 'crystal symmetry operation' 7_643 y+1,x-1,-z-2 -0.0433643858 -0.5121090809 0.8578250517 -18.2563252169 -0.5121090809 -0.7258562123 -0.4592135106 -10.8232333521 0.8578250517 -0.4592135106 -0.2307794019 13.8979093461 
# 
_pdbx_struct_special_symmetry.id              1 
_pdbx_struct_special_symmetry.PDB_model_num   1 
_pdbx_struct_special_symmetry.auth_asym_id    A 
_pdbx_struct_special_symmetry.auth_comp_id    HOH 
_pdbx_struct_special_symmetry.auth_seq_id     557 
_pdbx_struct_special_symmetry.PDB_ins_code    ? 
_pdbx_struct_special_symmetry.label_asym_id   C 
_pdbx_struct_special_symmetry.label_comp_id   HOH 
_pdbx_struct_special_symmetry.label_seq_id    . 
# 
loop_
_pdbx_audit_revision_history.ordinal 
_pdbx_audit_revision_history.data_content_type 
_pdbx_audit_revision_history.major_revision 
_pdbx_audit_revision_history.minor_revision 
_pdbx_audit_revision_history.revision_date 
1 'Structure model' 1 0 2019-03-13 
2 'Structure model' 1 1 2019-07-17 
3 'Structure model' 1 2 2019-07-24 
4 'Structure model' 1 3 2019-08-07 
5 'Structure model' 1 4 2023-10-11 
# 
_pdbx_audit_revision_details.ordinal             1 
_pdbx_audit_revision_details.revision_ordinal    1 
_pdbx_audit_revision_details.data_content_type   'Structure model' 
_pdbx_audit_revision_details.provider            repository 
_pdbx_audit_revision_details.type                'Initial release' 
_pdbx_audit_revision_details.description         ? 
_pdbx_audit_revision_details.details             ? 
# 
loop_
_pdbx_audit_revision_group.ordinal 
_pdbx_audit_revision_group.revision_ordinal 
_pdbx_audit_revision_group.data_content_type 
_pdbx_audit_revision_group.group 
1  2 'Structure model' 'Data collection'        
2  2 'Structure model' 'Database references'    
3  3 'Structure model' 'Data collection'        
4  3 'Structure model' 'Database references'    
5  4 'Structure model' 'Data collection'        
6  4 'Structure model' 'Database references'    
7  5 'Structure model' 'Data collection'        
8  5 'Structure model' 'Database references'    
9  5 'Structure model' 'Refinement description' 
10 5 'Structure model' 'Structure summary'      
# 
loop_
_pdbx_audit_revision_category.ordinal 
_pdbx_audit_revision_category.revision_ordinal 
_pdbx_audit_revision_category.data_content_type 
_pdbx_audit_revision_category.category 
1  2 'Structure model' citation                      
2  2 'Structure model' citation_author               
3  3 'Structure model' citation                      
4  4 'Structure model' citation                      
5  5 'Structure model' chem_comp                     
6  5 'Structure model' chem_comp_atom                
7  5 'Structure model' chem_comp_bond                
8  5 'Structure model' citation                      
9  5 'Structure model' database_2                    
10 5 'Structure model' pdbx_initial_refinement_model 
# 
loop_
_pdbx_audit_revision_item.ordinal 
_pdbx_audit_revision_item.revision_ordinal 
_pdbx_audit_revision_item.data_content_type 
_pdbx_audit_revision_item.item 
1 3 'Structure model' '_citation.journal_volume'            
2 3 'Structure model' '_citation.page_first'                
3 4 'Structure model' '_citation.page_last'                 
4 5 'Structure model' '_chem_comp.pdbx_synonyms'            
5 5 'Structure model' '_citation.journal_id_ISSN'           
6 5 'Structure model' '_database_2.pdbx_DOI'                
7 5 'Structure model' '_database_2.pdbx_database_accession' 
# 
loop_
_software.citation_id 
_software.classification 
_software.compiler_name 
_software.compiler_version 
_software.contact_author 
_software.contact_author_email 
_software.date 
_software.description 
_software.dependencies 
_software.hardware 
_software.language 
_software.location 
_software.mods 
_software.name 
_software.os 
_software.os_version 
_software.type 
_software.version 
_software.pdbx_ordinal 
? refinement       ? ? ? ? ? ? ? ? ? ? ? REFMAC ? ? ? 5.8.0135 1 
? 'data reduction' ? ? ? ? ? ? ? ? ? ? ? XDS    ? ? ? .        2 
? 'data scaling'   ? ? ? ? ? ? ? ? ? ? ? SCALA  ? ? ? .        3 
? phasing          ? ? ? ? ? ? ? ? ? ? ? PHASER ? ? ? .        4 
# 
loop_
_pdbx_validate_close_contact.id 
_pdbx_validate_close_contact.PDB_model_num 
_pdbx_validate_close_contact.auth_atom_id_1 
_pdbx_validate_close_contact.auth_asym_id_1 
_pdbx_validate_close_contact.auth_comp_id_1 
_pdbx_validate_close_contact.auth_seq_id_1 
_pdbx_validate_close_contact.PDB_ins_code_1 
_pdbx_validate_close_contact.label_alt_id_1 
_pdbx_validate_close_contact.auth_atom_id_2 
_pdbx_validate_close_contact.auth_asym_id_2 
_pdbx_validate_close_contact.auth_comp_id_2 
_pdbx_validate_close_contact.auth_seq_id_2 
_pdbx_validate_close_contact.PDB_ins_code_2 
_pdbx_validate_close_contact.label_alt_id_2 
_pdbx_validate_close_contact.dist 
1 1 OG1 A THR 263 ? A O A HOH 502 ? ? 2.15 
2 1 O   A HOH 526 ? ? O A HOH 559 ? ? 2.17 
# 
_pdbx_validate_rmsd_angle.id                         1 
_pdbx_validate_rmsd_angle.PDB_model_num              1 
_pdbx_validate_rmsd_angle.auth_atom_id_1             NE 
_pdbx_validate_rmsd_angle.auth_asym_id_1             A 
_pdbx_validate_rmsd_angle.auth_comp_id_1             ARG 
_pdbx_validate_rmsd_angle.auth_seq_id_1              232 
_pdbx_validate_rmsd_angle.PDB_ins_code_1             ? 
_pdbx_validate_rmsd_angle.label_alt_id_1             ? 
_pdbx_validate_rmsd_angle.auth_atom_id_2             CZ 
_pdbx_validate_rmsd_angle.auth_asym_id_2             A 
_pdbx_validate_rmsd_angle.auth_comp_id_2             ARG 
_pdbx_validate_rmsd_angle.auth_seq_id_2              232 
_pdbx_validate_rmsd_angle.PDB_ins_code_2             ? 
_pdbx_validate_rmsd_angle.label_alt_id_2             ? 
_pdbx_validate_rmsd_angle.auth_atom_id_3             NH1 
_pdbx_validate_rmsd_angle.auth_asym_id_3             A 
_pdbx_validate_rmsd_angle.auth_comp_id_3             ARG 
_pdbx_validate_rmsd_angle.auth_seq_id_3              232 
_pdbx_validate_rmsd_angle.PDB_ins_code_3             ? 
_pdbx_validate_rmsd_angle.label_alt_id_3             ? 
_pdbx_validate_rmsd_angle.angle_value                123.90 
_pdbx_validate_rmsd_angle.angle_target_value         120.30 
_pdbx_validate_rmsd_angle.angle_deviation            3.60 
_pdbx_validate_rmsd_angle.angle_standard_deviation   0.50 
_pdbx_validate_rmsd_angle.linker_flag                N 
# 
loop_
_pdbx_validate_torsion.id 
_pdbx_validate_torsion.PDB_model_num 
_pdbx_validate_torsion.auth_comp_id 
_pdbx_validate_torsion.auth_asym_id 
_pdbx_validate_torsion.auth_seq_id 
_pdbx_validate_torsion.PDB_ins_code 
_pdbx_validate_torsion.label_alt_id 
_pdbx_validate_torsion.phi 
_pdbx_validate_torsion.psi 
1 1 TYR A 167 ? ? -147.23 -67.28  
2 1 HIS A 185 ? ? 179.42  -42.01  
3 1 ASP A 216 ? ? -166.05 119.94  
4 1 SER A 305 ? ? -143.82 -105.51 
5 1 GLN A 306 ? ? 17.80   -55.79  
6 1 ARG A 334 ? ? -64.97  89.87   
# 
_pdbx_validate_peptide_omega.id               1 
_pdbx_validate_peptide_omega.PDB_model_num    1 
_pdbx_validate_peptide_omega.auth_comp_id_1   SER 
_pdbx_validate_peptide_omega.auth_asym_id_1   A 
_pdbx_validate_peptide_omega.auth_seq_id_1    305 
_pdbx_validate_peptide_omega.PDB_ins_code_1   ? 
_pdbx_validate_peptide_omega.label_alt_id_1   ? 
_pdbx_validate_peptide_omega.auth_comp_id_2   GLN 
_pdbx_validate_peptide_omega.auth_asym_id_2   A 
_pdbx_validate_peptide_omega.auth_seq_id_2    306 
_pdbx_validate_peptide_omega.PDB_ins_code_2   ? 
_pdbx_validate_peptide_omega.label_alt_id_2   ? 
_pdbx_validate_peptide_omega.omega            -126.22 
# 
_pdbx_unobs_or_zero_occ_atoms.id               1 
_pdbx_unobs_or_zero_occ_atoms.PDB_model_num    1 
_pdbx_unobs_or_zero_occ_atoms.polymer_flag     N 
_pdbx_unobs_or_zero_occ_atoms.occupancy_flag   1 
_pdbx_unobs_or_zero_occ_atoms.auth_asym_id     A 
_pdbx_unobs_or_zero_occ_atoms.auth_comp_id     1SY 
_pdbx_unobs_or_zero_occ_atoms.auth_seq_id      401 
_pdbx_unobs_or_zero_occ_atoms.PDB_ins_code     ? 
_pdbx_unobs_or_zero_occ_atoms.auth_atom_id     O29 
_pdbx_unobs_or_zero_occ_atoms.label_alt_id     ? 
_pdbx_unobs_or_zero_occ_atoms.label_asym_id    B 
_pdbx_unobs_or_zero_occ_atoms.label_comp_id    1SY 
_pdbx_unobs_or_zero_occ_atoms.label_seq_id     1 
_pdbx_unobs_or_zero_occ_atoms.label_atom_id    O29 
# 
loop_
_pdbx_unobs_or_zero_occ_residues.id 
_pdbx_unobs_or_zero_occ_residues.PDB_model_num 
_pdbx_unobs_or_zero_occ_residues.polymer_flag 
_pdbx_unobs_or_zero_occ_residues.occupancy_flag 
_pdbx_unobs_or_zero_occ_residues.auth_asym_id 
_pdbx_unobs_or_zero_occ_residues.auth_comp_id 
_pdbx_unobs_or_zero_occ_residues.auth_seq_id 
_pdbx_unobs_or_zero_occ_residues.PDB_ins_code 
_pdbx_unobs_or_zero_occ_residues.label_asym_id 
_pdbx_unobs_or_zero_occ_residues.label_comp_id 
_pdbx_unobs_or_zero_occ_residues.label_seq_id 
1  1 Y 1 A ASN 187 ? A ASN 34  
2  1 Y 1 A ASN 188 ? A ASN 35  
3  1 Y 1 A LEU 189 ? A LEU 36  
4  1 Y 1 A LEU 190 ? A LEU 37  
5  1 Y 1 A ARG 191 ? A ARG 38  
6  1 Y 1 A GLY 192 ? A GLY 39  
7  1 Y 1 A ASP 319 ? A ASP 166 
8  1 Y 1 A ASP 320 ? A ASP 167 
9  1 Y 1 A SER 321 ? A SER 168 
10 1 Y 1 A GLU 336 ? A GLU 183 
11 1 Y 1 A GLU 337 ? A GLU 184 
# 
loop_
_chem_comp_atom.comp_id 
_chem_comp_atom.atom_id 
_chem_comp_atom.type_symbol 
_chem_comp_atom.pdbx_aromatic_flag 
_chem_comp_atom.pdbx_stereo_config 
_chem_comp_atom.pdbx_ordinal 
1SY C2    C Y N 1   
1SY N01   N N N 2   
1SY C6    C Y N 3   
1SY N1    N Y N 4   
1SY N3    N Y N 5   
1SY C4    C Y N 6   
1SY C5    C Y N 7   
1SY N7    N Y N 8   
1SY C8    C Y N 9   
1SY N9    N Y N 10  
1SY "C1'" C N R 11  
1SY "C2'" C N R 12  
1SY "O2'" O N N 13  
1SY "C3'" C N S 14  
1SY "C4'" C N R 15  
1SY C16   C N N 16  
1SY O17   O N N 17  
1SY P18   P N N 18  
1SY O19   O N N 19  
1SY O20   O N N 20  
1SY C21   C N R 21  
1SY C22   C N R 22  
1SY O23   O N N 23  
1SY C24   C N R 24  
1SY C25   C N N 25  
1SY O26   O N N 26  
1SY P27   P N N 27  
1SY O28   O N N 28  
1SY O29   O N N 29  
1SY O30   O N N 30  
1SY O31   O N N 31  
1SY C32   C N R 32  
1SY N33   N Y N 33  
1SY C34   C Y N 34  
1SY N35   N Y N 35  
1SY C36   C Y N 36  
1SY C37   C Y N 37  
1SY C38   C N N 38  
1SY N39   N N N 39  
1SY C40   C N N 40  
1SY N41   N N N 41  
1SY N42   N N N 42  
1SY O43   O N N 43  
1SY O44   O N N 44  
1SY "O4'" O N N 45  
1SY H1    H N N 46  
1SY H2    H N N 47  
1SY H3    H N N 48  
1SY H4    H N N 49  
1SY H5    H N N 50  
1SY H6    H N N 51  
1SY H7    H N N 52  
1SY H8    H N N 53  
1SY H9    H N N 54  
1SY H10   H N N 55  
1SY H11   H N N 56  
1SY H12   H N N 57  
1SY H13   H N N 58  
1SY H14   H N N 59  
1SY H15   H N N 60  
1SY H16   H N N 61  
1SY H17   H N N 62  
1SY H18   H N N 63  
1SY H19   H N N 64  
1SY H20   H N N 65  
1SY H21   H N N 66  
1SY H22   H N N 67  
1SY H23   H N N 68  
1SY H24   H N N 69  
ALA N     N N N 70  
ALA CA    C N S 71  
ALA C     C N N 72  
ALA O     O N N 73  
ALA CB    C N N 74  
ALA OXT   O N N 75  
ALA H     H N N 76  
ALA H2    H N N 77  
ALA HA    H N N 78  
ALA HB1   H N N 79  
ALA HB2   H N N 80  
ALA HB3   H N N 81  
ALA HXT   H N N 82  
ARG N     N N N 83  
ARG CA    C N S 84  
ARG C     C N N 85  
ARG O     O N N 86  
ARG CB    C N N 87  
ARG CG    C N N 88  
ARG CD    C N N 89  
ARG NE    N N N 90  
ARG CZ    C N N 91  
ARG NH1   N N N 92  
ARG NH2   N N N 93  
ARG OXT   O N N 94  
ARG H     H N N 95  
ARG H2    H N N 96  
ARG HA    H N N 97  
ARG HB2   H N N 98  
ARG HB3   H N N 99  
ARG HG2   H N N 100 
ARG HG3   H N N 101 
ARG HD2   H N N 102 
ARG HD3   H N N 103 
ARG HE    H N N 104 
ARG HH11  H N N 105 
ARG HH12  H N N 106 
ARG HH21  H N N 107 
ARG HH22  H N N 108 
ARG HXT   H N N 109 
ASN N     N N N 110 
ASN CA    C N S 111 
ASN C     C N N 112 
ASN O     O N N 113 
ASN CB    C N N 114 
ASN CG    C N N 115 
ASN OD1   O N N 116 
ASN ND2   N N N 117 
ASN OXT   O N N 118 
ASN H     H N N 119 
ASN H2    H N N 120 
ASN HA    H N N 121 
ASN HB2   H N N 122 
ASN HB3   H N N 123 
ASN HD21  H N N 124 
ASN HD22  H N N 125 
ASN HXT   H N N 126 
ASP N     N N N 127 
ASP CA    C N S 128 
ASP C     C N N 129 
ASP O     O N N 130 
ASP CB    C N N 131 
ASP CG    C N N 132 
ASP OD1   O N N 133 
ASP OD2   O N N 134 
ASP OXT   O N N 135 
ASP H     H N N 136 
ASP H2    H N N 137 
ASP HA    H N N 138 
ASP HB2   H N N 139 
ASP HB3   H N N 140 
ASP HD2   H N N 141 
ASP HXT   H N N 142 
CYS N     N N N 143 
CYS CA    C N R 144 
CYS C     C N N 145 
CYS O     O N N 146 
CYS CB    C N N 147 
CYS SG    S N N 148 
CYS OXT   O N N 149 
CYS H     H N N 150 
CYS H2    H N N 151 
CYS HA    H N N 152 
CYS HB2   H N N 153 
CYS HB3   H N N 154 
CYS HG    H N N 155 
CYS HXT   H N N 156 
GLN N     N N N 157 
GLN CA    C N S 158 
GLN C     C N N 159 
GLN O     O N N 160 
GLN CB    C N N 161 
GLN CG    C N N 162 
GLN CD    C N N 163 
GLN OE1   O N N 164 
GLN NE2   N N N 165 
GLN OXT   O N N 166 
GLN H     H N N 167 
GLN H2    H N N 168 
GLN HA    H N N 169 
GLN HB2   H N N 170 
GLN HB3   H N N 171 
GLN HG2   H N N 172 
GLN HG3   H N N 173 
GLN HE21  H N N 174 
GLN HE22  H N N 175 
GLN HXT   H N N 176 
GLU N     N N N 177 
GLU CA    C N S 178 
GLU C     C N N 179 
GLU O     O N N 180 
GLU CB    C N N 181 
GLU CG    C N N 182 
GLU CD    C N N 183 
GLU OE1   O N N 184 
GLU OE2   O N N 185 
GLU OXT   O N N 186 
GLU H     H N N 187 
GLU H2    H N N 188 
GLU HA    H N N 189 
GLU HB2   H N N 190 
GLU HB3   H N N 191 
GLU HG2   H N N 192 
GLU HG3   H N N 193 
GLU HE2   H N N 194 
GLU HXT   H N N 195 
GLY N     N N N 196 
GLY CA    C N N 197 
GLY C     C N N 198 
GLY O     O N N 199 
GLY OXT   O N N 200 
GLY H     H N N 201 
GLY H2    H N N 202 
GLY HA2   H N N 203 
GLY HA3   H N N 204 
GLY HXT   H N N 205 
HIS N     N N N 206 
HIS CA    C N S 207 
HIS C     C N N 208 
HIS O     O N N 209 
HIS CB    C N N 210 
HIS CG    C Y N 211 
HIS ND1   N Y N 212 
HIS CD2   C Y N 213 
HIS CE1   C Y N 214 
HIS NE2   N Y N 215 
HIS OXT   O N N 216 
HIS H     H N N 217 
HIS H2    H N N 218 
HIS HA    H N N 219 
HIS HB2   H N N 220 
HIS HB3   H N N 221 
HIS HD1   H N N 222 
HIS HD2   H N N 223 
HIS HE1   H N N 224 
HIS HE2   H N N 225 
HIS HXT   H N N 226 
HOH O     O N N 227 
HOH H1    H N N 228 
HOH H2    H N N 229 
ILE N     N N N 230 
ILE CA    C N S 231 
ILE C     C N N 232 
ILE O     O N N 233 
ILE CB    C N S 234 
ILE CG1   C N N 235 
ILE CG2   C N N 236 
ILE CD1   C N N 237 
ILE OXT   O N N 238 
ILE H     H N N 239 
ILE H2    H N N 240 
ILE HA    H N N 241 
ILE HB    H N N 242 
ILE HG12  H N N 243 
ILE HG13  H N N 244 
ILE HG21  H N N 245 
ILE HG22  H N N 246 
ILE HG23  H N N 247 
ILE HD11  H N N 248 
ILE HD12  H N N 249 
ILE HD13  H N N 250 
ILE HXT   H N N 251 
LEU N     N N N 252 
LEU CA    C N S 253 
LEU C     C N N 254 
LEU O     O N N 255 
LEU CB    C N N 256 
LEU CG    C N N 257 
LEU CD1   C N N 258 
LEU CD2   C N N 259 
LEU OXT   O N N 260 
LEU H     H N N 261 
LEU H2    H N N 262 
LEU HA    H N N 263 
LEU HB2   H N N 264 
LEU HB3   H N N 265 
LEU HG    H N N 266 
LEU HD11  H N N 267 
LEU HD12  H N N 268 
LEU HD13  H N N 269 
LEU HD21  H N N 270 
LEU HD22  H N N 271 
LEU HD23  H N N 272 
LEU HXT   H N N 273 
LYS N     N N N 274 
LYS CA    C N S 275 
LYS C     C N N 276 
LYS O     O N N 277 
LYS CB    C N N 278 
LYS CG    C N N 279 
LYS CD    C N N 280 
LYS CE    C N N 281 
LYS NZ    N N N 282 
LYS OXT   O N N 283 
LYS H     H N N 284 
LYS H2    H N N 285 
LYS HA    H N N 286 
LYS HB2   H N N 287 
LYS HB3   H N N 288 
LYS HG2   H N N 289 
LYS HG3   H N N 290 
LYS HD2   H N N 291 
LYS HD3   H N N 292 
LYS HE2   H N N 293 
LYS HE3   H N N 294 
LYS HZ1   H N N 295 
LYS HZ2   H N N 296 
LYS HZ3   H N N 297 
LYS HXT   H N N 298 
MET N     N N N 299 
MET CA    C N S 300 
MET C     C N N 301 
MET O     O N N 302 
MET CB    C N N 303 
MET CG    C N N 304 
MET SD    S N N 305 
MET CE    C N N 306 
MET OXT   O N N 307 
MET H     H N N 308 
MET H2    H N N 309 
MET HA    H N N 310 
MET HB2   H N N 311 
MET HB3   H N N 312 
MET HG2   H N N 313 
MET HG3   H N N 314 
MET HE1   H N N 315 
MET HE2   H N N 316 
MET HE3   H N N 317 
MET HXT   H N N 318 
PHE N     N N N 319 
PHE CA    C N S 320 
PHE C     C N N 321 
PHE O     O N N 322 
PHE CB    C N N 323 
PHE CG    C Y N 324 
PHE CD1   C Y N 325 
PHE CD2   C Y N 326 
PHE CE1   C Y N 327 
PHE CE2   C Y N 328 
PHE CZ    C Y N 329 
PHE OXT   O N N 330 
PHE H     H N N 331 
PHE H2    H N N 332 
PHE HA    H N N 333 
PHE HB2   H N N 334 
PHE HB3   H N N 335 
PHE HD1   H N N 336 
PHE HD2   H N N 337 
PHE HE1   H N N 338 
PHE HE2   H N N 339 
PHE HZ    H N N 340 
PHE HXT   H N N 341 
PRO N     N N N 342 
PRO CA    C N S 343 
PRO C     C N N 344 
PRO O     O N N 345 
PRO CB    C N N 346 
PRO CG    C N N 347 
PRO CD    C N N 348 
PRO OXT   O N N 349 
PRO H     H N N 350 
PRO HA    H N N 351 
PRO HB2   H N N 352 
PRO HB3   H N N 353 
PRO HG2   H N N 354 
PRO HG3   H N N 355 
PRO HD2   H N N 356 
PRO HD3   H N N 357 
PRO HXT   H N N 358 
SER N     N N N 359 
SER CA    C N S 360 
SER C     C N N 361 
SER O     O N N 362 
SER CB    C N N 363 
SER OG    O N N 364 
SER OXT   O N N 365 
SER H     H N N 366 
SER H2    H N N 367 
SER HA    H N N 368 
SER HB2   H N N 369 
SER HB3   H N N 370 
SER HG    H N N 371 
SER HXT   H N N 372 
THR N     N N N 373 
THR CA    C N S 374 
THR C     C N N 375 
THR O     O N N 376 
THR CB    C N R 377 
THR OG1   O N N 378 
THR CG2   C N N 379 
THR OXT   O N N 380 
THR H     H N N 381 
THR H2    H N N 382 
THR HA    H N N 383 
THR HB    H N N 384 
THR HG1   H N N 385 
THR HG21  H N N 386 
THR HG22  H N N 387 
THR HG23  H N N 388 
THR HXT   H N N 389 
TRP N     N N N 390 
TRP CA    C N S 391 
TRP C     C N N 392 
TRP O     O N N 393 
TRP CB    C N N 394 
TRP CG    C Y N 395 
TRP CD1   C Y N 396 
TRP CD2   C Y N 397 
TRP NE1   N Y N 398 
TRP CE2   C Y N 399 
TRP CE3   C Y N 400 
TRP CZ2   C Y N 401 
TRP CZ3   C Y N 402 
TRP CH2   C Y N 403 
TRP OXT   O N N 404 
TRP H     H N N 405 
TRP H2    H N N 406 
TRP HA    H N N 407 
TRP HB2   H N N 408 
TRP HB3   H N N 409 
TRP HD1   H N N 410 
TRP HE1   H N N 411 
TRP HE3   H N N 412 
TRP HZ2   H N N 413 
TRP HZ3   H N N 414 
TRP HH2   H N N 415 
TRP HXT   H N N 416 
TYR N     N N N 417 
TYR CA    C N S 418 
TYR C     C N N 419 
TYR O     O N N 420 
TYR CB    C N N 421 
TYR CG    C Y N 422 
TYR CD1   C Y N 423 
TYR CD2   C Y N 424 
TYR CE1   C Y N 425 
TYR CE2   C Y N 426 
TYR CZ    C Y N 427 
TYR OH    O N N 428 
TYR OXT   O N N 429 
TYR H     H N N 430 
TYR H2    H N N 431 
TYR HA    H N N 432 
TYR HB2   H N N 433 
TYR HB3   H N N 434 
TYR HD1   H N N 435 
TYR HD2   H N N 436 
TYR HE1   H N N 437 
TYR HE2   H N N 438 
TYR HH    H N N 439 
TYR HXT   H N N 440 
VAL N     N N N 441 
VAL CA    C N S 442 
VAL C     C N N 443 
VAL O     O N N 444 
VAL CB    C N N 445 
VAL CG1   C N N 446 
VAL CG2   C N N 447 
VAL OXT   O N N 448 
VAL H     H N N 449 
VAL H2    H N N 450 
VAL HA    H N N 451 
VAL HB    H N N 452 
VAL HG11  H N N 453 
VAL HG12  H N N 454 
VAL HG13  H N N 455 
VAL HG21  H N N 456 
VAL HG22  H N N 457 
VAL HG23  H N N 458 
VAL HXT   H N N 459 
# 
loop_
_chem_comp_bond.comp_id 
_chem_comp_bond.atom_id_1 
_chem_comp_bond.atom_id_2 
_chem_comp_bond.value_order 
_chem_comp_bond.pdbx_aromatic_flag 
_chem_comp_bond.pdbx_stereo_config 
_chem_comp_bond.pdbx_ordinal 
1SY O44   P18   doub N N 1   
1SY O19   P18   sing N N 2   
1SY P18   O17   sing N N 3   
1SY P18   O20   sing N N 4   
1SY O17   C16   sing N N 5   
1SY "O4'" "C4'" sing N N 6   
1SY "O4'" "C1'" sing N N 7   
1SY C16   "C4'" sing N N 8   
1SY C8    N7    doub Y N 9   
1SY C8    N9    sing Y N 10  
1SY N7    C5    sing Y N 11  
1SY O20   C21   sing N N 12  
1SY N9    "C1'" sing N N 13  
1SY N9    C4    sing Y N 14  
1SY N41   C40   sing N N 15  
1SY "C4'" "C3'" sing N N 16  
1SY "C1'" "C2'" sing N N 17  
1SY C5    C4    doub Y N 18  
1SY C5    C6    sing Y N 19  
1SY N01   C6    sing N N 20  
1SY C4    N3    sing Y N 21  
1SY C40   N42   sing N N 22  
1SY C40   N39   doub N N 23  
1SY C6    N1    doub Y N 24  
1SY N42   C36   sing N N 25  
1SY N39   C38   sing N N 26  
1SY C21   C22   sing N N 27  
1SY C21   C32   sing N N 28  
1SY O23   C22   sing N N 29  
1SY N3    C2    doub Y N 30  
1SY "C3'" "C2'" sing N N 31  
1SY "C3'" O28   sing N N 32  
1SY N1    C2    sing Y N 33  
1SY "C2'" "O2'" sing N N 34  
1SY C36   C37   doub Y N 35  
1SY C36   N33   sing Y N 36  
1SY C38   O43   doub N N 37  
1SY C38   C37   sing N N 38  
1SY C22   C24   sing N N 39  
1SY C32   N33   sing N N 40  
1SY C32   O31   sing N N 41  
1SY C37   N35   sing Y N 42  
1SY N33   C34   sing Y N 43  
1SY O28   P27   sing N N 44  
1SY N35   C34   doub Y N 45  
1SY O31   C24   sing N N 46  
1SY C24   C25   sing N N 47  
1SY O26   P27   sing N N 48  
1SY O26   C25   sing N N 49  
1SY P27   O29   doub N N 50  
1SY P27   O30   sing N N 51  
1SY C2    H1    sing N N 52  
1SY N01   H2    sing N N 53  
1SY N01   H3    sing N N 54  
1SY C8    H4    sing N N 55  
1SY "C1'" H5    sing N N 56  
1SY "C2'" H6    sing N N 57  
1SY "O2'" H7    sing N N 58  
1SY "C3'" H8    sing N N 59  
1SY "C4'" H9    sing N N 60  
1SY C16   H10   sing N N 61  
1SY C16   H11   sing N N 62  
1SY O19   H12   sing N N 63  
1SY C21   H13   sing N N 64  
1SY C22   H14   sing N N 65  
1SY O23   H15   sing N N 66  
1SY C24   H16   sing N N 67  
1SY C25   H17   sing N N 68  
1SY C25   H18   sing N N 69  
1SY O30   H19   sing N N 70  
1SY C32   H20   sing N N 71  
1SY C34   H21   sing N N 72  
1SY N41   H22   sing N N 73  
1SY N41   H23   sing N N 74  
1SY N42   H24   sing N N 75  
ALA N     CA    sing N N 76  
ALA N     H     sing N N 77  
ALA N     H2    sing N N 78  
ALA CA    C     sing N N 79  
ALA CA    CB    sing N N 80  
ALA CA    HA    sing N N 81  
ALA C     O     doub N N 82  
ALA C     OXT   sing N N 83  
ALA CB    HB1   sing N N 84  
ALA CB    HB2   sing N N 85  
ALA CB    HB3   sing N N 86  
ALA OXT   HXT   sing N N 87  
ARG N     CA    sing N N 88  
ARG N     H     sing N N 89  
ARG N     H2    sing N N 90  
ARG CA    C     sing N N 91  
ARG CA    CB    sing N N 92  
ARG CA    HA    sing N N 93  
ARG C     O     doub N N 94  
ARG C     OXT   sing N N 95  
ARG CB    CG    sing N N 96  
ARG CB    HB2   sing N N 97  
ARG CB    HB3   sing N N 98  
ARG CG    CD    sing N N 99  
ARG CG    HG2   sing N N 100 
ARG CG    HG3   sing N N 101 
ARG CD    NE    sing N N 102 
ARG CD    HD2   sing N N 103 
ARG CD    HD3   sing N N 104 
ARG NE    CZ    sing N N 105 
ARG NE    HE    sing N N 106 
ARG CZ    NH1   sing N N 107 
ARG CZ    NH2   doub N N 108 
ARG NH1   HH11  sing N N 109 
ARG NH1   HH12  sing N N 110 
ARG NH2   HH21  sing N N 111 
ARG NH2   HH22  sing N N 112 
ARG OXT   HXT   sing N N 113 
ASN N     CA    sing N N 114 
ASN N     H     sing N N 115 
ASN N     H2    sing N N 116 
ASN CA    C     sing N N 117 
ASN CA    CB    sing N N 118 
ASN CA    HA    sing N N 119 
ASN C     O     doub N N 120 
ASN C     OXT   sing N N 121 
ASN CB    CG    sing N N 122 
ASN CB    HB2   sing N N 123 
ASN CB    HB3   sing N N 124 
ASN CG    OD1   doub N N 125 
ASN CG    ND2   sing N N 126 
ASN ND2   HD21  sing N N 127 
ASN ND2   HD22  sing N N 128 
ASN OXT   HXT   sing N N 129 
ASP N     CA    sing N N 130 
ASP N     H     sing N N 131 
ASP N     H2    sing N N 132 
ASP CA    C     sing N N 133 
ASP CA    CB    sing N N 134 
ASP CA    HA    sing N N 135 
ASP C     O     doub N N 136 
ASP C     OXT   sing N N 137 
ASP CB    CG    sing N N 138 
ASP CB    HB2   sing N N 139 
ASP CB    HB3   sing N N 140 
ASP CG    OD1   doub N N 141 
ASP CG    OD2   sing N N 142 
ASP OD2   HD2   sing N N 143 
ASP OXT   HXT   sing N N 144 
CYS N     CA    sing N N 145 
CYS N     H     sing N N 146 
CYS N     H2    sing N N 147 
CYS CA    C     sing N N 148 
CYS CA    CB    sing N N 149 
CYS CA    HA    sing N N 150 
CYS C     O     doub N N 151 
CYS C     OXT   sing N N 152 
CYS CB    SG    sing N N 153 
CYS CB    HB2   sing N N 154 
CYS CB    HB3   sing N N 155 
CYS SG    HG    sing N N 156 
CYS OXT   HXT   sing N N 157 
GLN N     CA    sing N N 158 
GLN N     H     sing N N 159 
GLN N     H2    sing N N 160 
GLN CA    C     sing N N 161 
GLN CA    CB    sing N N 162 
GLN CA    HA    sing N N 163 
GLN C     O     doub N N 164 
GLN C     OXT   sing N N 165 
GLN CB    CG    sing N N 166 
GLN CB    HB2   sing N N 167 
GLN CB    HB3   sing N N 168 
GLN CG    CD    sing N N 169 
GLN CG    HG2   sing N N 170 
GLN CG    HG3   sing N N 171 
GLN CD    OE1   doub N N 172 
GLN CD    NE2   sing N N 173 
GLN NE2   HE21  sing N N 174 
GLN NE2   HE22  sing N N 175 
GLN OXT   HXT   sing N N 176 
GLU N     CA    sing N N 177 
GLU N     H     sing N N 178 
GLU N     H2    sing N N 179 
GLU CA    C     sing N N 180 
GLU CA    CB    sing N N 181 
GLU CA    HA    sing N N 182 
GLU C     O     doub N N 183 
GLU C     OXT   sing N N 184 
GLU CB    CG    sing N N 185 
GLU CB    HB2   sing N N 186 
GLU CB    HB3   sing N N 187 
GLU CG    CD    sing N N 188 
GLU CG    HG2   sing N N 189 
GLU CG    HG3   sing N N 190 
GLU CD    OE1   doub N N 191 
GLU CD    OE2   sing N N 192 
GLU OE2   HE2   sing N N 193 
GLU OXT   HXT   sing N N 194 
GLY N     CA    sing N N 195 
GLY N     H     sing N N 196 
GLY N     H2    sing N N 197 
GLY CA    C     sing N N 198 
GLY CA    HA2   sing N N 199 
GLY CA    HA3   sing N N 200 
GLY C     O     doub N N 201 
GLY C     OXT   sing N N 202 
GLY OXT   HXT   sing N N 203 
HIS N     CA    sing N N 204 
HIS N     H     sing N N 205 
HIS N     H2    sing N N 206 
HIS CA    C     sing N N 207 
HIS CA    CB    sing N N 208 
HIS CA    HA    sing N N 209 
HIS C     O     doub N N 210 
HIS C     OXT   sing N N 211 
HIS CB    CG    sing N N 212 
HIS CB    HB2   sing N N 213 
HIS CB    HB3   sing N N 214 
HIS CG    ND1   sing Y N 215 
HIS CG    CD2   doub Y N 216 
HIS ND1   CE1   doub Y N 217 
HIS ND1   HD1   sing N N 218 
HIS CD2   NE2   sing Y N 219 
HIS CD2   HD2   sing N N 220 
HIS CE1   NE2   sing Y N 221 
HIS CE1   HE1   sing N N 222 
HIS NE2   HE2   sing N N 223 
HIS OXT   HXT   sing N N 224 
HOH O     H1    sing N N 225 
HOH O     H2    sing N N 226 
ILE N     CA    sing N N 227 
ILE N     H     sing N N 228 
ILE N     H2    sing N N 229 
ILE CA    C     sing N N 230 
ILE CA    CB    sing N N 231 
ILE CA    HA    sing N N 232 
ILE C     O     doub N N 233 
ILE C     OXT   sing N N 234 
ILE CB    CG1   sing N N 235 
ILE CB    CG2   sing N N 236 
ILE CB    HB    sing N N 237 
ILE CG1   CD1   sing N N 238 
ILE CG1   HG12  sing N N 239 
ILE CG1   HG13  sing N N 240 
ILE CG2   HG21  sing N N 241 
ILE CG2   HG22  sing N N 242 
ILE CG2   HG23  sing N N 243 
ILE CD1   HD11  sing N N 244 
ILE CD1   HD12  sing N N 245 
ILE CD1   HD13  sing N N 246 
ILE OXT   HXT   sing N N 247 
LEU N     CA    sing N N 248 
LEU N     H     sing N N 249 
LEU N     H2    sing N N 250 
LEU CA    C     sing N N 251 
LEU CA    CB    sing N N 252 
LEU CA    HA    sing N N 253 
LEU C     O     doub N N 254 
LEU C     OXT   sing N N 255 
LEU CB    CG    sing N N 256 
LEU CB    HB2   sing N N 257 
LEU CB    HB3   sing N N 258 
LEU CG    CD1   sing N N 259 
LEU CG    CD2   sing N N 260 
LEU CG    HG    sing N N 261 
LEU CD1   HD11  sing N N 262 
LEU CD1   HD12  sing N N 263 
LEU CD1   HD13  sing N N 264 
LEU CD2   HD21  sing N N 265 
LEU CD2   HD22  sing N N 266 
LEU CD2   HD23  sing N N 267 
LEU OXT   HXT   sing N N 268 
LYS N     CA    sing N N 269 
LYS N     H     sing N N 270 
LYS N     H2    sing N N 271 
LYS CA    C     sing N N 272 
LYS CA    CB    sing N N 273 
LYS CA    HA    sing N N 274 
LYS C     O     doub N N 275 
LYS C     OXT   sing N N 276 
LYS CB    CG    sing N N 277 
LYS CB    HB2   sing N N 278 
LYS CB    HB3   sing N N 279 
LYS CG    CD    sing N N 280 
LYS CG    HG2   sing N N 281 
LYS CG    HG3   sing N N 282 
LYS CD    CE    sing N N 283 
LYS CD    HD2   sing N N 284 
LYS CD    HD3   sing N N 285 
LYS CE    NZ    sing N N 286 
LYS CE    HE2   sing N N 287 
LYS CE    HE3   sing N N 288 
LYS NZ    HZ1   sing N N 289 
LYS NZ    HZ2   sing N N 290 
LYS NZ    HZ3   sing N N 291 
LYS OXT   HXT   sing N N 292 
MET N     CA    sing N N 293 
MET N     H     sing N N 294 
MET N     H2    sing N N 295 
MET CA    C     sing N N 296 
MET CA    CB    sing N N 297 
MET CA    HA    sing N N 298 
MET C     O     doub N N 299 
MET C     OXT   sing N N 300 
MET CB    CG    sing N N 301 
MET CB    HB2   sing N N 302 
MET CB    HB3   sing N N 303 
MET CG    SD    sing N N 304 
MET CG    HG2   sing N N 305 
MET CG    HG3   sing N N 306 
MET SD    CE    sing N N 307 
MET CE    HE1   sing N N 308 
MET CE    HE2   sing N N 309 
MET CE    HE3   sing N N 310 
MET OXT   HXT   sing N N 311 
PHE N     CA    sing N N 312 
PHE N     H     sing N N 313 
PHE N     H2    sing N N 314 
PHE CA    C     sing N N 315 
PHE CA    CB    sing N N 316 
PHE CA    HA    sing N N 317 
PHE C     O     doub N N 318 
PHE C     OXT   sing N N 319 
PHE CB    CG    sing N N 320 
PHE CB    HB2   sing N N 321 
PHE CB    HB3   sing N N 322 
PHE CG    CD1   doub Y N 323 
PHE CG    CD2   sing Y N 324 
PHE CD1   CE1   sing Y N 325 
PHE CD1   HD1   sing N N 326 
PHE CD2   CE2   doub Y N 327 
PHE CD2   HD2   sing N N 328 
PHE CE1   CZ    doub Y N 329 
PHE CE1   HE1   sing N N 330 
PHE CE2   CZ    sing Y N 331 
PHE CE2   HE2   sing N N 332 
PHE CZ    HZ    sing N N 333 
PHE OXT   HXT   sing N N 334 
PRO N     CA    sing N N 335 
PRO N     CD    sing N N 336 
PRO N     H     sing N N 337 
PRO CA    C     sing N N 338 
PRO CA    CB    sing N N 339 
PRO CA    HA    sing N N 340 
PRO C     O     doub N N 341 
PRO C     OXT   sing N N 342 
PRO CB    CG    sing N N 343 
PRO CB    HB2   sing N N 344 
PRO CB    HB3   sing N N 345 
PRO CG    CD    sing N N 346 
PRO CG    HG2   sing N N 347 
PRO CG    HG3   sing N N 348 
PRO CD    HD2   sing N N 349 
PRO CD    HD3   sing N N 350 
PRO OXT   HXT   sing N N 351 
SER N     CA    sing N N 352 
SER N     H     sing N N 353 
SER N     H2    sing N N 354 
SER CA    C     sing N N 355 
SER CA    CB    sing N N 356 
SER CA    HA    sing N N 357 
SER C     O     doub N N 358 
SER C     OXT   sing N N 359 
SER CB    OG    sing N N 360 
SER CB    HB2   sing N N 361 
SER CB    HB3   sing N N 362 
SER OG    HG    sing N N 363 
SER OXT   HXT   sing N N 364 
THR N     CA    sing N N 365 
THR N     H     sing N N 366 
THR N     H2    sing N N 367 
THR CA    C     sing N N 368 
THR CA    CB    sing N N 369 
THR CA    HA    sing N N 370 
THR C     O     doub N N 371 
THR C     OXT   sing N N 372 
THR CB    OG1   sing N N 373 
THR CB    CG2   sing N N 374 
THR CB    HB    sing N N 375 
THR OG1   HG1   sing N N 376 
THR CG2   HG21  sing N N 377 
THR CG2   HG22  sing N N 378 
THR CG2   HG23  sing N N 379 
THR OXT   HXT   sing N N 380 
TRP N     CA    sing N N 381 
TRP N     H     sing N N 382 
TRP N     H2    sing N N 383 
TRP CA    C     sing N N 384 
TRP CA    CB    sing N N 385 
TRP CA    HA    sing N N 386 
TRP C     O     doub N N 387 
TRP C     OXT   sing N N 388 
TRP CB    CG    sing N N 389 
TRP CB    HB2   sing N N 390 
TRP CB    HB3   sing N N 391 
TRP CG    CD1   doub Y N 392 
TRP CG    CD2   sing Y N 393 
TRP CD1   NE1   sing Y N 394 
TRP CD1   HD1   sing N N 395 
TRP CD2   CE2   doub Y N 396 
TRP CD2   CE3   sing Y N 397 
TRP NE1   CE2   sing Y N 398 
TRP NE1   HE1   sing N N 399 
TRP CE2   CZ2   sing Y N 400 
TRP CE3   CZ3   doub Y N 401 
TRP CE3   HE3   sing N N 402 
TRP CZ2   CH2   doub Y N 403 
TRP CZ2   HZ2   sing N N 404 
TRP CZ3   CH2   sing Y N 405 
TRP CZ3   HZ3   sing N N 406 
TRP CH2   HH2   sing N N 407 
TRP OXT   HXT   sing N N 408 
TYR N     CA    sing N N 409 
TYR N     H     sing N N 410 
TYR N     H2    sing N N 411 
TYR CA    C     sing N N 412 
TYR CA    CB    sing N N 413 
TYR CA    HA    sing N N 414 
TYR C     O     doub N N 415 
TYR C     OXT   sing N N 416 
TYR CB    CG    sing N N 417 
TYR CB    HB2   sing N N 418 
TYR CB    HB3   sing N N 419 
TYR CG    CD1   doub Y N 420 
TYR CG    CD2   sing Y N 421 
TYR CD1   CE1   sing Y N 422 
TYR CD1   HD1   sing N N 423 
TYR CD2   CE2   doub Y N 424 
TYR CD2   HD2   sing N N 425 
TYR CE1   CZ    doub Y N 426 
TYR CE1   HE1   sing N N 427 
TYR CE2   CZ    sing Y N 428 
TYR CE2   HE2   sing N N 429 
TYR CZ    OH    sing N N 430 
TYR OH    HH    sing N N 431 
TYR OXT   HXT   sing N N 432 
VAL N     CA    sing N N 433 
VAL N     H     sing N N 434 
VAL N     H2    sing N N 435 
VAL CA    C     sing N N 436 
VAL CA    CB    sing N N 437 
VAL CA    HA    sing N N 438 
VAL C     O     doub N N 439 
VAL C     OXT   sing N N 440 
VAL CB    CG1   sing N N 441 
VAL CB    CG2   sing N N 442 
VAL CB    HB    sing N N 443 
VAL CG1   HG11  sing N N 444 
VAL CG1   HG12  sing N N 445 
VAL CG1   HG13  sing N N 446 
VAL CG2   HG21  sing N N 447 
VAL CG2   HG22  sing N N 448 
VAL CG2   HG23  sing N N 449 
VAL OXT   HXT   sing N N 450 
# 
loop_
_pdbx_entity_nonpoly.entity_id 
_pdbx_entity_nonpoly.name 
_pdbx_entity_nonpoly.comp_id 
2 cGAMP 1SY 
3 water HOH 
# 
_pdbx_initial_refinement_model.id               1 
_pdbx_initial_refinement_model.entity_id_list   ? 
_pdbx_initial_refinement_model.type             'experimental model' 
_pdbx_initial_refinement_model.source_name      PDB 
_pdbx_initial_refinement_model.accession_code   6CY7 
_pdbx_initial_refinement_model.details          ? 
# 
_pdbx_struct_assembly_auth_evidence.id                     1 
_pdbx_struct_assembly_auth_evidence.assembly_id            1 
_pdbx_struct_assembly_auth_evidence.experimental_support   SAXS 
_pdbx_struct_assembly_auth_evidence.details                ? 
# 
